data_9G6D
#
_entry.id   9G6D
#
_cell.length_a   1.00
_cell.length_b   1.00
_cell.length_c   1.00
_cell.angle_alpha   90.00
_cell.angle_beta   90.00
_cell.angle_gamma   90.00
#
_symmetry.space_group_name_H-M   'P 1'
#
loop_
_entity.id
_entity.type
_entity.pdbx_description
1 polymer 'H(+)/Cl(-) exchange transporter 7'
2 polymer 'Osteopetrosis-associated transmembrane protein 1'
3 branched alpha-D-mannopyranose-(1-3)-[alpha-D-mannopyranose-(1-6)]beta-D-mannopyranose-(1-4)-2-acetamido-2-deoxy-beta-D-glucopyranose-(1-4)-2-acetamido-2-deoxy-beta-D-glucopyranose
4 non-polymer 'CHLORIDE ION'
5 non-polymer 'CHOLESTEROL HEMISUCCINATE'
#
loop_
_entity_poly.entity_id
_entity_poly.type
_entity_poly.pdbx_seq_one_letter_code
_entity_poly.pdbx_strand_id
1 'polypeptide(L)'
;MANVSKKVSWSGRDRDDEEAAPLLRRTARPGGGTPLLNGAGPGAARQSPRSALFRVGHMSSVELDDELLDPDMDPPHPFP
KEIPHNEKLLSLKYESLDYDNSENQLFLEEERRINHTAFRTVEIKRWVICALIGILTGLVACFIDIVVENLAGLKYRVIK
GNIDKFTEKGGLSFSLLLWATLNAAFVLVGSVIVAFIEPVAAGSGIPQIKCFLNGVKIPHVVRLKTLVIKVSGVILSVVG
GLAVGKEGPMIHSGSVIAAGISQGRSTSLKRDFKIFEYFRRDTEKRDFVSAGAAAGVSAAFGAPVGGVLFSLEEGASFWN
QFLTWRIFFASMISTFTLNFVLSIYHGNMWDLSSPGLINFGRFDSEKMAYTIHEIPVFIAMGVVGGVLGAVFNALNYWLT
MFRIRYIHRPCLQVIEAVLVAAVTATVAFVLIYSSRDCQPLQGGSMSYPLQLFCADGEYNSMAAAFFNTPEKSVVSLFHD
PPGSYNPLTLGLFTLVYFFLACWTYGLTVSAGVFIPSLLIGAAWGRLFGISLSYLTGAAIWADPGKYALMGAAAQLGGIV
RMTLSLTVIMMEATSNVTYGFPIMLVLMTAKIVGDVFIEGLYDMHIQLQSVPFLHWEAPVTSHSLTAREVMSTPVTCLRR
REKVGVIVDVLSDTASNHNGFPVVEHADDTQPARLQGLILRSQLIVLLKHKVFVERSNLGLVQRRLRLKDFRDAYPRFPP
IQSIHVSQDERECTMDLSEFMNPSPYTVPQEASLPRVFKLFRALGLRHLVVVDNRNQVVGLVTRKDLARYRLGKRGLEEL
SLAQT
;
A,C
2 'polypeptide(L)'
;MEPGPTAAQRRCSLPPWLPLGLLLWSGLALGALPFGSSPHRVFHDLLSEQQLLEVEDLSLSLLQGGGLGPLSLPPDLPDL
DPECRELLLDFANSSAELTGCLVRSARPVRLCQTCYPLFQQVVSKMDNISRAAGNTSESQSCARSLLMADRMQIVVILSE
FFNTTWQEANCANCLTNNSEELSNSTVYFLNLFNHTLTCFEHNLQGNAHSLLQTKNYSEVCKNCREAYKTLSSLYSEMQK
MNELENKAEPGTHLCIDVEDAMNITRKLWSRTFNCSVPCSDTVPVIAVSVFILFLPVVFYLSSFLHSEQKKRKLILPKRL
KSSTSFANIQENSN
;
B,D
#
loop_
_chem_comp.id
_chem_comp.type
_chem_comp.name
_chem_comp.formula
BMA D-saccharide, beta linking beta-D-mannopyranose 'C6 H12 O6'
CL non-polymer 'CHLORIDE ION' 'Cl -1'
MAN D-saccharide, alpha linking alpha-D-mannopyranose 'C6 H12 O6'
NAG D-saccharide, beta linking 2-acetamido-2-deoxy-beta-D-glucopyranose 'C8 H15 N O6'
Y01 non-polymer 'CHOLESTEROL HEMISUCCINATE' 'C31 H50 O4'
#
# COMPACT_ATOMS: atom_id res chain seq x y z
N ASN A 115 4.45 -42.52 22.06
CA ASN A 115 3.43 -42.44 21.01
C ASN A 115 3.60 -41.16 20.19
N HIS A 116 4.77 -40.53 20.30
CA HIS A 116 5.03 -39.33 19.53
C HIS A 116 5.06 -39.61 18.04
N THR A 117 5.50 -40.82 17.65
CA THR A 117 5.50 -41.18 16.24
C THR A 117 4.09 -41.20 15.68
N ALA A 118 3.14 -41.76 16.42
CA ALA A 118 1.75 -41.79 15.97
C ALA A 118 1.18 -40.38 15.88
N PHE A 119 1.51 -39.52 16.85
CA PHE A 119 1.03 -38.15 16.81
C PHE A 119 1.60 -37.39 15.62
N ARG A 120 2.88 -37.61 15.31
CA ARG A 120 3.48 -36.92 14.17
C ARG A 120 2.84 -37.34 12.85
N THR A 121 2.60 -38.64 12.68
CA THR A 121 1.97 -39.10 11.44
C THR A 121 0.56 -38.55 11.30
N VAL A 122 -0.19 -38.50 12.40
CA VAL A 122 -1.53 -37.92 12.34
C VAL A 122 -1.46 -36.43 12.03
N GLU A 123 -0.53 -35.72 12.67
CA GLU A 123 -0.46 -34.28 12.50
C GLU A 123 -0.04 -33.88 11.10
N ILE A 124 0.93 -34.58 10.52
CA ILE A 124 1.38 -34.23 9.18
C ILE A 124 0.26 -34.48 8.16
N LYS A 125 -0.55 -35.52 8.38
CA LYS A 125 -1.69 -35.75 7.49
C LYS A 125 -2.73 -34.64 7.63
N ARG A 126 -2.90 -34.10 8.84
CA ARG A 126 -3.79 -32.96 9.02
C ARG A 126 -3.30 -31.74 8.24
N TRP A 127 -1.99 -31.48 8.29
CA TRP A 127 -1.44 -30.37 7.52
C TRP A 127 -1.53 -30.64 6.03
N VAL A 128 -1.33 -31.89 5.61
CA VAL A 128 -1.45 -32.25 4.20
C VAL A 128 -2.88 -32.02 3.73
N ILE A 129 -3.87 -32.45 4.53
CA ILE A 129 -5.27 -32.24 4.16
C ILE A 129 -5.60 -30.76 4.13
N CYS A 130 -5.16 -30.02 5.15
CA CYS A 130 -5.42 -28.58 5.18
C CYS A 130 -4.71 -27.83 4.06
N ALA A 131 -3.62 -28.38 3.52
CA ALA A 131 -3.01 -27.79 2.34
C ALA A 131 -3.87 -28.02 1.11
N LEU A 132 -4.44 -29.23 0.97
CA LEU A 132 -5.31 -29.50 -0.15
C LEU A 132 -6.60 -28.70 -0.05
N ILE A 133 -7.12 -28.50 1.16
CA ILE A 133 -8.33 -27.69 1.33
C ILE A 133 -8.10 -26.27 0.82
N GLY A 134 -6.95 -25.69 1.16
CA GLY A 134 -6.64 -24.36 0.64
C GLY A 134 -6.41 -24.36 -0.86
N ILE A 135 -5.72 -25.37 -1.37
CA ILE A 135 -5.44 -25.44 -2.80
C ILE A 135 -6.74 -25.59 -3.59
N LEU A 136 -7.60 -26.52 -3.16
CA LEU A 136 -8.84 -26.77 -3.89
C LEU A 136 -9.82 -25.61 -3.74
N THR A 137 -9.85 -24.98 -2.57
CA THR A 137 -10.71 -23.81 -2.39
C THR A 137 -10.30 -22.68 -3.31
N GLY A 138 -8.99 -22.46 -3.46
CA GLY A 138 -8.52 -21.45 -4.40
C GLY A 138 -8.83 -21.81 -5.84
N LEU A 139 -8.70 -23.10 -6.19
CA LEU A 139 -9.02 -23.53 -7.55
C LEU A 139 -10.50 -23.33 -7.87
N VAL A 140 -11.37 -23.64 -6.91
CA VAL A 140 -12.80 -23.43 -7.12
C VAL A 140 -13.10 -21.95 -7.32
N ALA A 141 -12.44 -21.09 -6.53
CA ALA A 141 -12.60 -19.65 -6.73
C ALA A 141 -12.10 -19.22 -8.11
N CYS A 142 -11.00 -19.82 -8.58
CA CYS A 142 -10.53 -19.53 -9.93
C CYS A 142 -11.54 -19.99 -10.96
N PHE A 143 -12.11 -21.19 -10.76
CA PHE A 143 -13.10 -21.70 -11.71
C PHE A 143 -14.34 -20.80 -11.76
N ILE A 144 -14.81 -20.36 -10.59
CA ILE A 144 -15.97 -19.48 -10.54
C ILE A 144 -15.66 -18.15 -11.22
N ASP A 145 -14.50 -17.58 -10.91
CA ASP A 145 -14.15 -16.28 -11.48
C ASP A 145 -13.94 -16.35 -12.98
N ILE A 146 -13.27 -17.40 -13.46
CA ILE A 146 -12.97 -17.52 -14.89
C ILE A 146 -14.25 -17.76 -15.69
N VAL A 147 -15.09 -18.67 -15.20
CA VAL A 147 -16.30 -19.02 -15.94
C VAL A 147 -17.29 -17.85 -15.93
N VAL A 148 -17.43 -17.17 -14.79
CA VAL A 148 -18.39 -16.08 -14.69
C VAL A 148 -18.02 -14.95 -15.65
N GLU A 149 -16.74 -14.58 -15.68
CA GLU A 149 -16.33 -13.47 -16.54
C GLU A 149 -16.42 -13.83 -18.02
N ASN A 150 -16.26 -15.11 -18.34
CA ASN A 150 -16.41 -15.53 -19.74
C ASN A 150 -17.87 -15.59 -20.15
N LEU A 151 -18.73 -16.12 -19.28
CA LEU A 151 -20.15 -16.21 -19.62
C LEU A 151 -20.82 -14.84 -19.58
N ALA A 152 -20.53 -14.03 -18.56
CA ALA A 152 -21.07 -12.68 -18.51
C ALA A 152 -20.53 -11.84 -19.65
N GLY A 153 -19.28 -12.08 -20.05
CA GLY A 153 -18.74 -11.39 -21.20
C GLY A 153 -19.47 -11.74 -22.48
N LEU A 154 -19.78 -13.03 -22.66
CA LEU A 154 -20.53 -13.43 -23.84
C LEU A 154 -21.94 -12.88 -23.82
N LYS A 155 -22.58 -12.87 -22.65
CA LYS A 155 -23.94 -12.36 -22.54
C LYS A 155 -24.00 -10.86 -22.82
N TYR A 156 -23.07 -10.09 -22.27
CA TYR A 156 -23.12 -8.64 -22.46
C TYR A 156 -22.73 -8.23 -23.87
N ARG A 157 -21.85 -9.00 -24.52
CA ARG A 157 -21.53 -8.71 -25.92
C ARG A 157 -22.74 -8.92 -26.81
N VAL A 158 -23.53 -9.97 -26.52
CA VAL A 158 -24.76 -10.21 -27.28
C VAL A 158 -25.76 -9.07 -27.05
N ILE A 159 -25.94 -8.67 -25.79
CA ILE A 159 -26.88 -7.60 -25.48
C ILE A 159 -26.42 -6.29 -26.07
N LYS A 160 -25.13 -5.96 -25.90
CA LYS A 160 -24.61 -4.70 -26.43
C LYS A 160 -24.71 -4.67 -27.95
N GLY A 161 -24.37 -5.78 -28.61
CA GLY A 161 -24.49 -5.83 -30.06
C GLY A 161 -25.92 -5.67 -30.54
N ASN A 162 -26.87 -6.27 -29.82
CA ASN A 162 -28.27 -6.14 -30.18
C ASN A 162 -28.78 -4.72 -29.97
N ILE A 163 -28.40 -4.10 -28.85
CA ILE A 163 -28.83 -2.73 -28.59
C ILE A 163 -28.26 -1.77 -29.63
N ASP A 164 -26.97 -1.92 -29.96
CA ASP A 164 -26.36 -1.05 -30.95
C ASP A 164 -26.95 -1.25 -32.34
N LYS A 165 -27.52 -2.42 -32.63
CA LYS A 165 -28.14 -2.64 -33.94
C LYS A 165 -29.47 -1.92 -34.04
N PHE A 166 -30.27 -1.94 -32.98
CA PHE A 166 -31.60 -1.35 -32.98
C PHE A 166 -31.62 0.10 -32.53
N THR A 167 -30.47 0.67 -32.17
CA THR A 167 -30.44 2.04 -31.67
C THR A 167 -30.90 3.04 -32.73
N GLU A 168 -30.45 2.87 -33.96
CA GLU A 168 -30.76 3.81 -35.03
C GLU A 168 -31.94 3.38 -35.89
N LYS A 169 -32.03 2.09 -36.21
CA LYS A 169 -33.11 1.59 -37.06
C LYS A 169 -34.42 1.39 -36.31
N GLY A 170 -34.40 1.48 -34.98
CA GLY A 170 -35.59 1.26 -34.19
C GLY A 170 -35.75 -0.19 -33.78
N GLY A 171 -36.65 -0.40 -32.83
CA GLY A 171 -36.89 -1.72 -32.27
C GLY A 171 -36.12 -2.02 -31.01
N LEU A 172 -35.89 -1.03 -30.15
CA LEU A 172 -35.16 -1.27 -28.91
C LEU A 172 -35.95 -2.12 -27.93
N SER A 173 -37.27 -2.23 -28.11
CA SER A 173 -38.06 -3.11 -27.24
C SER A 173 -37.65 -4.56 -27.39
N PHE A 174 -37.16 -4.94 -28.58
CA PHE A 174 -36.65 -6.30 -28.75
C PHE A 174 -35.36 -6.50 -27.97
N SER A 175 -34.53 -5.46 -27.87
CA SER A 175 -33.33 -5.56 -27.05
C SER A 175 -33.68 -5.74 -25.58
N LEU A 176 -34.72 -5.07 -25.11
CA LEU A 176 -35.20 -5.28 -23.74
C LEU A 176 -35.69 -6.70 -23.55
N LEU A 177 -36.43 -7.24 -24.53
CA LEU A 177 -36.92 -8.60 -24.43
C LEU A 177 -35.77 -9.60 -24.44
N LEU A 178 -34.75 -9.36 -25.28
CA LEU A 178 -33.59 -10.24 -25.30
C LEU A 178 -32.85 -10.20 -23.97
N TRP A 179 -32.69 -9.01 -23.39
CA TRP A 179 -32.01 -8.90 -22.11
C TRP A 179 -32.78 -9.62 -21.02
N ALA A 180 -34.10 -9.42 -20.97
CA ALA A 180 -34.91 -10.10 -19.96
C ALA A 180 -34.90 -11.62 -20.16
N THR A 181 -34.99 -12.06 -21.42
CA THR A 181 -34.98 -13.49 -21.69
C THR A 181 -33.64 -14.12 -21.34
N LEU A 182 -32.53 -13.44 -21.67
CA LEU A 182 -31.22 -13.96 -21.31
C LEU A 182 -31.05 -14.05 -19.80
N ASN A 183 -31.51 -13.02 -19.07
CA ASN A 183 -31.45 -13.07 -17.61
C ASN A 183 -32.33 -14.19 -17.07
N ALA A 184 -33.53 -14.34 -17.63
CA ALA A 184 -34.44 -15.37 -17.14
C ALA A 184 -33.91 -16.77 -17.45
N ALA A 185 -33.33 -16.96 -18.64
CA ALA A 185 -32.87 -18.28 -19.04
C ALA A 185 -31.75 -18.78 -18.13
N PHE A 186 -30.80 -17.93 -17.78
CA PHE A 186 -29.71 -18.35 -16.90
C PHE A 186 -30.23 -18.62 -15.49
N VAL A 187 -31.08 -17.74 -14.97
CA VAL A 187 -31.60 -17.92 -13.61
C VAL A 187 -32.54 -19.13 -13.55
N LEU A 188 -33.27 -19.40 -14.63
CA LEU A 188 -34.16 -20.56 -14.65
C LEU A 188 -33.37 -21.84 -14.42
N VAL A 189 -32.23 -21.98 -15.09
CA VAL A 189 -31.37 -23.13 -14.84
C VAL A 189 -30.76 -23.07 -13.44
N GLY A 190 -30.35 -21.87 -13.02
CA GLY A 190 -29.72 -21.72 -11.72
C GLY A 190 -30.69 -21.89 -10.57
N SER A 191 -31.98 -21.69 -10.81
CA SER A 191 -32.99 -21.86 -9.76
C SER A 191 -33.60 -23.24 -9.74
N VAL A 192 -33.70 -23.89 -10.90
CA VAL A 192 -34.25 -25.24 -10.95
C VAL A 192 -33.35 -26.21 -10.21
N ILE A 193 -32.03 -26.10 -10.41
CA ILE A 193 -31.10 -27.02 -9.76
C ILE A 193 -31.08 -26.80 -8.26
N VAL A 194 -31.39 -25.60 -7.80
CA VAL A 194 -31.39 -25.32 -6.36
C VAL A 194 -32.72 -25.67 -5.73
N ALA A 195 -33.83 -25.26 -6.35
CA ALA A 195 -35.14 -25.48 -5.74
C ALA A 195 -35.54 -26.95 -5.78
N PHE A 196 -35.23 -27.64 -6.88
CA PHE A 196 -35.73 -29.00 -7.08
C PHE A 196 -34.76 -30.08 -6.61
N ILE A 197 -33.46 -29.83 -6.64
CA ILE A 197 -32.48 -30.87 -6.34
C ILE A 197 -31.95 -30.71 -4.93
N GLU A 198 -31.30 -29.58 -4.66
CA GLU A 198 -30.64 -29.34 -3.37
C GLU A 198 -31.10 -28.00 -2.80
N PRO A 199 -32.23 -27.98 -2.11
CA PRO A 199 -32.69 -26.72 -1.51
C PRO A 199 -31.72 -26.12 -0.50
N VAL A 200 -30.87 -26.95 0.11
CA VAL A 200 -29.90 -26.47 1.09
C VAL A 200 -28.88 -25.51 0.49
N ALA A 201 -28.61 -25.64 -0.81
CA ALA A 201 -27.63 -24.79 -1.47
C ALA A 201 -28.11 -23.37 -1.68
N ALA A 202 -29.38 -23.09 -1.40
CA ALA A 202 -29.91 -21.74 -1.58
C ALA A 202 -29.26 -20.77 -0.61
N GLY A 203 -29.13 -19.52 -1.05
CA GLY A 203 -28.50 -18.50 -0.25
C GLY A 203 -26.99 -18.58 -0.28
N SER A 204 -26.36 -17.73 0.53
CA SER A 204 -24.90 -17.71 0.59
C SER A 204 -24.35 -18.92 1.34
N GLY A 205 -25.18 -19.61 2.11
CA GLY A 205 -24.72 -20.74 2.90
C GLY A 205 -24.03 -20.36 4.19
N ILE A 206 -23.88 -19.07 4.48
CA ILE A 206 -23.27 -18.66 5.74
C ILE A 206 -24.04 -19.15 6.94
N PRO A 207 -25.37 -18.96 7.03
CA PRO A 207 -26.09 -19.49 8.20
C PRO A 207 -25.98 -21.00 8.36
N GLN A 208 -25.92 -21.74 7.25
CA GLN A 208 -25.75 -23.19 7.35
C GLN A 208 -24.39 -23.55 7.90
N ILE A 209 -23.34 -22.85 7.46
CA ILE A 209 -21.99 -23.12 7.96
C ILE A 209 -21.87 -22.72 9.42
N LYS A 210 -22.44 -21.55 9.78
CA LYS A 210 -22.45 -21.14 11.17
C LYS A 210 -23.20 -22.15 12.04
N CYS A 211 -24.30 -22.69 11.52
CA CYS A 211 -25.03 -23.72 12.26
C CYS A 211 -24.20 -24.99 12.42
N PHE A 212 -23.50 -25.40 11.36
CA PHE A 212 -22.66 -26.59 11.44
C PHE A 212 -21.52 -26.41 12.42
N LEU A 213 -20.83 -25.26 12.36
CA LEU A 213 -19.76 -25.00 13.30
C LEU A 213 -20.28 -24.81 14.71
N ASN A 214 -21.53 -24.38 14.86
CA ASN A 214 -22.15 -24.31 16.18
C ASN A 214 -22.23 -25.69 16.80
N GLY A 215 -22.64 -26.69 16.03
CA GLY A 215 -22.75 -28.04 16.53
C GLY A 215 -23.96 -28.79 16.01
N VAL A 216 -24.99 -28.04 15.61
CA VAL A 216 -26.21 -28.64 15.07
C VAL A 216 -26.03 -28.81 13.56
N LYS A 217 -26.24 -30.04 13.09
CA LYS A 217 -26.01 -30.39 11.71
C LYS A 217 -27.31 -30.31 10.92
N ILE A 218 -27.28 -29.58 9.81
CA ILE A 218 -28.40 -29.50 8.88
C ILE A 218 -28.15 -30.51 7.78
N PRO A 219 -29.16 -31.23 7.31
CA PRO A 219 -28.93 -32.25 6.28
C PRO A 219 -28.37 -31.65 4.99
N HIS A 220 -27.46 -32.41 4.37
CA HIS A 220 -26.97 -32.16 3.01
C HIS A 220 -26.16 -30.88 2.87
N VAL A 221 -25.67 -30.31 3.97
CA VAL A 221 -24.85 -29.10 3.85
C VAL A 221 -23.49 -29.43 3.27
N VAL A 222 -22.91 -30.57 3.66
CA VAL A 222 -21.52 -30.87 3.31
C VAL A 222 -21.43 -32.09 2.40
N ARG A 223 -22.43 -32.29 1.56
CA ARG A 223 -22.38 -33.34 0.56
C ARG A 223 -21.78 -32.82 -0.75
N LEU A 224 -21.19 -33.73 -1.52
CA LEU A 224 -20.51 -33.33 -2.74
C LEU A 224 -21.48 -32.74 -3.76
N LYS A 225 -22.72 -33.26 -3.80
CA LYS A 225 -23.71 -32.71 -4.71
C LYS A 225 -24.02 -31.25 -4.38
N THR A 226 -23.96 -30.88 -3.10
CA THR A 226 -24.19 -29.50 -2.72
C THR A 226 -23.13 -28.57 -3.32
N LEU A 227 -21.87 -29.02 -3.32
CA LEU A 227 -20.82 -28.20 -3.91
C LEU A 227 -21.03 -27.97 -5.39
N VAL A 228 -21.44 -29.02 -6.12
CA VAL A 228 -21.70 -28.88 -7.55
C VAL A 228 -22.85 -27.92 -7.78
N ILE A 229 -23.93 -28.06 -7.02
CA ILE A 229 -25.06 -27.15 -7.14
C ILE A 229 -24.68 -25.73 -6.74
N LYS A 230 -23.92 -25.60 -5.64
CA LYS A 230 -23.55 -24.27 -5.17
C LYS A 230 -22.68 -23.54 -6.18
N VAL A 231 -21.69 -24.23 -6.75
CA VAL A 231 -20.79 -23.59 -7.71
C VAL A 231 -21.54 -23.28 -8.99
N SER A 232 -22.31 -24.25 -9.49
CA SER A 232 -23.10 -24.00 -10.70
C SER A 232 -24.18 -22.95 -10.45
N GLY A 233 -24.82 -22.99 -9.28
CA GLY A 233 -25.86 -22.03 -8.98
C GLY A 233 -25.35 -20.61 -8.90
N VAL A 234 -24.20 -20.41 -8.26
CA VAL A 234 -23.67 -19.06 -8.13
C VAL A 234 -23.17 -18.55 -9.47
N ILE A 235 -22.68 -19.42 -10.34
CA ILE A 235 -22.27 -18.99 -11.67
C ILE A 235 -23.47 -18.53 -12.48
N LEU A 236 -24.55 -19.31 -12.46
CA LEU A 236 -25.73 -18.98 -13.25
C LEU A 236 -26.45 -17.76 -12.70
N SER A 237 -26.51 -17.63 -11.38
CA SER A 237 -27.20 -16.47 -10.79
C SER A 237 -26.45 -15.17 -11.08
N VAL A 238 -25.11 -15.20 -11.02
CA VAL A 238 -24.34 -14.00 -11.33
C VAL A 238 -24.43 -13.68 -12.82
N VAL A 239 -24.29 -14.69 -13.67
CA VAL A 239 -24.46 -14.50 -15.11
C VAL A 239 -25.92 -14.15 -15.42
N GLY A 240 -26.85 -14.62 -14.61
CA GLY A 240 -28.26 -14.33 -14.79
C GLY A 240 -28.66 -12.91 -14.51
N GLY A 241 -27.72 -12.06 -14.08
CA GLY A 241 -28.00 -10.65 -13.88
C GLY A 241 -28.65 -10.28 -12.57
N LEU A 242 -28.83 -11.24 -11.66
CA LEU A 242 -29.39 -10.92 -10.37
C LEU A 242 -28.47 -10.00 -9.59
N ALA A 243 -29.06 -9.13 -8.77
CA ALA A 243 -28.28 -8.23 -7.93
C ALA A 243 -27.67 -9.00 -6.77
N VAL A 244 -26.70 -9.86 -7.07
CA VAL A 244 -26.08 -10.74 -6.09
C VAL A 244 -24.57 -10.69 -6.27
N GLY A 245 -23.87 -11.34 -5.33
CA GLY A 245 -22.43 -11.45 -5.39
C GLY A 245 -22.00 -12.89 -5.24
N LYS A 246 -20.88 -13.21 -5.88
CA LYS A 246 -20.34 -14.57 -5.86
C LYS A 246 -19.38 -14.82 -4.71
N GLU A 247 -19.03 -13.78 -3.94
CA GLU A 247 -18.05 -13.96 -2.87
C GLU A 247 -18.66 -14.69 -1.68
N GLY A 248 -19.92 -14.42 -1.37
CA GLY A 248 -20.59 -15.01 -0.22
C GLY A 248 -20.69 -16.53 -0.26
N PRO A 249 -21.16 -17.10 -1.38
CA PRO A 249 -21.23 -18.57 -1.46
C PRO A 249 -19.89 -19.26 -1.40
N MET A 250 -18.79 -18.53 -1.63
CA MET A 250 -17.47 -19.16 -1.62
C MET A 250 -17.13 -19.74 -0.26
N ILE A 251 -17.71 -19.20 0.81
CA ILE A 251 -17.49 -19.75 2.15
C ILE A 251 -18.08 -21.15 2.22
N HIS A 252 -19.31 -21.32 1.71
CA HIS A 252 -19.95 -22.63 1.72
C HIS A 252 -19.19 -23.62 0.85
N SER A 253 -18.68 -23.17 -0.29
CA SER A 253 -17.93 -24.06 -1.17
C SER A 253 -16.69 -24.61 -0.48
N GLY A 254 -15.97 -23.76 0.24
CA GLY A 254 -14.78 -24.23 0.93
C GLY A 254 -15.09 -25.24 2.01
N SER A 255 -16.21 -25.06 2.72
CA SER A 255 -16.58 -25.99 3.78
C SER A 255 -16.90 -27.37 3.21
N VAL A 256 -17.59 -27.43 2.07
CA VAL A 256 -17.94 -28.72 1.47
C VAL A 256 -16.68 -29.43 0.97
N ILE A 257 -15.73 -28.67 0.40
CA ILE A 257 -14.47 -29.26 -0.02
C ILE A 257 -13.73 -29.84 1.17
N ALA A 258 -13.71 -29.11 2.29
CA ALA A 258 -13.02 -29.57 3.48
C ALA A 258 -13.66 -30.83 4.04
N ALA A 259 -14.98 -30.92 4.04
CA ALA A 259 -15.67 -32.07 4.58
C ALA A 259 -15.65 -33.28 3.64
N GLY A 260 -15.21 -33.09 2.40
CA GLY A 260 -15.13 -34.21 1.47
C GLY A 260 -13.72 -34.71 1.30
N ILE A 261 -12.75 -33.80 1.28
CA ILE A 261 -11.35 -34.20 1.17
C ILE A 261 -10.93 -34.96 2.42
N SER A 262 -11.37 -34.53 3.59
CA SER A 262 -11.02 -35.17 4.85
C SER A 262 -11.51 -36.61 4.89
N PHE A 279 -9.74 -39.43 10.26
CA PHE A 279 -10.39 -38.15 10.52
C PHE A 279 -11.87 -38.22 10.16
N ARG A 280 -12.44 -39.41 10.24
CA ARG A 280 -13.85 -39.62 9.95
C ARG A 280 -14.64 -39.61 11.26
N ARG A 281 -14.63 -38.45 11.91
CA ARG A 281 -15.33 -38.27 13.17
C ARG A 281 -15.74 -36.82 13.33
N ASP A 282 -16.69 -36.58 14.23
CA ASP A 282 -17.35 -35.28 14.30
C ASP A 282 -16.37 -34.16 14.66
N THR A 283 -15.50 -34.39 15.65
CA THR A 283 -14.59 -33.34 16.09
C THR A 283 -13.60 -32.96 14.99
N GLU A 284 -13.05 -33.95 14.30
CA GLU A 284 -12.14 -33.65 13.20
C GLU A 284 -12.87 -33.00 12.04
N LYS A 285 -14.12 -33.40 11.77
CA LYS A 285 -14.89 -32.78 10.69
C LYS A 285 -15.12 -31.29 10.95
N ARG A 286 -15.47 -30.94 12.20
CA ARG A 286 -15.71 -29.54 12.52
C ARG A 286 -14.43 -28.72 12.35
N ASP A 287 -13.29 -29.24 12.79
CA ASP A 287 -12.03 -28.53 12.63
C ASP A 287 -11.69 -28.35 11.15
N PHE A 288 -11.88 -29.39 10.35
CA PHE A 288 -11.58 -29.29 8.92
C PHE A 288 -12.53 -28.35 8.21
N VAL A 289 -13.82 -28.42 8.55
CA VAL A 289 -14.80 -27.52 7.94
C VAL A 289 -14.48 -26.07 8.27
N SER A 290 -14.05 -25.81 9.50
CA SER A 290 -13.63 -24.46 9.87
C SER A 290 -12.45 -24.00 9.05
N ALA A 291 -11.53 -24.90 8.73
CA ALA A 291 -10.42 -24.55 7.84
C ALA A 291 -10.95 -24.23 6.44
N GLY A 292 -11.91 -25.00 5.96
CA GLY A 292 -12.49 -24.72 4.65
C GLY A 292 -13.25 -23.40 4.62
N ALA A 293 -14.02 -23.12 5.68
CA ALA A 293 -14.71 -21.84 5.76
C ALA A 293 -13.72 -20.68 5.82
N ALA A 294 -12.64 -20.85 6.58
CA ALA A 294 -11.60 -19.83 6.63
C ALA A 294 -10.94 -19.64 5.27
N ALA A 295 -10.68 -20.76 4.57
CA ALA A 295 -10.11 -20.66 3.24
C ALA A 295 -11.08 -20.00 2.26
N GLY A 296 -12.38 -20.16 2.48
CA GLY A 296 -13.35 -19.48 1.64
C GLY A 296 -13.33 -17.98 1.81
N VAL A 297 -13.21 -17.50 3.05
CA VAL A 297 -13.16 -16.06 3.29
C VAL A 297 -11.90 -15.47 2.69
N SER A 298 -10.77 -16.15 2.84
CA SER A 298 -9.51 -15.64 2.30
C SER A 298 -9.57 -15.56 0.78
N ALA A 299 -10.12 -16.60 0.13
CA ALA A 299 -10.24 -16.56 -1.33
C ALA A 299 -11.23 -15.50 -1.77
N ALA A 300 -12.34 -15.36 -1.05
CA ALA A 300 -13.38 -14.42 -1.47
C ALA A 300 -12.91 -12.97 -1.40
N PHE A 301 -12.18 -12.62 -0.33
CA PHE A 301 -11.85 -11.22 -0.08
C PHE A 301 -10.35 -10.94 -0.03
N GLY A 302 -9.50 -11.95 -0.16
CA GLY A 302 -8.08 -11.73 -0.02
C GLY A 302 -7.67 -11.32 1.38
N ALA A 303 -8.33 -11.89 2.39
CA ALA A 303 -8.08 -11.55 3.80
C ALA A 303 -7.84 -12.84 4.55
N PRO A 304 -6.63 -13.41 4.45
CA PRO A 304 -6.35 -14.66 5.18
C PRO A 304 -6.51 -14.56 6.68
N VAL A 305 -6.13 -13.43 7.28
CA VAL A 305 -6.32 -13.26 8.73
C VAL A 305 -7.80 -13.13 9.05
N GLY A 306 -8.56 -12.44 8.20
CA GLY A 306 -9.99 -12.35 8.42
C GLY A 306 -10.67 -13.70 8.37
N GLY A 307 -10.20 -14.60 7.51
CA GLY A 307 -10.73 -15.95 7.49
C GLY A 307 -10.45 -16.69 8.79
N VAL A 308 -9.25 -16.53 9.34
CA VAL A 308 -8.93 -17.16 10.62
C VAL A 308 -9.82 -16.63 11.72
N LEU A 309 -10.04 -15.31 11.74
CA LEU A 309 -10.91 -14.72 12.75
C LEU A 309 -12.34 -15.22 12.59
N PHE A 310 -12.80 -15.35 11.35
CA PHE A 310 -14.17 -15.83 11.12
C PHE A 310 -14.35 -17.24 11.64
N SER A 311 -13.35 -18.10 11.47
CA SER A 311 -13.44 -19.47 11.98
C SER A 311 -13.40 -19.50 13.50
N LEU A 312 -12.70 -18.54 14.12
CA LEU A 312 -12.56 -18.57 15.57
C LEU A 312 -13.86 -18.23 16.28
N GLU A 313 -14.54 -17.16 15.86
CA GLU A 313 -15.77 -16.76 16.53
C GLU A 313 -16.91 -17.73 16.24
N GLU A 314 -17.03 -18.17 14.99
CA GLU A 314 -18.06 -19.15 14.66
C GLU A 314 -17.81 -20.48 15.36
N GLY A 315 -16.56 -20.77 15.69
CA GLY A 315 -16.25 -21.93 16.50
C GLY A 315 -16.57 -21.69 17.97
N ALA A 316 -15.99 -20.62 18.52
CA ALA A 316 -16.25 -20.21 19.90
C ALA A 316 -15.96 -21.34 20.88
N SER A 317 -14.83 -22.01 20.69
CA SER A 317 -14.42 -23.12 21.53
C SER A 317 -13.09 -22.78 22.21
N PHE A 318 -12.53 -23.75 22.92
CA PHE A 318 -11.25 -23.56 23.59
C PHE A 318 -10.15 -23.29 22.58
N TRP A 319 -9.21 -22.43 22.96
CA TRP A 319 -8.11 -22.10 22.06
C TRP A 319 -7.25 -23.32 21.78
N ASN A 320 -6.92 -23.52 20.50
CA ASN A 320 -6.08 -24.62 20.06
C ASN A 320 -4.99 -24.04 19.19
N GLN A 321 -3.74 -24.11 19.66
CA GLN A 321 -2.64 -23.50 18.92
C GLN A 321 -2.43 -24.19 17.58
N PHE A 322 -2.48 -25.52 17.56
CA PHE A 322 -2.22 -26.25 16.31
C PHE A 322 -3.39 -26.13 15.35
N LEU A 323 -4.62 -26.18 15.87
CA LEU A 323 -5.79 -26.03 15.01
C LEU A 323 -5.83 -24.65 14.36
N THR A 324 -5.60 -23.60 15.16
CA THR A 324 -5.54 -22.26 14.60
C THR A 324 -4.40 -22.11 13.62
N TRP A 325 -3.37 -22.96 13.73
CA TRP A 325 -2.30 -22.95 12.74
C TRP A 325 -2.75 -23.54 11.42
N ARG A 326 -3.44 -24.68 11.47
CA ARG A 326 -3.93 -25.30 10.25
C ARG A 326 -4.99 -24.45 9.58
N ILE A 327 -5.84 -23.78 10.37
CA ILE A 327 -6.80 -22.83 9.81
C ILE A 327 -6.06 -21.69 9.12
N PHE A 328 -5.02 -21.16 9.77
CA PHE A 328 -4.24 -20.09 9.17
C PHE A 328 -3.46 -20.57 7.96
N PHE A 329 -2.93 -21.80 8.02
CA PHE A 329 -2.21 -22.34 6.87
C PHE A 329 -3.14 -22.54 5.68
N ALA A 330 -4.32 -23.11 5.91
CA ALA A 330 -5.26 -23.35 4.81
C ALA A 330 -5.77 -22.04 4.22
N SER A 331 -6.06 -21.06 5.07
CA SER A 331 -6.55 -19.77 4.57
C SER A 331 -5.48 -19.08 3.73
N MET A 332 -4.22 -19.14 4.17
CA MET A 332 -3.16 -18.45 3.48
C MET A 332 -2.78 -19.12 2.16
N ILE A 333 -2.87 -20.46 2.10
CA ILE A 333 -2.66 -21.16 0.84
C ILE A 333 -3.77 -20.82 -0.14
N SER A 334 -5.00 -20.71 0.35
CA SER A 334 -6.16 -20.50 -0.52
C SER A 334 -6.05 -19.18 -1.27
N THR A 335 -5.65 -18.11 -0.59
CA THR A 335 -5.53 -16.83 -1.25
C THR A 335 -4.34 -16.79 -2.20
N PHE A 336 -3.31 -17.59 -1.93
CA PHE A 336 -2.17 -17.65 -2.84
C PHE A 336 -2.51 -18.44 -4.10
N THR A 337 -3.22 -19.56 -3.95
CA THR A 337 -3.58 -20.37 -5.11
C THR A 337 -4.48 -19.59 -6.06
N LEU A 338 -5.45 -18.86 -5.52
CA LEU A 338 -6.31 -18.03 -6.35
C LEU A 338 -5.50 -16.95 -7.05
N ASN A 339 -4.60 -16.29 -6.31
CA ASN A 339 -3.79 -15.23 -6.89
C ASN A 339 -2.84 -15.78 -7.94
N PHE A 340 -2.26 -16.96 -7.70
CA PHE A 340 -1.30 -17.53 -8.62
C PHE A 340 -1.96 -18.00 -9.91
N VAL A 341 -3.08 -18.73 -9.79
CA VAL A 341 -3.71 -19.31 -10.97
C VAL A 341 -4.35 -18.24 -11.83
N LEU A 342 -4.97 -17.23 -11.21
CA LEU A 342 -5.55 -16.14 -11.98
C LEU A 342 -4.47 -15.41 -12.77
N SER A 343 -3.28 -15.27 -12.20
CA SER A 343 -2.18 -14.64 -12.92
C SER A 343 -1.80 -15.45 -14.16
N ILE A 344 -1.78 -16.77 -14.04
CA ILE A 344 -1.50 -17.62 -15.21
C ILE A 344 -2.56 -17.40 -16.27
N TYR A 345 -3.84 -17.34 -15.87
CA TYR A 345 -4.91 -17.09 -16.82
C TYR A 345 -4.78 -15.72 -17.46
N HIS A 346 -4.42 -14.71 -16.68
CA HIS A 346 -4.29 -13.35 -17.19
C HIS A 346 -3.01 -13.12 -17.98
N GLY A 347 -2.24 -14.17 -18.26
CA GLY A 347 -1.04 -14.04 -19.05
C GLY A 347 0.17 -13.60 -18.27
N ASN A 348 0.17 -12.36 -17.79
CA ASN A 348 1.29 -11.85 -17.01
C ASN A 348 1.39 -12.56 -15.67
N MET A 349 2.62 -12.74 -15.19
CA MET A 349 2.88 -13.58 -14.03
C MET A 349 3.65 -12.89 -12.92
N TRP A 350 4.36 -11.81 -13.21
CA TRP A 350 5.22 -11.16 -12.23
C TRP A 350 4.50 -10.12 -11.38
N ASP A 351 3.17 -10.15 -11.35
CA ASP A 351 2.38 -9.23 -10.52
C ASP A 351 1.17 -9.98 -9.99
N LEU A 352 1.25 -10.41 -8.73
CA LEU A 352 0.15 -11.10 -8.07
C LEU A 352 -0.81 -10.05 -7.49
N SER A 353 -1.58 -9.44 -8.38
CA SER A 353 -2.39 -8.28 -8.07
C SER A 353 -3.83 -8.63 -7.70
N SER A 354 -4.17 -9.91 -7.62
CA SER A 354 -5.53 -10.35 -7.29
C SER A 354 -5.49 -11.35 -6.15
N PRO A 355 -5.23 -10.89 -4.92
CA PRO A 355 -5.25 -11.82 -3.78
C PRO A 355 -6.60 -12.48 -3.55
N GLY A 356 -7.70 -11.79 -3.84
CA GLY A 356 -9.03 -12.31 -3.63
C GLY A 356 -9.93 -12.08 -4.84
N LEU A 357 -11.16 -12.56 -4.70
CA LEU A 357 -12.14 -12.37 -5.78
C LEU A 357 -12.45 -10.90 -5.99
N ILE A 358 -12.54 -10.14 -4.91
CA ILE A 358 -12.73 -8.69 -4.96
C ILE A 358 -11.49 -8.03 -4.40
N ASN A 359 -10.91 -7.11 -5.17
CA ASN A 359 -9.70 -6.39 -4.79
C ASN A 359 -10.00 -4.91 -4.76
N PHE A 360 -9.94 -4.32 -3.56
CA PHE A 360 -10.31 -2.92 -3.39
C PHE A 360 -9.36 -1.99 -4.12
N GLY A 361 -8.05 -2.30 -4.09
CA GLY A 361 -7.05 -1.46 -4.71
C GLY A 361 -6.07 -0.92 -3.68
N ARG A 362 -5.51 0.25 -3.97
CA ARG A 362 -4.53 0.90 -3.12
C ARG A 362 -5.09 2.21 -2.60
N PHE A 363 -4.96 2.44 -1.30
CA PHE A 363 -5.51 3.62 -0.65
C PHE A 363 -4.43 4.54 -0.11
N ASP A 364 -3.30 4.62 -0.80
CA ASP A 364 -2.17 5.46 -0.38
C ASP A 364 -2.18 6.75 -1.21
N SER A 365 -3.07 7.67 -0.83
CA SER A 365 -3.18 8.95 -1.53
C SER A 365 -3.28 10.07 -0.51
N GLU A 366 -2.73 11.23 -0.87
CA GLU A 366 -2.89 12.41 -0.03
C GLU A 366 -4.34 12.85 0.03
N LYS A 367 -5.07 12.75 -1.09
CA LYS A 367 -6.51 12.97 -1.06
C LYS A 367 -7.20 12.00 -0.12
N MET A 368 -6.66 10.78 0.01
CA MET A 368 -7.29 9.76 0.82
C MET A 368 -6.62 9.76 2.20
N ALA A 369 -7.04 10.72 3.01
CA ALA A 369 -6.52 10.88 4.36
C ALA A 369 -7.57 11.58 5.20
N TYR A 370 -7.42 11.50 6.52
CA TYR A 370 -8.42 12.04 7.43
C TYR A 370 -7.73 12.58 8.67
N THR A 371 -8.53 13.19 9.54
CA THR A 371 -8.07 13.70 10.83
C THR A 371 -9.17 13.45 11.86
N ILE A 372 -9.00 14.08 13.04
CA ILE A 372 -9.99 13.93 14.11
C ILE A 372 -11.31 14.59 13.71
N HIS A 373 -11.25 15.71 12.98
CA HIS A 373 -12.46 16.46 12.66
C HIS A 373 -13.43 15.64 11.83
N GLU A 374 -12.94 14.67 11.07
CA GLU A 374 -13.81 13.80 10.27
C GLU A 374 -14.32 12.59 11.03
N ILE A 375 -13.82 12.35 12.24
CA ILE A 375 -14.32 11.22 13.03
C ILE A 375 -15.80 11.35 13.35
N PRO A 376 -16.30 12.49 13.84
CA PRO A 376 -17.76 12.59 14.05
C PRO A 376 -18.56 12.44 12.77
N VAL A 377 -18.02 12.87 11.63
CA VAL A 377 -18.71 12.67 10.36
C VAL A 377 -18.84 11.18 10.06
N PHE A 378 -17.77 10.42 10.29
CA PHE A 378 -17.82 8.97 10.06
C PHE A 378 -18.83 8.31 10.98
N ILE A 379 -18.92 8.76 12.24
CA ILE A 379 -19.91 8.20 13.16
C ILE A 379 -21.32 8.45 12.62
N ALA A 380 -21.57 9.64 12.08
CA ALA A 380 -22.87 9.92 11.51
C ALA A 380 -23.16 9.01 10.32
N MET A 381 -22.17 8.76 9.47
CA MET A 381 -22.36 7.87 8.34
C MET A 381 -22.58 6.43 8.79
N GLY A 382 -22.01 6.05 9.94
CA GLY A 382 -22.32 4.75 10.51
C GLY A 382 -23.76 4.62 10.94
N VAL A 383 -24.34 5.72 11.43
CA VAL A 383 -25.77 5.72 11.77
C VAL A 383 -26.61 5.51 10.52
N VAL A 384 -26.24 6.16 9.42
CA VAL A 384 -26.97 5.99 8.16
C VAL A 384 -26.88 4.55 7.69
N GLY A 385 -25.68 3.96 7.75
CA GLY A 385 -25.54 2.56 7.35
C GLY A 385 -26.34 1.62 8.23
N GLY A 386 -26.37 1.89 9.54
CA GLY A 386 -27.16 1.07 10.43
C GLY A 386 -28.66 1.22 10.19
N VAL A 387 -29.11 2.45 9.95
CA VAL A 387 -30.53 2.68 9.67
C VAL A 387 -30.93 2.04 8.35
N LEU A 388 -30.12 2.25 7.31
CA LEU A 388 -30.42 1.62 6.02
C LEU A 388 -30.31 0.11 6.11
N GLY A 389 -29.31 -0.40 6.84
CA GLY A 389 -29.21 -1.83 7.02
C GLY A 389 -30.41 -2.41 7.77
N ALA A 390 -30.91 -1.67 8.75
CA ALA A 390 -32.11 -2.12 9.46
C ALA A 390 -33.32 -2.15 8.55
N VAL A 391 -33.47 -1.14 7.69
CA VAL A 391 -34.56 -1.16 6.71
C VAL A 391 -34.37 -2.29 5.72
N PHE A 392 -33.11 -2.55 5.34
CA PHE A 392 -32.83 -3.68 4.45
C PHE A 392 -33.25 -4.99 5.09
N ASN A 393 -32.96 -5.16 6.38
CA ASN A 393 -33.34 -6.39 7.07
C ASN A 393 -34.84 -6.43 7.33
N ALA A 394 -35.43 -5.30 7.71
CA ALA A 394 -36.86 -5.28 7.98
C ALA A 394 -37.68 -5.58 6.74
N LEU A 395 -37.29 -5.00 5.60
CA LEU A 395 -37.98 -5.30 4.35
C LEU A 395 -37.79 -6.75 3.96
N ASN A 396 -36.58 -7.28 4.13
CA ASN A 396 -36.32 -8.68 3.80
C ASN A 396 -37.00 -9.63 4.76
N TYR A 397 -37.23 -9.20 6.01
CA TYR A 397 -37.91 -10.06 6.97
C TYR A 397 -39.38 -10.24 6.60
N TRP A 398 -40.08 -9.14 6.30
CA TRP A 398 -41.47 -9.24 5.89
C TRP A 398 -41.59 -9.98 4.56
N LEU A 399 -40.65 -9.74 3.65
CA LEU A 399 -40.64 -10.46 2.38
C LEU A 399 -40.42 -11.95 2.59
N THR A 400 -39.50 -12.31 3.50
CA THR A 400 -39.27 -13.72 3.78
C THR A 400 -40.50 -14.38 4.39
N MET A 401 -41.21 -13.66 5.27
CA MET A 401 -42.44 -14.21 5.84
C MET A 401 -43.47 -14.50 4.77
N PHE A 402 -43.60 -13.60 3.78
CA PHE A 402 -44.50 -13.86 2.68
C PHE A 402 -44.08 -15.08 1.87
N ARG A 403 -42.78 -15.20 1.59
CA ARG A 403 -42.31 -16.30 0.76
C ARG A 403 -42.52 -17.65 1.44
N ILE A 404 -42.30 -17.72 2.75
CA ILE A 404 -42.49 -18.97 3.46
C ILE A 404 -43.96 -19.38 3.44
N ARG A 405 -44.87 -18.42 3.63
CA ARG A 405 -46.29 -18.74 3.71
C ARG A 405 -46.85 -19.11 2.35
N TYR A 406 -46.44 -18.42 1.29
CA TYR A 406 -47.10 -18.53 0.00
C TYR A 406 -46.22 -19.03 -1.14
N ILE A 407 -44.91 -18.88 -1.06
CA ILE A 407 -44.02 -19.23 -2.16
C ILE A 407 -43.14 -20.40 -1.73
N HIS A 408 -43.69 -21.29 -0.91
CA HIS A 408 -42.89 -22.41 -0.42
C HIS A 408 -42.78 -23.56 -1.40
N ARG A 409 -43.61 -23.61 -2.43
CA ARG A 409 -43.53 -24.69 -3.40
C ARG A 409 -42.30 -24.53 -4.28
N PRO A 410 -41.65 -25.63 -4.66
CA PRO A 410 -40.46 -25.49 -5.52
C PRO A 410 -40.76 -24.86 -6.87
N CYS A 411 -41.95 -25.12 -7.43
CA CYS A 411 -42.31 -24.52 -8.72
C CYS A 411 -42.45 -23.01 -8.61
N LEU A 412 -43.07 -22.54 -7.53
CA LEU A 412 -43.23 -21.10 -7.34
C LEU A 412 -41.90 -20.41 -7.06
N GLN A 413 -40.99 -21.10 -6.35
CA GLN A 413 -39.68 -20.53 -6.11
C GLN A 413 -38.91 -20.31 -7.39
N VAL A 414 -39.00 -21.25 -8.33
CA VAL A 414 -38.35 -21.09 -9.63
C VAL A 414 -38.97 -19.94 -10.41
N ILE A 415 -40.29 -19.85 -10.41
CA ILE A 415 -40.97 -18.78 -11.14
C ILE A 415 -40.61 -17.42 -10.54
N GLU A 416 -40.57 -17.33 -9.22
CA GLU A 416 -40.23 -16.07 -8.58
C GLU A 416 -38.83 -15.62 -8.95
N ALA A 417 -37.87 -16.54 -8.94
CA ALA A 417 -36.49 -16.18 -9.29
C ALA A 417 -36.40 -15.73 -10.75
N VAL A 418 -37.15 -16.38 -11.63
CA VAL A 418 -37.15 -15.98 -13.04
C VAL A 418 -37.76 -14.59 -13.18
N LEU A 419 -38.84 -14.30 -12.47
CA LEU A 419 -39.49 -13.00 -12.57
C LEU A 419 -38.58 -11.89 -12.04
N VAL A 420 -37.85 -12.16 -10.96
CA VAL A 420 -36.92 -11.16 -10.43
C VAL A 420 -35.83 -10.87 -11.46
N ALA A 421 -35.31 -11.90 -12.11
CA ALA A 421 -34.29 -11.71 -13.13
C ALA A 421 -34.83 -10.88 -14.31
N ALA A 422 -36.05 -11.16 -14.74
CA ALA A 422 -36.65 -10.38 -15.81
C ALA A 422 -36.88 -8.93 -15.38
N VAL A 423 -37.32 -8.73 -14.14
CA VAL A 423 -37.54 -7.37 -13.64
C VAL A 423 -36.22 -6.63 -13.50
N THR A 424 -35.17 -7.32 -13.05
CA THR A 424 -33.87 -6.67 -12.88
C THR A 424 -33.35 -6.14 -14.21
N ALA A 425 -33.49 -6.94 -15.28
CA ALA A 425 -33.10 -6.47 -16.60
C ALA A 425 -33.99 -5.32 -17.06
N THR A 426 -35.29 -5.39 -16.78
CA THR A 426 -36.21 -4.34 -17.22
C THR A 426 -35.98 -3.03 -16.50
N VAL A 427 -35.80 -3.09 -15.17
CA VAL A 427 -35.55 -1.87 -14.41
C VAL A 427 -34.20 -1.27 -14.81
N ALA A 428 -33.21 -2.11 -15.10
CA ALA A 428 -31.94 -1.61 -15.61
C ALA A 428 -32.12 -0.94 -16.96
N PHE A 429 -32.97 -1.51 -17.82
CA PHE A 429 -33.14 -0.95 -19.15
C PHE A 429 -33.80 0.42 -19.12
N VAL A 430 -34.85 0.59 -18.31
CA VAL A 430 -35.58 1.85 -18.30
C VAL A 430 -34.72 2.97 -17.73
N LEU A 431 -33.89 2.66 -16.73
CA LEU A 431 -32.94 3.65 -16.25
C LEU A 431 -31.92 4.03 -17.32
N ILE A 432 -31.50 2.96 -18.14
CA ILE A 432 -30.50 3.22 -19.16
C ILE A 432 -31.10 3.99 -20.33
N TYR A 433 -32.40 3.67 -20.60
CA TYR A 433 -33.13 4.33 -21.67
C TYR A 433 -33.42 5.79 -21.34
N SER A 434 -33.83 6.06 -20.11
CA SER A 434 -34.24 7.40 -19.71
C SER A 434 -33.09 8.25 -19.20
N SER A 435 -31.88 7.73 -19.16
CA SER A 435 -30.73 8.47 -18.65
C SER A 435 -30.23 9.43 -19.72
N ARG A 436 -30.23 10.73 -19.40
CA ARG A 436 -29.70 11.74 -20.30
C ARG A 436 -28.22 12.04 -20.04
N ASP A 437 -27.61 11.37 -19.08
CA ASP A 437 -26.23 11.63 -18.68
C ASP A 437 -25.31 10.65 -19.39
N CYS A 438 -24.53 11.16 -20.34
CA CYS A 438 -23.48 10.36 -20.97
C CYS A 438 -22.25 11.24 -21.15
N GLN A 439 -21.10 10.69 -20.84
CA GLN A 439 -19.82 11.38 -20.88
C GLN A 439 -18.82 10.54 -21.65
N PRO A 440 -17.80 11.16 -22.25
CA PRO A 440 -16.94 10.42 -23.19
C PRO A 440 -16.06 9.42 -22.48
N LEU A 441 -15.52 8.49 -23.28
CA LEU A 441 -14.69 7.41 -22.77
C LEU A 441 -13.40 7.99 -22.19
N GLN A 442 -13.25 7.89 -20.87
CA GLN A 442 -12.09 8.43 -20.17
C GLN A 442 -11.03 7.37 -19.90
N GLY A 443 -11.06 6.26 -20.64
CA GLY A 443 -10.03 5.25 -20.51
C GLY A 443 -10.40 4.11 -19.59
N GLY A 444 -10.65 2.93 -20.16
CA GLY A 444 -11.00 1.78 -19.35
C GLY A 444 -12.28 2.01 -18.58
N SER A 445 -12.28 1.57 -17.32
CA SER A 445 -13.37 1.69 -16.35
C SER A 445 -14.62 0.94 -16.76
N MET A 446 -14.62 0.28 -17.91
CA MET A 446 -15.75 -0.55 -18.35
C MET A 446 -15.19 -1.71 -19.16
N SER A 447 -16.08 -2.49 -19.74
CA SER A 447 -15.74 -3.44 -20.79
C SER A 447 -16.69 -3.41 -21.97
N TYR A 448 -17.89 -2.87 -21.80
CA TYR A 448 -18.92 -2.86 -22.85
C TYR A 448 -19.55 -1.48 -22.89
N PRO A 449 -18.86 -0.50 -23.48
CA PRO A 449 -19.37 0.87 -23.48
C PRO A 449 -20.59 0.97 -24.38
N LEU A 450 -21.74 1.28 -23.78
CA LEU A 450 -23.01 1.35 -24.49
C LEU A 450 -23.33 2.81 -24.79
N GLN A 451 -23.47 3.13 -26.06
CA GLN A 451 -23.85 4.47 -26.49
C GLN A 451 -25.32 4.45 -26.88
N LEU A 452 -26.11 5.31 -26.24
CA LEU A 452 -27.55 5.32 -26.42
C LEU A 452 -28.03 6.76 -26.50
N PHE A 453 -28.52 7.16 -27.67
CA PHE A 453 -29.27 8.39 -27.87
C PHE A 453 -28.45 9.65 -27.61
N CYS A 454 -27.13 9.57 -27.56
CA CYS A 454 -26.36 10.80 -27.45
C CYS A 454 -25.13 10.78 -28.35
N ALA A 455 -24.25 11.77 -28.18
CA ALA A 455 -23.21 12.04 -29.16
C ALA A 455 -22.27 10.85 -29.30
N ASP A 456 -21.75 10.67 -30.52
CA ASP A 456 -20.80 9.61 -30.78
C ASP A 456 -19.52 9.86 -29.99
N GLY A 457 -18.85 8.77 -29.61
CA GLY A 457 -17.68 8.87 -28.77
C GLY A 457 -17.97 9.01 -27.29
N GLU A 458 -19.24 9.00 -26.90
CA GLU A 458 -19.65 9.08 -25.50
C GLU A 458 -20.52 7.88 -25.18
N TYR A 459 -20.21 7.20 -24.08
CA TYR A 459 -21.01 6.08 -23.60
C TYR A 459 -22.02 6.56 -22.57
N ASN A 460 -23.10 5.80 -22.42
CA ASN A 460 -24.12 6.13 -21.43
C ASN A 460 -23.59 5.82 -20.04
N SER A 461 -23.69 6.81 -19.14
CA SER A 461 -23.17 6.64 -17.79
C SER A 461 -23.93 5.58 -17.02
N MET A 462 -25.26 5.58 -17.11
CA MET A 462 -26.05 4.63 -16.35
C MET A 462 -25.85 3.20 -16.86
N ALA A 463 -25.58 3.04 -18.16
CA ALA A 463 -25.33 1.71 -18.71
C ALA A 463 -24.10 1.07 -18.08
N ALA A 464 -23.05 1.86 -17.86
CA ALA A 464 -21.85 1.33 -17.23
C ALA A 464 -22.10 0.87 -15.81
N ALA A 465 -23.09 1.45 -15.13
CA ALA A 465 -23.40 1.03 -13.77
C ALA A 465 -23.93 -0.40 -13.74
N PHE A 466 -24.76 -0.77 -14.72
CA PHE A 466 -25.36 -2.10 -14.75
C PHE A 466 -24.56 -3.11 -15.55
N PHE A 467 -23.91 -2.68 -16.64
CA PHE A 467 -23.14 -3.61 -17.44
C PHE A 467 -21.89 -4.08 -16.71
N ASN A 468 -21.25 -3.20 -15.96
CA ASN A 468 -20.04 -3.56 -15.22
C ASN A 468 -20.37 -4.52 -14.09
N THR A 469 -19.40 -5.37 -13.76
CA THR A 469 -19.55 -6.27 -12.63
C THR A 469 -19.64 -5.46 -11.34
N PRO A 470 -20.40 -5.94 -10.35
CA PRO A 470 -20.51 -5.19 -9.09
C PRO A 470 -19.18 -4.99 -8.39
N GLU A 471 -18.26 -5.95 -8.50
CA GLU A 471 -16.93 -5.76 -7.92
C GLU A 471 -16.19 -4.63 -8.61
N LYS A 472 -16.29 -4.53 -9.94
CA LYS A 472 -15.62 -3.45 -10.65
C LYS A 472 -16.24 -2.11 -10.33
N SER A 473 -17.57 -2.06 -10.18
CA SER A 473 -18.24 -0.82 -9.82
C SER A 473 -17.79 -0.32 -8.45
N VAL A 474 -17.61 -1.24 -7.50
CA VAL A 474 -17.14 -0.86 -6.17
C VAL A 474 -15.75 -0.25 -6.25
N VAL A 475 -14.86 -0.86 -7.03
CA VAL A 475 -13.49 -0.37 -7.15
C VAL A 475 -13.48 1.03 -7.75
N SER A 476 -14.28 1.25 -8.80
CA SER A 476 -14.32 2.57 -9.43
C SER A 476 -14.86 3.61 -8.47
N LEU A 477 -15.86 3.26 -7.66
CA LEU A 477 -16.36 4.20 -6.66
C LEU A 477 -15.30 4.53 -5.63
N PHE A 478 -14.50 3.54 -5.22
CA PHE A 478 -13.47 3.79 -4.22
C PHE A 478 -12.38 4.71 -4.77
N HIS A 479 -11.95 4.49 -6.00
CA HIS A 479 -10.86 5.24 -6.61
C HIS A 479 -11.39 5.93 -7.86
N ASP A 480 -11.64 7.23 -7.77
CA ASP A 480 -12.08 8.02 -8.91
C ASP A 480 -11.91 9.49 -8.57
N PRO A 481 -11.67 10.34 -9.58
CA PRO A 481 -11.62 11.77 -9.31
C PRO A 481 -12.95 12.27 -8.78
N PRO A 482 -12.93 13.33 -7.95
CA PRO A 482 -14.16 13.78 -7.30
C PRO A 482 -15.24 14.29 -8.25
N GLY A 483 -14.95 14.34 -9.54
CA GLY A 483 -15.94 14.80 -10.50
C GLY A 483 -16.29 13.78 -11.55
N SER A 484 -16.39 12.51 -11.15
CA SER A 484 -16.60 11.42 -12.09
C SER A 484 -18.02 10.87 -12.10
N TYR A 485 -18.81 11.11 -11.06
CA TYR A 485 -20.14 10.54 -10.94
C TYR A 485 -21.18 11.65 -10.89
N ASN A 486 -22.23 11.50 -11.68
CA ASN A 486 -23.37 12.40 -11.59
C ASN A 486 -24.20 12.00 -10.36
N PRO A 487 -24.48 12.93 -9.45
CA PRO A 487 -25.29 12.57 -8.28
C PRO A 487 -26.66 12.02 -8.62
N LEU A 488 -27.29 12.53 -9.68
CA LEU A 488 -28.61 12.01 -10.06
C LEU A 488 -28.50 10.60 -10.61
N THR A 489 -27.51 10.35 -11.48
CA THR A 489 -27.31 9.01 -12.02
C THR A 489 -26.94 8.03 -10.93
N LEU A 490 -26.01 8.41 -10.06
CA LEU A 490 -25.61 7.54 -8.97
C LEU A 490 -26.73 7.37 -7.94
N GLY A 491 -27.48 8.45 -7.68
CA GLY A 491 -28.58 8.36 -6.74
C GLY A 491 -29.69 7.46 -7.22
N LEU A 492 -30.04 7.56 -8.51
CA LEU A 492 -31.08 6.70 -9.07
C LEU A 492 -30.65 5.23 -9.05
N PHE A 493 -29.38 4.96 -9.37
CA PHE A 493 -28.89 3.59 -9.31
C PHE A 493 -28.91 3.05 -7.89
N THR A 494 -28.50 3.87 -6.93
CA THR A 494 -28.47 3.41 -5.54
C THR A 494 -29.86 3.09 -5.03
N LEU A 495 -30.85 3.94 -5.35
CA LEU A 495 -32.20 3.70 -4.88
C LEU A 495 -32.77 2.41 -5.48
N VAL A 496 -32.55 2.20 -6.77
CA VAL A 496 -33.08 1.01 -7.43
C VAL A 496 -32.34 -0.23 -6.97
N TYR A 497 -31.01 -0.16 -6.90
CA TYR A 497 -30.22 -1.34 -6.54
C TYR A 497 -30.45 -1.74 -5.09
N PHE A 498 -30.80 -0.78 -4.23
CA PHE A 498 -31.07 -1.11 -2.83
C PHE A 498 -32.26 -2.04 -2.71
N PHE A 499 -33.34 -1.75 -3.44
CA PHE A 499 -34.53 -2.59 -3.38
C PHE A 499 -34.38 -3.86 -4.20
N LEU A 500 -33.64 -3.81 -5.31
CA LEU A 500 -33.37 -5.02 -6.07
C LEU A 500 -32.57 -6.02 -5.26
N ALA A 501 -31.55 -5.55 -4.53
CA ALA A 501 -30.76 -6.43 -3.70
C ALA A 501 -31.57 -7.00 -2.55
N CYS A 502 -32.43 -6.18 -1.94
CA CYS A 502 -33.29 -6.66 -0.87
C CYS A 502 -34.28 -7.70 -1.37
N TRP A 503 -34.83 -7.48 -2.56
CA TRP A 503 -35.80 -8.42 -3.13
C TRP A 503 -35.14 -9.72 -3.55
N THR A 504 -33.88 -9.66 -3.98
CA THR A 504 -33.19 -10.82 -4.52
C THR A 504 -32.59 -11.72 -3.44
N TYR A 505 -32.53 -11.27 -2.18
CA TYR A 505 -31.83 -12.05 -1.17
C TYR A 505 -32.54 -13.37 -0.89
N GLY A 506 -33.85 -13.32 -0.65
CA GLY A 506 -34.54 -14.53 -0.27
C GLY A 506 -34.83 -15.51 -1.38
N LEU A 507 -34.35 -15.24 -2.60
CA LEU A 507 -34.61 -16.11 -3.73
C LEU A 507 -33.97 -17.47 -3.51
N THR A 508 -34.59 -18.50 -4.10
CA THR A 508 -34.08 -19.87 -4.00
C THR A 508 -32.99 -20.06 -5.04
N VAL A 509 -31.90 -19.31 -4.86
CA VAL A 509 -30.71 -19.39 -5.70
C VAL A 509 -29.48 -19.37 -4.81
N SER A 510 -28.39 -19.88 -5.35
CA SER A 510 -27.10 -19.86 -4.64
C SER A 510 -26.45 -18.51 -4.92
N ALA A 511 -26.46 -17.63 -3.93
CA ALA A 511 -25.95 -16.28 -4.13
C ALA A 511 -25.70 -15.62 -2.79
N GLY A 512 -24.76 -14.69 -2.77
CA GLY A 512 -24.41 -13.96 -1.57
C GLY A 512 -24.97 -12.55 -1.56
N VAL A 513 -24.78 -11.88 -0.42
CA VAL A 513 -25.27 -10.52 -0.21
C VAL A 513 -24.16 -9.56 0.17
N PHE A 514 -22.92 -10.04 0.33
CA PHE A 514 -21.83 -9.18 0.76
C PHE A 514 -21.52 -8.13 -0.30
N ILE A 515 -21.35 -8.56 -1.56
CA ILE A 515 -21.04 -7.61 -2.62
C ILE A 515 -22.16 -6.61 -2.87
N PRO A 516 -23.43 -7.02 -2.97
CA PRO A 516 -24.48 -6.00 -3.13
C PRO A 516 -24.49 -4.98 -2.00
N SER A 517 -24.27 -5.43 -0.75
CA SER A 517 -24.21 -4.49 0.36
C SER A 517 -23.02 -3.55 0.24
N LEU A 518 -21.88 -4.07 -0.22
CA LEU A 518 -20.73 -3.21 -0.48
C LEU A 518 -21.04 -2.21 -1.58
N LEU A 519 -21.69 -2.65 -2.65
CA LEU A 519 -22.03 -1.75 -3.75
C LEU A 519 -23.02 -0.68 -3.30
N ILE A 520 -24.02 -1.06 -2.51
CA ILE A 520 -24.99 -0.09 -2.00
C ILE A 520 -24.29 0.94 -1.13
N GLY A 521 -23.45 0.48 -0.20
CA GLY A 521 -22.77 1.39 0.69
C GLY A 521 -21.80 2.31 -0.03
N ALA A 522 -21.03 1.76 -0.98
CA ALA A 522 -20.13 2.59 -1.76
C ALA A 522 -20.89 3.60 -2.60
N ALA A 523 -22.09 3.24 -3.06
CA ALA A 523 -22.86 4.15 -3.89
C ALA A 523 -23.34 5.36 -3.10
N TRP A 524 -23.97 5.14 -1.95
CA TRP A 524 -24.42 6.28 -1.14
C TRP A 524 -23.30 6.90 -0.34
N GLY A 525 -22.23 6.14 -0.05
CA GLY A 525 -21.06 6.75 0.54
C GLY A 525 -20.41 7.76 -0.38
N ARG A 526 -20.33 7.43 -1.67
CA ARG A 526 -19.83 8.38 -2.65
C ARG A 526 -20.75 9.59 -2.77
N LEU A 527 -22.07 9.37 -2.69
CA LEU A 527 -23.01 10.48 -2.71
C LEU A 527 -22.81 11.38 -1.50
N PHE A 528 -22.54 10.79 -0.33
CA PHE A 528 -22.26 11.57 0.86
C PHE A 528 -21.00 12.41 0.67
N GLY A 529 -19.96 11.82 0.05
CA GLY A 529 -18.76 12.58 -0.24
C GLY A 529 -19.00 13.70 -1.24
N ILE A 530 -19.89 13.46 -2.21
CA ILE A 530 -20.21 14.49 -3.19
C ILE A 530 -20.91 15.66 -2.52
N SER A 531 -21.85 15.38 -1.61
CA SER A 531 -22.53 16.46 -0.89
C SER A 531 -21.57 17.24 -0.02
N LEU A 532 -20.61 16.55 0.61
CA LEU A 532 -19.64 17.23 1.46
C LEU A 532 -18.78 18.20 0.64
N SER A 533 -18.38 17.79 -0.56
CA SER A 533 -17.62 18.70 -1.42
C SER A 533 -18.43 19.93 -1.77
N TYR A 534 -19.72 19.75 -2.06
CA TYR A 534 -20.58 20.89 -2.34
C TYR A 534 -20.78 21.77 -1.11
N LEU A 535 -20.94 21.16 0.07
CA LEU A 535 -21.23 21.92 1.27
C LEU A 535 -19.99 22.55 1.90
N THR A 536 -18.78 22.10 1.52
CA THR A 536 -17.55 22.64 2.06
C THR A 536 -16.69 23.31 1.00
N GLY A 537 -17.28 23.67 -0.14
CA GLY A 537 -16.55 24.36 -1.19
C GLY A 537 -15.40 23.56 -1.77
N ALA A 538 -15.65 22.28 -2.06
CA ALA A 538 -14.65 21.40 -2.65
C ALA A 538 -13.39 21.32 -1.79
N ALA A 539 -13.59 21.12 -0.49
CA ALA A 539 -12.47 20.99 0.42
C ALA A 539 -11.68 19.73 0.14
N ILE A 540 -10.37 19.78 0.43
CA ILE A 540 -9.50 18.66 0.12
C ILE A 540 -9.77 17.45 0.98
N TRP A 541 -10.35 17.63 2.17
CA TRP A 541 -10.66 16.51 3.05
C TRP A 541 -11.96 15.80 2.68
N ALA A 542 -12.79 16.41 1.85
CA ALA A 542 -14.06 15.81 1.45
C ALA A 542 -13.90 15.05 0.13
N ASP A 543 -12.98 14.08 0.16
CA ASP A 543 -12.76 13.24 -1.01
C ASP A 543 -13.85 12.20 -1.12
N PRO A 544 -14.61 12.15 -2.22
CA PRO A 544 -15.70 11.17 -2.31
C PRO A 544 -15.23 9.73 -2.24
N GLY A 545 -14.04 9.42 -2.76
CA GLY A 545 -13.56 8.05 -2.71
C GLY A 545 -13.34 7.55 -1.30
N LYS A 546 -12.83 8.42 -0.42
CA LYS A 546 -12.64 8.03 0.97
C LYS A 546 -13.97 7.72 1.65
N TYR A 547 -14.99 8.54 1.39
CA TYR A 547 -16.30 8.32 1.99
C TYR A 547 -17.04 7.16 1.33
N ALA A 548 -16.70 6.81 0.09
CA ALA A 548 -17.25 5.62 -0.52
C ALA A 548 -16.82 4.37 0.24
N LEU A 549 -15.54 4.29 0.62
CA LEU A 549 -15.07 3.17 1.41
C LEU A 549 -15.73 3.14 2.77
N MET A 550 -15.83 4.31 3.42
CA MET A 550 -16.46 4.36 4.73
C MET A 550 -17.94 4.06 4.64
N GLY A 551 -18.61 4.53 3.58
CA GLY A 551 -20.00 4.20 3.37
C GLY A 551 -20.21 2.72 3.07
N ALA A 552 -19.27 2.11 2.34
CA ALA A 552 -19.38 0.68 2.06
C ALA A 552 -19.32 -0.14 3.34
N ALA A 553 -18.43 0.24 4.26
CA ALA A 553 -18.36 -0.45 5.55
C ALA A 553 -19.63 -0.24 6.36
N ALA A 554 -20.20 0.96 6.33
CA ALA A 554 -21.39 1.23 7.12
C ALA A 554 -22.57 0.38 6.67
N GLN A 555 -22.76 0.22 5.36
CA GLN A 555 -23.86 -0.60 4.88
C GLN A 555 -23.60 -2.07 5.17
N LEU A 556 -22.38 -2.54 4.93
CA LEU A 556 -22.05 -3.94 5.18
C LEU A 556 -22.16 -4.27 6.67
N GLY A 557 -21.67 -3.38 7.53
CA GLY A 557 -21.76 -3.61 8.96
C GLY A 557 -23.19 -3.56 9.48
N GLY A 558 -23.99 -2.63 8.95
CA GLY A 558 -25.36 -2.51 9.39
C GLY A 558 -26.30 -3.57 8.85
N ILE A 559 -25.84 -4.35 7.87
CA ILE A 559 -26.68 -5.38 7.25
C ILE A 559 -26.39 -6.73 7.88
N VAL A 560 -25.12 -7.13 7.88
CA VAL A 560 -24.76 -8.46 8.37
C VAL A 560 -24.54 -8.50 9.88
N ARG A 561 -24.26 -7.36 10.51
CA ARG A 561 -24.07 -7.23 11.95
C ARG A 561 -22.90 -8.07 12.45
N MET A 562 -22.19 -8.74 11.55
CA MET A 562 -20.92 -9.37 11.90
C MET A 562 -19.86 -8.29 11.86
N THR A 563 -19.19 -8.06 12.98
CA THR A 563 -18.37 -6.87 13.11
C THR A 563 -16.90 -7.16 13.38
N LEU A 564 -16.58 -8.18 14.19
CA LEU A 564 -15.18 -8.42 14.52
C LEU A 564 -14.42 -9.02 13.35
N SER A 565 -15.02 -9.98 12.65
CA SER A 565 -14.36 -10.55 11.47
C SER A 565 -14.43 -9.60 10.29
N LEU A 566 -15.50 -8.82 10.19
CA LEU A 566 -15.68 -7.94 9.04
C LEU A 566 -14.60 -6.86 9.03
N THR A 567 -14.33 -6.25 10.18
CA THR A 567 -13.37 -5.15 10.22
C THR A 567 -11.97 -5.61 9.82
N VAL A 568 -11.57 -6.79 10.27
CA VAL A 568 -10.24 -7.32 9.91
C VAL A 568 -10.13 -7.48 8.40
N ILE A 569 -11.23 -7.88 7.76
CA ILE A 569 -11.23 -8.02 6.30
C ILE A 569 -10.99 -6.68 5.63
N MET A 570 -11.64 -5.62 6.12
CA MET A 570 -11.50 -4.31 5.51
C MET A 570 -10.05 -3.80 5.60
N MET A 571 -9.42 -3.94 6.77
CA MET A 571 -8.03 -3.52 6.88
C MET A 571 -7.14 -4.34 5.95
N GLU A 572 -7.41 -5.64 5.85
CA GLU A 572 -6.66 -6.46 4.91
C GLU A 572 -6.99 -6.11 3.47
N ALA A 573 -8.25 -5.80 3.18
CA ALA A 573 -8.64 -5.46 1.82
C ALA A 573 -8.04 -4.13 1.39
N THR A 574 -8.17 -3.10 2.23
CA THR A 574 -7.61 -1.80 1.90
C THR A 574 -6.12 -1.72 2.15
N SER A 575 -5.55 -2.64 2.92
CA SER A 575 -4.12 -2.68 3.22
C SER A 575 -3.64 -1.36 3.80
N ASN A 576 -4.42 -0.82 4.75
CA ASN A 576 -4.10 0.46 5.39
C ASN A 576 -4.58 0.37 6.83
N VAL A 577 -3.64 0.22 7.77
CA VAL A 577 -3.99 0.12 9.17
C VAL A 577 -4.49 1.45 9.73
N THR A 578 -4.10 2.57 9.12
CA THR A 578 -4.58 3.86 9.61
C THR A 578 -6.08 4.01 9.42
N TYR A 579 -6.65 3.36 8.40
CA TYR A 579 -8.09 3.40 8.18
C TYR A 579 -8.84 2.36 8.99
N GLY A 580 -8.15 1.51 9.75
CA GLY A 580 -8.85 0.57 10.59
C GLY A 580 -9.68 1.25 11.66
N PHE A 581 -9.13 2.32 12.25
CA PHE A 581 -9.86 3.03 13.31
C PHE A 581 -11.17 3.65 12.83
N PRO A 582 -11.20 4.45 11.75
CA PRO A 582 -12.50 4.93 11.27
C PRO A 582 -13.41 3.80 10.82
N ILE A 583 -12.85 2.74 10.23
CA ILE A 583 -13.65 1.58 9.85
C ILE A 583 -14.24 0.92 11.09
N MET A 584 -13.43 0.78 12.14
N MET A 584 -13.44 0.81 12.15
CA MET A 584 -13.95 0.17 13.37
CA MET A 584 -13.92 0.22 13.40
C MET A 584 -15.08 1.00 13.96
C MET A 584 -15.07 1.01 13.98
N LEU A 585 -14.94 2.33 13.94
N LEU A 585 -14.94 2.33 14.06
CA LEU A 585 -15.96 3.19 14.53
CA LEU A 585 -16.00 3.15 14.62
C LEU A 585 -17.27 3.09 13.77
C LEU A 585 -17.26 3.10 13.76
N VAL A 586 -17.21 3.16 12.44
N VAL A 586 -17.08 3.13 12.45
CA VAL A 586 -18.45 3.10 11.65
CA VAL A 586 -18.23 3.08 11.54
C VAL A 586 -19.10 1.73 11.76
C VAL A 586 -18.96 1.75 11.68
N LEU A 587 -18.30 0.67 11.87
N LEU A 587 -18.20 0.65 11.72
CA LEU A 587 -18.86 -0.67 11.99
CA LEU A 587 -18.82 -0.66 11.86
C LEU A 587 -19.51 -0.87 13.35
C LEU A 587 -19.49 -0.82 13.23
N MET A 588 -18.96 -0.26 14.40
N MET A 588 -18.84 -0.34 14.28
CA MET A 588 -19.54 -0.41 15.73
CA MET A 588 -19.42 -0.44 15.61
C MET A 588 -20.87 0.33 15.84
C MET A 588 -20.68 0.41 15.73
N THR A 589 -20.93 1.57 15.37
N THR A 589 -20.66 1.60 15.13
CA THR A 589 -22.16 2.34 15.48
CA THR A 589 -21.84 2.47 15.18
C THR A 589 -23.25 1.80 14.56
C THR A 589 -23.01 1.83 14.43
N ALA A 590 -22.87 1.28 13.39
N ALA A 590 -22.75 1.24 13.28
CA ALA A 590 -23.86 0.65 12.52
CA ALA A 590 -23.82 0.66 12.47
C ALA A 590 -24.46 -0.59 13.17
C ALA A 590 -24.50 -0.50 13.20
N LYS A 591 -23.64 -1.38 13.85
N LYS A 591 -23.72 -1.33 13.89
CA LYS A 591 -24.15 -2.54 14.57
CA LYS A 591 -24.30 -2.44 14.62
C LYS A 591 -25.06 -2.12 15.73
C LYS A 591 -25.17 -1.97 15.77
N ILE A 592 -24.67 -1.09 16.47
N ILE A 592 -24.72 -0.94 16.49
CA ILE A 592 -25.48 -0.64 17.60
CA ILE A 592 -25.47 -0.47 17.65
C ILE A 592 -26.80 -0.05 17.12
C ILE A 592 -26.81 0.13 17.23
N VAL A 593 -26.74 0.82 16.12
N VAL A 593 -26.78 1.03 16.25
CA VAL A 593 -27.96 1.43 15.59
CA VAL A 593 -28.03 1.64 15.80
C VAL A 593 -28.87 0.38 14.97
C VAL A 593 -28.88 0.63 15.04
N GLY A 594 -28.28 -0.53 14.19
N GLY A 594 -28.26 -0.34 14.38
CA GLY A 594 -29.09 -1.56 13.56
CA GLY A 594 -29.04 -1.36 13.69
C GLY A 594 -29.75 -2.49 14.56
C GLY A 594 -29.86 -2.21 14.63
N ASP A 595 -29.03 -2.88 15.61
N ASP A 595 -29.24 -2.65 15.73
CA ASP A 595 -29.57 -3.80 16.59
CA ASP A 595 -29.97 -3.46 16.70
C ASP A 595 -30.69 -3.20 17.42
C ASP A 595 -31.07 -2.66 17.39
N VAL A 596 -30.86 -1.88 17.39
N VAL A 596 -30.80 -1.39 17.68
CA VAL A 596 -31.94 -1.25 18.13
CA VAL A 596 -31.83 -0.55 18.29
C VAL A 596 -33.29 -1.68 17.58
C VAL A 596 -32.98 -0.31 17.33
N PHE A 597 -33.42 -1.72 16.25
N PHE A 597 -32.67 -0.01 16.06
CA PHE A 597 -34.69 -2.03 15.60
CA PHE A 597 -33.72 0.34 15.11
C PHE A 597 -34.86 -3.52 15.35
C PHE A 597 -34.64 -0.83 14.80
N ILE A 598 -33.96 -4.11 14.56
N ILE A 598 -34.08 -2.03 14.65
CA ILE A 598 -34.07 -5.50 14.15
CA ILE A 598 -34.93 -3.19 14.35
C ILE A 598 -32.74 -6.19 14.36
C ILE A 598 -35.84 -3.49 15.53
N GLU A 599 -32.79 -7.52 14.43
N GLU A 599 -35.36 -3.28 16.76
CA GLU A 599 -31.60 -8.33 14.65
CA GLU A 599 -36.24 -3.42 17.93
C GLU A 599 -30.80 -8.46 13.35
C GLU A 599 -37.37 -2.41 17.89
N GLY A 600 -29.76 -9.29 13.38
N GLY A 600 -37.05 -1.15 17.56
CA GLY A 600 -28.92 -9.44 12.22
CA GLY A 600 -38.10 -0.14 17.45
C GLY A 600 -29.61 -10.14 11.07
C GLY A 600 -39.04 -0.40 16.29
N LEU A 601 -29.11 -9.89 9.87
N LEU A 601 -38.48 -0.76 15.12
CA LEU A 601 -29.70 -10.51 8.68
CA LEU A 601 -39.31 -0.99 13.95
C LEU A 601 -29.42 -12.00 8.64
C LEU A 601 -40.26 -2.16 14.16
N TYR A 602 -28.19 -12.41 8.95
N TYR A 602 -39.77 -3.25 14.76
CA TYR A 602 -27.89 -13.83 9.05
CA TYR A 602 -40.64 -4.38 15.06
C TYR A 602 -28.54 -14.44 10.28
C TYR A 602 -41.71 -4.00 16.07
N ASP A 603 -28.59 -13.68 11.38
N ASP A 603 -41.34 -3.19 17.07
CA ASP A 603 -29.22 -14.19 12.60
CA ASP A 603 -42.32 -2.76 18.07
C ASP A 603 -30.71 -14.44 12.40
C ASP A 603 -43.41 -1.90 17.44
N MET A 604 -31.40 -13.54 11.69
N MET A 604 -43.04 -1.02 16.51
CA MET A 604 -32.81 -13.72 11.43
CA MET A 604 -44.04 -0.18 15.84
C MET A 604 -33.09 -14.83 10.43
C MET A 604 -45.01 -1.04 15.04
N HIS A 605 -32.09 -15.25 9.67
N HIS A 605 -44.51 -2.06 14.35
CA HIS A 605 -32.26 -16.32 8.69
CA HIS A 605 -45.36 -2.95 13.56
C HIS A 605 -31.95 -17.68 9.31
C HIS A 605 -46.23 -3.81 14.47
N LEU B 73 43.41 23.52 -15.87
CA LEU B 73 42.53 22.39 -15.60
C LEU B 73 42.39 21.50 -16.82
N PRO B 74 42.10 20.21 -16.60
CA PRO B 74 41.74 19.33 -17.70
C PRO B 74 40.48 19.83 -18.39
N PRO B 75 40.38 19.67 -19.71
CA PRO B 75 39.21 20.20 -20.41
C PRO B 75 37.99 19.31 -20.24
N ASP B 76 37.69 18.95 -19.00
CA ASP B 76 36.52 18.14 -18.67
C ASP B 76 35.60 18.80 -17.65
N LEU B 77 36.13 19.15 -16.47
CA LEU B 77 35.30 19.68 -15.39
C LEU B 77 34.89 21.13 -15.62
N PRO B 78 35.83 22.09 -15.75
CA PRO B 78 35.40 23.50 -15.78
C PRO B 78 34.82 23.92 -17.11
N ASP B 79 35.30 23.34 -18.21
CA ASP B 79 34.88 23.73 -19.54
C ASP B 79 34.60 22.49 -20.39
N LEU B 80 33.78 22.68 -21.41
CA LEU B 80 33.36 21.58 -22.26
C LEU B 80 34.49 21.15 -23.18
N ASP B 81 34.60 19.85 -23.39
CA ASP B 81 35.54 19.33 -24.37
C ASP B 81 35.04 19.70 -25.77
N PRO B 82 35.88 20.32 -26.62
CA PRO B 82 35.47 20.62 -27.99
C PRO B 82 34.73 19.50 -28.69
N GLU B 83 35.11 18.24 -28.45
CA GLU B 83 34.36 17.12 -29.01
C GLU B 83 32.94 17.07 -28.47
N CYS B 84 32.76 17.35 -27.18
CA CYS B 84 31.44 17.31 -26.55
C CYS B 84 30.68 18.63 -26.64
N ARG B 85 31.38 19.75 -26.79
CA ARG B 85 30.69 21.04 -26.97
C ARG B 85 29.86 21.06 -28.23
N GLU B 86 30.42 20.56 -29.34
CA GLU B 86 29.69 20.58 -30.60
C GLU B 86 28.52 19.60 -30.59
N LEU B 87 28.71 18.43 -29.96
CA LEU B 87 27.62 17.47 -29.87
C LEU B 87 26.47 18.01 -29.03
N LEU B 88 26.79 18.68 -27.92
CA LEU B 88 25.73 19.26 -27.09
C LEU B 88 25.01 20.37 -27.83
N LEU B 89 25.74 21.19 -28.58
CA LEU B 89 25.11 22.25 -29.36
C LEU B 89 24.21 21.68 -30.45
N ASP B 90 24.64 20.59 -31.09
CA ASP B 90 23.81 19.95 -32.10
C ASP B 90 22.53 19.40 -31.48
N PHE B 91 22.61 18.80 -30.29
CA PHE B 91 21.41 18.36 -29.60
C PHE B 91 20.58 19.54 -29.11
N ALA B 92 21.21 20.71 -28.92
CA ALA B 92 20.48 21.87 -28.42
C ALA B 92 19.50 22.40 -29.46
N ASN B 93 19.98 22.59 -30.71
CA ASN B 93 19.10 23.14 -31.73
C ASN B 93 18.10 22.10 -32.23
N SER B 94 18.47 20.82 -32.15
CA SER B 94 17.51 19.77 -32.50
C SER B 94 16.36 19.72 -31.50
N SER B 95 16.67 19.86 -30.21
CA SER B 95 15.62 19.91 -29.20
C SER B 95 14.83 21.21 -29.27
N ALA B 96 15.49 22.31 -29.63
CA ALA B 96 14.78 23.58 -29.79
C ALA B 96 13.79 23.50 -30.95
N GLU B 97 14.20 22.87 -32.05
CA GLU B 97 13.29 22.72 -33.19
C GLU B 97 12.10 21.84 -32.85
N LEU B 98 12.34 20.74 -32.13
CA LEU B 98 11.25 19.84 -31.79
C LEU B 98 10.24 20.52 -30.86
N THR B 99 10.73 21.27 -29.87
CA THR B 99 9.82 21.94 -28.94
C THR B 99 9.00 23.01 -29.66
N GLY B 100 9.62 23.76 -30.57
CA GLY B 100 8.87 24.73 -31.33
C GLY B 100 7.84 24.09 -32.23
N CYS B 101 8.19 22.97 -32.86
CA CYS B 101 7.22 22.27 -33.71
C CYS B 101 6.14 21.58 -32.89
N LEU B 102 6.46 21.18 -31.65
CA LEU B 102 5.46 20.58 -30.79
C LEU B 102 4.35 21.55 -30.44
N VAL B 103 4.71 22.80 -30.13
CA VAL B 103 3.72 23.77 -29.68
C VAL B 103 2.86 24.23 -30.86
N ARG B 104 3.49 24.58 -31.98
CA ARG B 104 2.75 25.10 -33.11
C ARG B 104 1.86 24.05 -33.77
N SER B 105 2.02 22.78 -33.41
CA SER B 105 1.16 21.70 -33.89
C SER B 105 0.23 21.19 -32.80
N ALA B 106 0.07 21.95 -31.71
CA ALA B 106 -0.77 21.49 -30.61
C ALA B 106 -2.24 21.62 -30.94
N ARG B 107 -2.65 22.73 -31.56
CA ARG B 107 -4.05 22.94 -31.89
C ARG B 107 -4.20 23.59 -33.26
N PRO B 108 -4.85 22.92 -34.23
CA PRO B 108 -5.40 21.57 -34.16
C PRO B 108 -4.28 20.54 -34.14
N VAL B 109 -4.51 19.36 -33.56
CA VAL B 109 -3.42 18.44 -33.30
C VAL B 109 -2.92 17.87 -34.62
N ARG B 110 -1.77 18.34 -35.08
CA ARG B 110 -1.02 17.75 -36.18
C ARG B 110 0.34 17.29 -35.69
N LEU B 111 0.38 16.78 -34.46
CA LEU B 111 1.63 16.46 -33.79
C LEU B 111 2.40 15.38 -34.52
N CYS B 112 1.85 14.18 -34.57
CA CYS B 112 2.59 13.00 -35.00
C CYS B 112 2.74 12.89 -36.50
N GLN B 113 2.10 13.77 -37.27
CA GLN B 113 2.25 13.80 -38.71
C GLN B 113 3.19 14.91 -39.18
N THR B 114 3.51 15.88 -38.32
CA THR B 114 4.41 16.97 -38.67
C THR B 114 5.72 16.95 -37.89
N CYS B 115 5.70 16.50 -36.65
CA CYS B 115 6.90 16.48 -35.82
C CYS B 115 7.64 15.16 -35.86
N TYR B 116 7.18 14.20 -36.65
CA TYR B 116 7.92 12.93 -36.77
C TYR B 116 9.33 13.11 -37.32
N PRO B 117 9.60 13.94 -38.34
CA PRO B 117 11.01 14.12 -38.73
C PRO B 117 11.85 14.75 -37.65
N LEU B 118 11.29 15.71 -36.91
CA LEU B 118 12.05 16.37 -35.85
C LEU B 118 12.31 15.43 -34.68
N PHE B 119 11.32 14.59 -34.33
CA PHE B 119 11.53 13.64 -33.24
C PHE B 119 12.60 12.62 -33.59
N GLN B 120 12.60 12.14 -34.83
CA GLN B 120 13.63 11.19 -35.24
C GLN B 120 15.00 11.84 -35.23
N GLN B 121 15.07 13.13 -35.60
CA GLN B 121 16.33 13.85 -35.54
C GLN B 121 16.84 13.94 -34.10
N VAL B 122 15.94 14.16 -33.13
CA VAL B 122 16.35 14.29 -31.74
C VAL B 122 16.85 12.96 -31.21
N VAL B 123 16.10 11.87 -31.46
CA VAL B 123 16.49 10.57 -30.92
C VAL B 123 17.76 10.06 -31.60
N SER B 124 17.95 10.38 -32.88
CA SER B 124 19.21 10.05 -33.54
C SER B 124 20.36 10.84 -32.94
N LYS B 125 20.16 12.12 -32.67
CA LYS B 125 21.21 12.94 -32.08
C LYS B 125 21.57 12.47 -30.68
N MET B 126 20.56 12.09 -29.88
CA MET B 126 20.84 11.57 -28.55
C MET B 126 21.61 10.26 -28.62
N ASP B 127 21.24 9.38 -29.56
CA ASP B 127 21.98 8.13 -29.73
C ASP B 127 23.41 8.39 -30.18
N ASN B 128 23.60 9.37 -31.06
CA ASN B 128 24.95 9.73 -31.48
C ASN B 128 25.78 10.24 -30.32
N ILE B 129 25.16 11.02 -29.43
CA ILE B 129 25.88 11.57 -28.29
C ILE B 129 26.13 10.51 -27.21
N SER B 130 25.40 9.40 -27.22
CA SER B 130 25.54 8.34 -26.23
C SER B 130 25.91 7.05 -26.97
N ARG B 131 27.21 6.83 -27.11
CA ARG B 131 27.75 5.64 -27.80
C ARG B 131 27.23 5.54 -29.22
N SER B 141 32.43 9.72 -28.09
CA SER B 141 33.21 9.68 -26.85
C SER B 141 32.80 10.80 -25.90
N CYS B 142 31.49 10.96 -25.72
CA CYS B 142 30.97 12.02 -24.86
C CYS B 142 29.81 11.58 -23.98
N ALA B 143 29.63 10.26 -23.79
CA ALA B 143 28.47 9.80 -23.04
C ALA B 143 28.60 10.11 -21.55
N ARG B 144 29.76 9.83 -20.96
CA ARG B 144 29.90 9.97 -19.52
C ARG B 144 30.05 11.43 -19.09
N SER B 145 30.55 12.30 -19.97
CA SER B 145 30.78 13.69 -19.64
C SER B 145 29.58 14.58 -19.96
N LEU B 146 28.48 14.02 -20.46
CA LEU B 146 27.34 14.83 -20.85
C LEU B 146 26.04 14.32 -20.22
N LEU B 147 25.91 13.01 -20.06
CA LEU B 147 24.63 12.44 -19.64
C LEU B 147 24.50 12.41 -18.12
N MET B 148 25.39 11.71 -17.43
CA MET B 148 25.33 11.57 -15.98
C MET B 148 26.49 12.28 -15.27
N ALA B 149 27.05 13.30 -15.92
CA ALA B 149 28.14 14.08 -15.34
C ALA B 149 27.68 14.98 -14.20
N ASP B 150 26.38 15.12 -13.97
CA ASP B 150 25.88 15.99 -12.91
C ASP B 150 24.50 15.51 -12.48
N ARG B 151 24.01 16.07 -11.37
CA ARG B 151 22.74 15.64 -10.81
C ARG B 151 21.58 15.93 -11.75
N MET B 152 21.47 17.18 -12.20
CA MET B 152 20.38 17.59 -13.09
C MET B 152 20.76 17.19 -14.52
N GLN B 153 20.47 15.95 -14.86
CA GLN B 153 20.79 15.42 -16.19
C GLN B 153 19.78 16.00 -17.17
N ILE B 154 20.09 17.20 -17.67
CA ILE B 154 19.17 17.90 -18.56
C ILE B 154 18.95 17.11 -19.85
N VAL B 155 20.03 16.58 -20.43
CA VAL B 155 19.91 15.84 -21.67
C VAL B 155 19.06 14.58 -21.46
N VAL B 156 19.25 13.91 -20.32
CA VAL B 156 18.50 12.69 -20.05
C VAL B 156 17.02 13.00 -19.84
N ILE B 157 16.72 13.99 -19.00
CA ILE B 157 15.32 14.27 -18.67
C ILE B 157 14.59 14.84 -19.89
N LEU B 158 15.27 15.66 -20.69
CA LEU B 158 14.65 16.20 -21.90
C LEU B 158 14.33 15.10 -22.89
N SER B 159 15.25 14.16 -23.09
CA SER B 159 14.99 13.04 -23.98
C SER B 159 13.90 12.14 -23.41
N GLU B 160 13.87 11.96 -22.09
CA GLU B 160 12.80 11.19 -21.47
C GLU B 160 11.46 11.88 -21.67
N PHE B 161 11.42 13.21 -21.56
CA PHE B 161 10.18 13.94 -21.80
C PHE B 161 9.73 13.81 -23.24
N PHE B 162 10.65 13.95 -24.19
CA PHE B 162 10.30 13.81 -25.59
C PHE B 162 9.83 12.38 -25.89
N ASN B 163 10.50 11.39 -25.30
CA ASN B 163 10.06 10.01 -25.48
C ASN B 163 8.69 9.78 -24.85
N THR B 164 8.46 10.33 -23.65
CA THR B 164 7.17 10.16 -23.00
C THR B 164 6.06 10.80 -23.82
N THR B 165 6.31 11.99 -24.37
CA THR B 165 5.31 12.63 -25.21
C THR B 165 4.99 11.79 -26.43
N TRP B 166 6.01 11.18 -27.04
CA TRP B 166 5.78 10.34 -28.21
C TRP B 166 4.94 9.12 -27.85
N GLN B 167 5.19 8.51 -26.69
CA GLN B 167 4.45 7.31 -26.33
C GLN B 167 3.00 7.63 -25.98
N GLU B 168 2.77 8.67 -25.18
CA GLU B 168 1.40 9.03 -24.84
C GLU B 168 0.62 9.51 -26.05
N ALA B 169 1.27 10.26 -26.94
CA ALA B 169 0.63 10.62 -28.20
C ALA B 169 0.38 9.39 -29.07
N ASN B 170 1.11 8.30 -28.83
CA ASN B 170 0.87 7.01 -29.47
C ASN B 170 0.92 7.10 -30.99
N CYS B 171 1.95 7.76 -31.50
CA CYS B 171 2.20 7.80 -32.94
C CYS B 171 3.08 6.65 -33.41
N ALA B 172 3.46 5.75 -32.51
CA ALA B 172 4.18 4.56 -32.95
C ALA B 172 3.29 3.66 -33.79
N ASN B 173 2.01 3.53 -33.43
CA ASN B 173 1.14 2.59 -34.13
C ASN B 173 0.75 3.09 -35.52
N CYS B 174 0.46 4.39 -35.65
CA CYS B 174 -0.02 4.95 -36.91
C CYS B 174 1.12 5.53 -37.76
N LEU B 175 2.36 5.38 -37.32
CA LEU B 175 3.51 5.54 -38.20
C LEU B 175 3.92 4.16 -38.70
N THR B 176 4.37 4.10 -39.95
CA THR B 176 4.73 2.82 -40.54
C THR B 176 5.94 2.23 -39.82
N ASN B 177 6.14 0.93 -40.02
CA ASN B 177 7.26 0.24 -39.38
C ASN B 177 8.58 0.84 -39.83
N ASN B 178 8.68 1.21 -41.11
CA ASN B 178 9.88 1.88 -41.60
C ASN B 178 10.05 3.25 -40.95
N SER B 179 8.94 3.97 -40.77
CA SER B 179 8.89 5.25 -40.06
C SER B 179 9.55 6.39 -40.85
N GLU B 180 9.29 6.46 -42.15
CA GLU B 180 9.65 7.64 -42.93
C GLU B 180 8.45 8.51 -43.28
N GLU B 181 7.23 8.00 -43.15
CA GLU B 181 6.04 8.76 -43.49
C GLU B 181 4.84 8.13 -42.79
N LEU B 182 3.68 8.74 -42.99
CA LEU B 182 2.46 8.21 -42.41
C LEU B 182 2.07 6.89 -43.08
N SER B 183 1.46 6.01 -42.30
CA SER B 183 1.00 4.74 -42.84
C SER B 183 -0.16 4.95 -43.81
N ASN B 184 -0.49 3.90 -44.55
CA ASN B 184 -1.57 4.00 -45.53
C ASN B 184 -2.91 4.29 -44.85
N SER B 185 -3.15 3.69 -43.68
CA SER B 185 -4.40 3.96 -42.96
C SER B 185 -4.51 5.43 -42.58
N THR B 186 -3.44 5.98 -41.99
CA THR B 186 -3.49 7.37 -41.53
C THR B 186 -3.67 8.33 -42.69
N VAL B 187 -2.98 8.08 -43.81
CA VAL B 187 -3.17 8.93 -44.99
C VAL B 187 -4.59 8.81 -45.51
N TYR B 188 -5.16 7.59 -45.46
CA TYR B 188 -6.52 7.40 -45.92
C TYR B 188 -7.53 8.04 -44.97
N PHE B 189 -7.20 8.13 -43.68
CA PHE B 189 -8.11 8.80 -42.75
C PHE B 189 -8.07 10.30 -42.91
N LEU B 190 -6.87 10.88 -43.06
CA LEU B 190 -6.75 12.34 -43.10
C LEU B 190 -7.42 12.93 -44.32
N ASN B 191 -7.30 12.27 -45.47
CA ASN B 191 -7.92 12.82 -46.68
C ASN B 191 -9.44 12.72 -46.62
N LEU B 192 -9.97 11.65 -46.01
CA LEU B 192 -11.40 11.56 -45.78
C LEU B 192 -11.85 12.59 -44.75
N PHE B 193 -11.03 12.82 -43.73
CA PHE B 193 -11.35 13.87 -42.75
C PHE B 193 -11.40 15.23 -43.41
N ASN B 194 -10.46 15.50 -44.33
CA ASN B 194 -10.51 16.74 -45.09
C ASN B 194 -11.73 16.78 -45.99
N HIS B 195 -12.06 15.66 -46.64
CA HIS B 195 -13.24 15.61 -47.50
C HIS B 195 -14.52 15.78 -46.70
N THR B 196 -14.60 15.15 -45.52
CA THR B 196 -15.76 15.35 -44.67
C THR B 196 -15.89 16.80 -44.23
N LEU B 197 -14.78 17.43 -43.86
CA LEU B 197 -14.82 18.80 -43.40
C LEU B 197 -15.17 19.77 -44.52
N THR B 198 -14.58 19.58 -45.71
CA THR B 198 -14.88 20.48 -46.82
C THR B 198 -16.30 20.30 -47.32
N CYS B 199 -16.88 19.11 -47.11
CA CYS B 199 -18.29 18.91 -47.44
C CYS B 199 -19.18 19.70 -46.48
N PHE B 200 -18.78 19.81 -45.22
CA PHE B 200 -19.55 20.58 -44.25
C PHE B 200 -19.53 22.07 -44.58
N GLU B 201 -18.42 22.56 -45.14
CA GLU B 201 -18.22 24.00 -45.30
C GLU B 201 -19.23 24.60 -46.26
N HIS B 202 -19.48 23.95 -47.40
CA HIS B 202 -20.34 24.52 -48.43
C HIS B 202 -21.80 24.12 -48.27
N ASN B 203 -22.15 23.39 -47.21
CA ASN B 203 -23.54 23.06 -46.92
C ASN B 203 -24.18 24.02 -45.93
N LEU B 204 -23.46 25.05 -45.50
CA LEU B 204 -24.04 26.02 -44.56
C LEU B 204 -24.88 27.05 -45.29
N GLN B 205 -24.26 27.80 -46.21
CA GLN B 205 -24.98 28.81 -46.99
C GLN B 205 -24.19 29.17 -48.24
N TYR B 217 -28.40 24.63 -40.12
CA TYR B 217 -27.51 23.50 -40.37
C TYR B 217 -28.32 22.27 -40.77
N SER B 218 -29.56 22.49 -41.20
CA SER B 218 -30.42 21.38 -41.60
C SER B 218 -29.87 20.67 -42.82
N GLU B 219 -29.36 21.43 -43.79
CA GLU B 219 -28.87 20.83 -45.03
C GLU B 219 -27.62 19.99 -44.81
N VAL B 220 -26.84 20.27 -43.77
CA VAL B 220 -25.59 19.56 -43.56
C VAL B 220 -25.84 18.09 -43.27
N CYS B 221 -26.74 17.81 -42.31
CA CYS B 221 -27.08 16.43 -42.00
C CYS B 221 -28.08 15.84 -42.98
N LYS B 222 -28.75 16.67 -43.77
CA LYS B 222 -29.66 16.15 -44.78
C LYS B 222 -28.89 15.58 -45.97
N ASN B 223 -27.70 16.09 -46.24
CA ASN B 223 -26.92 15.68 -47.40
C ASN B 223 -25.59 15.04 -47.03
N CYS B 224 -24.82 15.67 -46.14
CA CYS B 224 -23.48 15.20 -45.81
C CYS B 224 -23.51 14.26 -44.59
N ARG B 225 -24.35 13.23 -44.71
CA ARG B 225 -24.48 12.22 -43.65
C ARG B 225 -23.70 10.95 -43.96
N GLU B 226 -23.70 10.50 -45.22
CA GLU B 226 -22.93 9.32 -45.58
C GLU B 226 -21.43 9.55 -45.45
N ALA B 227 -20.98 10.78 -45.69
CA ALA B 227 -19.56 11.09 -45.54
C ALA B 227 -19.11 10.94 -44.10
N TYR B 228 -19.93 11.40 -43.15
CA TYR B 228 -19.61 11.21 -41.75
C TYR B 228 -19.71 9.74 -41.34
N LYS B 229 -20.65 9.01 -41.94
CA LYS B 229 -20.85 7.62 -41.56
C LYS B 229 -19.66 6.75 -41.96
N THR B 230 -19.13 6.96 -43.17
CA THR B 230 -17.99 6.14 -43.61
C THR B 230 -16.72 6.51 -42.85
N LEU B 231 -16.54 7.79 -42.53
CA LEU B 231 -15.39 8.21 -41.74
C LEU B 231 -15.45 7.62 -40.34
N SER B 232 -16.63 7.62 -39.72
CA SER B 232 -16.77 7.04 -38.40
C SER B 232 -16.61 5.51 -38.43
N SER B 233 -17.04 4.87 -39.51
CA SER B 233 -16.82 3.43 -39.64
C SER B 233 -15.34 3.11 -39.74
N LEU B 234 -14.58 3.93 -40.47
CA LEU B 234 -13.15 3.73 -40.59
C LEU B 234 -12.47 3.85 -39.23
N TYR B 235 -12.83 4.87 -38.47
CA TYR B 235 -12.22 5.07 -37.16
C TYR B 235 -12.54 3.93 -36.21
N SER B 236 -13.78 3.44 -36.25
CA SER B 236 -14.13 2.27 -35.45
C SER B 236 -13.35 1.04 -35.90
N GLU B 237 -13.19 0.89 -37.21
CA GLU B 237 -12.36 -0.21 -37.73
C GLU B 237 -10.90 0.00 -37.38
N MET B 238 -10.45 1.25 -37.33
CA MET B 238 -9.07 1.54 -36.96
C MET B 238 -8.77 1.12 -35.52
N GLN B 239 -9.74 1.29 -34.62
CA GLN B 239 -9.56 0.81 -33.26
C GLN B 239 -9.35 -0.70 -33.24
N LYS B 240 -10.20 -1.43 -33.97
CA LYS B 240 -10.10 -2.88 -34.01
C LYS B 240 -8.77 -3.33 -34.62
N MET B 241 -8.31 -2.62 -35.66
CA MET B 241 -7.00 -2.92 -36.21
C MET B 241 -5.92 -2.72 -35.17
N ASN B 242 -6.03 -1.65 -34.37
CA ASN B 242 -5.07 -1.42 -33.31
C ASN B 242 -5.15 -2.50 -32.24
N GLU B 243 -6.37 -2.96 -31.92
CA GLU B 243 -6.52 -4.00 -30.92
C GLU B 243 -6.02 -5.37 -31.39
N LEU B 244 -5.82 -5.54 -32.70
CA LEU B 244 -5.37 -6.81 -33.26
C LEU B 244 -3.95 -6.76 -33.78
N GLU B 245 -3.64 -5.82 -34.67
CA GLU B 245 -2.29 -5.70 -35.19
C GLU B 245 -1.30 -5.34 -34.09
N ASN B 246 -1.67 -4.41 -33.22
CA ASN B 246 -0.82 -4.01 -32.10
C ASN B 246 -1.11 -4.85 -30.86
N LYS B 247 -2.39 -4.99 -30.50
CA LYS B 247 -2.82 -5.77 -29.35
C LYS B 247 -2.15 -5.24 -28.07
N ALA B 248 -2.53 -4.01 -27.73
CA ALA B 248 -2.04 -3.36 -26.52
C ALA B 248 -3.02 -3.52 -25.36
N GLU B 249 -4.24 -3.00 -25.50
CA GLU B 249 -5.26 -2.99 -24.46
C GLU B 249 -6.57 -2.48 -25.03
N PRO B 250 -7.72 -3.01 -24.60
CA PRO B 250 -9.00 -2.41 -25.00
C PRO B 250 -9.07 -0.95 -24.54
N GLY B 251 -9.60 -0.10 -25.42
CA GLY B 251 -9.66 1.32 -25.15
C GLY B 251 -8.37 2.07 -25.43
N THR B 252 -7.38 1.42 -26.04
CA THR B 252 -6.13 2.10 -26.36
C THR B 252 -6.35 3.17 -27.43
N HIS B 253 -5.67 4.29 -27.27
CA HIS B 253 -5.81 5.41 -28.19
C HIS B 253 -4.91 5.23 -29.41
N LEU B 254 -5.36 5.76 -30.54
CA LEU B 254 -4.52 5.86 -31.73
C LEU B 254 -3.65 7.10 -31.60
N CYS B 255 -2.96 7.49 -32.68
CA CYS B 255 -2.18 8.71 -32.62
C CYS B 255 -3.10 9.90 -32.47
N ILE B 256 -2.65 10.89 -31.69
CA ILE B 256 -3.54 11.95 -31.22
C ILE B 256 -4.09 12.76 -32.38
N ASP B 257 -3.34 12.90 -33.47
CA ASP B 257 -3.84 13.67 -34.61
C ASP B 257 -5.04 12.98 -35.25
N VAL B 258 -5.04 11.65 -35.27
CA VAL B 258 -6.21 10.91 -35.78
C VAL B 258 -7.38 11.04 -34.82
N GLU B 259 -7.14 10.89 -33.52
CA GLU B 259 -8.21 11.02 -32.54
C GLU B 259 -8.77 12.43 -32.52
N ASP B 260 -7.90 13.43 -32.60
CA ASP B 260 -8.37 14.82 -32.64
C ASP B 260 -9.17 15.09 -33.90
N ALA B 261 -8.80 14.44 -35.01
CA ALA B 261 -9.56 14.62 -36.25
C ALA B 261 -10.98 14.10 -36.10
N MET B 262 -11.15 12.95 -35.45
CA MET B 262 -12.49 12.42 -35.24
C MET B 262 -13.25 13.24 -34.20
N ASN B 263 -12.59 13.67 -33.14
CA ASN B 263 -13.28 14.46 -32.11
C ASN B 263 -13.74 15.80 -32.66
N ILE B 264 -12.97 16.39 -33.57
CA ILE B 264 -13.41 17.62 -34.23
C ILE B 264 -14.64 17.35 -35.07
N THR B 265 -14.65 16.23 -35.80
CA THR B 265 -15.81 15.88 -36.61
C THR B 265 -17.02 15.57 -35.74
N ARG B 266 -16.82 14.80 -34.67
CA ARG B 266 -17.94 14.45 -33.79
C ARG B 266 -18.50 15.69 -33.09
N LYS B 267 -17.63 16.56 -32.60
CA LYS B 267 -18.10 17.78 -31.96
C LYS B 267 -18.83 18.67 -32.96
N LEU B 268 -18.33 18.75 -34.19
CA LEU B 268 -19.02 19.50 -35.23
C LEU B 268 -20.37 18.88 -35.54
N TRP B 269 -20.43 17.55 -35.56
CA TRP B 269 -21.65 16.87 -36.00
C TRP B 269 -22.75 16.93 -34.96
N SER B 270 -22.41 16.84 -33.68
CA SER B 270 -23.41 16.69 -32.63
C SER B 270 -23.60 17.92 -31.76
N ARG B 271 -22.62 18.81 -31.68
CA ARG B 271 -22.70 19.97 -30.78
C ARG B 271 -23.05 21.25 -31.50
N THR B 272 -22.37 21.58 -32.59
CA THR B 272 -22.66 22.82 -33.31
C THR B 272 -23.74 22.63 -34.36
N PHE B 273 -23.65 21.55 -35.15
CA PHE B 273 -24.66 21.29 -36.17
C PHE B 273 -25.97 20.80 -35.57
N ASN B 274 -25.94 20.26 -34.35
CA ASN B 274 -27.13 19.81 -33.64
C ASN B 274 -27.94 18.82 -34.47
N CYS B 275 -27.23 17.94 -35.18
CA CYS B 275 -27.85 16.96 -36.06
C CYS B 275 -28.02 15.67 -35.29
N SER B 276 -29.20 15.48 -34.71
CA SER B 276 -29.52 14.31 -33.91
C SER B 276 -30.61 13.49 -34.58
N VAL B 277 -30.55 12.18 -34.39
CA VAL B 277 -31.50 11.25 -34.98
C VAL B 277 -32.63 11.02 -33.98
N PRO B 278 -33.86 11.40 -34.30
CA PRO B 278 -34.97 11.18 -33.36
C PRO B 278 -35.30 9.71 -33.21
N CYS B 279 -35.85 9.37 -32.05
CA CYS B 279 -36.27 8.01 -31.75
C CYS B 279 -37.77 8.00 -31.45
N SER B 280 -38.49 7.06 -32.07
CA SER B 280 -39.92 6.91 -31.85
C SER B 280 -40.25 5.59 -31.16
N ASP B 281 -39.28 4.99 -30.47
CA ASP B 281 -39.46 3.71 -29.82
C ASP B 281 -39.84 3.82 -28.35
N THR B 282 -40.14 5.04 -27.86
CA THR B 282 -40.48 5.21 -26.46
C THR B 282 -41.76 4.47 -26.11
N VAL B 283 -42.79 4.55 -26.96
CA VAL B 283 -44.06 3.90 -26.65
C VAL B 283 -43.93 2.38 -26.56
N PRO B 284 -43.33 1.68 -27.53
CA PRO B 284 -43.15 0.23 -27.35
C PRO B 284 -42.29 -0.12 -26.15
N VAL B 285 -41.30 0.69 -25.81
CA VAL B 285 -40.46 0.42 -24.65
C VAL B 285 -41.29 0.49 -23.37
N ILE B 286 -42.12 1.52 -23.23
CA ILE B 286 -42.96 1.66 -22.05
C ILE B 286 -43.95 0.51 -21.95
N ALA B 287 -44.54 0.13 -23.08
CA ALA B 287 -45.54 -0.94 -23.08
C ALA B 287 -44.93 -2.26 -22.63
N VAL B 288 -43.74 -2.59 -23.14
CA VAL B 288 -43.08 -3.82 -22.74
C VAL B 288 -42.60 -3.73 -21.30
N SER B 289 -42.02 -2.59 -20.91
CA SER B 289 -41.50 -2.44 -19.56
C SER B 289 -42.63 -2.52 -18.53
N VAL B 290 -43.75 -1.85 -18.79
CA VAL B 290 -44.87 -1.88 -17.86
C VAL B 290 -45.40 -3.30 -17.71
N PHE B 291 -45.50 -4.02 -18.84
CA PHE B 291 -45.99 -5.39 -18.78
C PHE B 291 -45.09 -6.28 -17.93
N ILE B 292 -43.77 -6.14 -18.08
CA ILE B 292 -42.85 -6.97 -17.31
C ILE B 292 -42.88 -6.58 -15.83
N LEU B 293 -42.87 -5.27 -15.55
CA LEU B 293 -42.94 -4.83 -14.16
C LEU B 293 -44.25 -5.23 -13.50
N PHE B 294 -45.31 -5.43 -14.27
CA PHE B 294 -46.60 -5.84 -13.74
C PHE B 294 -46.68 -7.33 -13.49
N LEU B 295 -45.75 -8.12 -14.03
CA LEU B 295 -45.77 -9.56 -13.80
C LEU B 295 -45.57 -9.94 -12.34
N PRO B 296 -44.57 -9.41 -11.61
CA PRO B 296 -44.44 -9.79 -10.20
C PRO B 296 -45.65 -9.40 -9.35
N VAL B 297 -46.35 -8.33 -9.71
CA VAL B 297 -47.55 -7.97 -8.98
C VAL B 297 -48.61 -9.05 -9.12
N VAL B 298 -48.78 -9.57 -10.34
CA VAL B 298 -49.74 -10.65 -10.55
C VAL B 298 -49.28 -11.91 -9.83
N PHE B 299 -47.99 -12.24 -9.93
CA PHE B 299 -47.49 -13.48 -9.34
C PHE B 299 -47.66 -13.47 -7.83
N TYR B 300 -47.33 -12.35 -7.18
CA TYR B 300 -47.45 -12.28 -5.73
C TYR B 300 -48.92 -12.23 -5.30
N LEU B 301 -49.75 -11.49 -6.05
CA LEU B 301 -51.17 -11.42 -5.71
C LEU B 301 -51.85 -12.76 -5.94
N SER B 302 -51.55 -13.43 -7.06
CA SER B 302 -52.19 -14.71 -7.35
C SER B 302 -51.81 -15.76 -6.32
N SER B 303 -50.55 -15.77 -5.89
CA SER B 303 -50.14 -16.71 -4.85
C SER B 303 -50.88 -16.47 -3.54
N PHE B 304 -51.02 -15.19 -3.16
CA PHE B 304 -51.76 -14.87 -1.95
C PHE B 304 -53.23 -15.23 -2.08
N LEU B 305 -53.84 -14.94 -3.23
CA LEU B 305 -55.26 -15.24 -3.42
C LEU B 305 -55.50 -16.75 -3.52
N HIS B 306 -54.59 -17.47 -4.18
CA HIS B 306 -54.75 -18.91 -4.29
C HIS B 306 -54.66 -19.59 -2.92
N SER B 307 -53.74 -19.12 -2.08
CA SER B 307 -53.58 -19.69 -0.75
C SER B 307 -54.58 -19.15 0.25
N GLU B 308 -55.40 -18.17 -0.13
CA GLU B 308 -56.43 -17.66 0.77
C GLU B 308 -57.42 -18.75 1.15
N GLN B 309 -57.84 -19.56 0.18
CA GLN B 309 -58.68 -20.72 0.43
C GLN B 309 -58.01 -21.95 -0.15
N LYS B 310 -57.75 -22.94 0.70
CA LYS B 310 -57.08 -24.19 0.32
C LYS B 310 -55.81 -23.95 -0.49
N ASN C 115 -29.12 -7.76 36.78
CA ASN C 115 -29.94 -7.71 35.58
C ASN C 115 -29.18 -7.05 34.45
N HIS C 116 -29.90 -6.67 33.38
CA HIS C 116 -29.26 -6.02 32.25
C HIS C 116 -28.68 -4.66 32.65
N THR C 117 -29.35 -3.95 33.55
CA THR C 117 -28.84 -2.65 33.98
C THR C 117 -27.50 -2.78 34.67
N ALA C 118 -27.34 -3.78 35.54
CA ALA C 118 -26.06 -3.99 36.20
C ALA C 118 -25.00 -4.46 35.21
N PHE C 119 -25.37 -5.37 34.30
CA PHE C 119 -24.41 -5.86 33.32
C PHE C 119 -23.95 -4.76 32.38
N ARG C 120 -24.88 -3.92 31.91
CA ARG C 120 -24.50 -2.86 31.00
C ARG C 120 -23.67 -1.80 31.70
N THR C 121 -23.96 -1.52 32.97
CA THR C 121 -23.16 -0.56 33.73
C THR C 121 -21.72 -1.05 33.86
N VAL C 122 -21.52 -2.34 34.15
CA VAL C 122 -20.18 -2.88 34.22
C VAL C 122 -19.53 -2.91 32.86
N GLU C 123 -20.29 -3.29 31.82
CA GLU C 123 -19.70 -3.46 30.50
C GLU C 123 -19.21 -2.14 29.93
N ILE C 124 -19.96 -1.06 30.10
CA ILE C 124 -19.51 0.23 29.56
C ILE C 124 -18.25 0.70 30.27
N LYS C 125 -18.12 0.42 31.56
CA LYS C 125 -16.90 0.79 32.27
C LYS C 125 -15.71 -0.02 31.80
N ARG C 126 -15.93 -1.28 31.40
CA ARG C 126 -14.86 -2.06 30.81
C ARG C 126 -14.37 -1.44 29.50
N TRP C 127 -15.31 -0.99 28.67
CA TRP C 127 -14.93 -0.35 27.41
C TRP C 127 -14.28 1.01 27.67
N VAL C 128 -14.76 1.73 28.68
CA VAL C 128 -14.15 3.01 29.04
C VAL C 128 -12.72 2.81 29.51
N ILE C 129 -12.49 1.81 30.36
CA ILE C 129 -11.15 1.54 30.86
C ILE C 129 -10.24 1.11 29.72
N CYS C 130 -10.71 0.18 28.88
CA CYS C 130 -9.90 -0.28 27.75
C CYS C 130 -9.67 0.81 26.72
N ALA C 131 -10.51 1.84 26.68
CA ALA C 131 -10.22 2.99 25.84
C ALA C 131 -9.08 3.81 26.43
N LEU C 132 -9.06 3.96 27.76
CA LEU C 132 -7.96 4.67 28.40
C LEU C 132 -6.66 3.89 28.29
N ILE C 133 -6.74 2.55 28.37
CA ILE C 133 -5.54 1.74 28.26
C ILE C 133 -4.88 1.94 26.90
N GLY C 134 -5.68 1.94 25.84
CA GLY C 134 -5.14 2.20 24.52
C GLY C 134 -4.61 3.62 24.37
N ILE C 135 -5.33 4.60 24.92
CA ILE C 135 -4.90 5.99 24.81
C ILE C 135 -3.60 6.20 25.56
N LEU C 136 -3.50 5.67 26.77
CA LEU C 136 -2.29 5.87 27.56
C LEU C 136 -1.12 5.07 27.02
N THR C 137 -1.38 3.87 26.49
CA THR C 137 -0.30 3.09 25.87
C THR C 137 0.27 3.81 24.65
N GLY C 138 -0.60 4.41 23.85
CA GLY C 138 -0.12 5.21 22.73
C GLY C 138 0.64 6.44 23.17
N LEU C 139 0.18 7.09 24.24
CA LEU C 139 0.88 8.27 24.76
C LEU C 139 2.26 7.90 25.28
N VAL C 140 2.37 6.77 25.97
CA VAL C 140 3.68 6.33 26.46
C VAL C 140 4.60 6.04 25.29
N ALA C 141 4.09 5.41 24.24
CA ALA C 141 4.89 5.19 23.04
C ALA C 141 5.30 6.52 22.40
N CYS C 142 4.42 7.51 22.41
CA CYS C 142 4.78 8.83 21.93
C CYS C 142 5.88 9.45 22.78
N PHE C 143 5.76 9.31 24.11
CA PHE C 143 6.78 9.86 25.00
C PHE C 143 8.12 9.19 24.79
N ILE C 144 8.13 7.87 24.64
CA ILE C 144 9.38 7.15 24.40
C ILE C 144 10.00 7.57 23.08
N ASP C 145 9.18 7.66 22.03
CA ASP C 145 9.70 7.99 20.71
C ASP C 145 10.22 9.42 20.66
N ILE C 146 9.49 10.36 21.28
CA ILE C 146 9.88 11.77 21.22
C ILE C 146 11.15 12.00 22.03
N VAL C 147 11.21 11.45 23.24
CA VAL C 147 12.38 11.67 24.10
C VAL C 147 13.62 11.00 23.51
N VAL C 148 13.48 9.77 23.01
CA VAL C 148 14.62 9.08 22.42
C VAL C 148 15.13 9.83 21.21
N GLU C 149 14.23 10.32 20.36
CA GLU C 149 14.64 11.04 19.16
C GLU C 149 15.40 12.31 19.52
N ASN C 150 14.94 13.04 20.54
CA ASN C 150 15.59 14.28 20.93
C ASN C 150 16.91 14.01 21.64
N LEU C 151 16.94 13.02 22.52
CA LEU C 151 18.17 12.74 23.28
C LEU C 151 19.24 12.13 22.39
N ALA C 152 18.86 11.18 21.53
CA ALA C 152 19.84 10.57 20.62
C ALA C 152 20.36 11.61 19.63
N GLY C 153 19.48 12.50 19.14
CA GLY C 153 19.94 13.55 18.26
C GLY C 153 20.94 14.47 18.92
N LEU C 154 20.69 14.84 20.18
CA LEU C 154 21.63 15.67 20.91
C LEU C 154 22.95 14.95 21.12
N LYS C 155 22.89 13.65 21.46
CA LYS C 155 24.11 12.88 21.67
C LYS C 155 24.93 12.75 20.39
N TYR C 156 24.26 12.47 19.27
CA TYR C 156 24.99 12.28 18.02
C TYR C 156 25.51 13.59 17.46
N ARG C 157 24.82 14.70 17.71
CA ARG C 157 25.35 15.99 17.30
C ARG C 157 26.63 16.33 18.05
N VAL C 158 26.68 16.00 19.34
CA VAL C 158 27.90 16.23 20.12
C VAL C 158 29.04 15.36 19.60
N ILE C 159 28.75 14.08 19.34
CA ILE C 159 29.78 13.16 18.86
C ILE C 159 30.24 13.57 17.47
N LYS C 160 29.29 13.88 16.57
CA LYS C 160 29.66 14.27 15.22
C LYS C 160 30.46 15.57 15.23
N GLY C 161 30.05 16.54 16.04
CA GLY C 161 30.78 17.79 16.12
C GLY C 161 32.20 17.59 16.65
N ASN C 162 32.36 16.73 17.65
CA ASN C 162 33.70 16.46 18.18
C ASN C 162 34.57 15.73 17.16
N ILE C 163 33.98 14.77 16.43
CA ILE C 163 34.75 14.03 15.44
C ILE C 163 35.20 14.96 14.32
N ASP C 164 34.31 15.84 13.86
CA ASP C 164 34.65 16.76 12.79
C ASP C 164 35.75 17.73 13.21
N LYS C 165 35.72 18.16 14.47
CA LYS C 165 36.76 19.07 14.95
C LYS C 165 38.13 18.40 14.97
N PHE C 166 38.19 17.14 15.38
CA PHE C 166 39.45 16.42 15.52
C PHE C 166 39.87 15.69 14.25
N THR C 167 39.04 15.68 13.21
CA THR C 167 39.37 14.91 12.01
C THR C 167 40.62 15.46 11.32
N GLU C 168 40.72 16.79 11.20
CA GLU C 168 41.85 17.40 10.52
C GLU C 168 42.90 17.96 11.48
N LYS C 169 42.49 18.41 12.67
CA LYS C 169 43.45 18.93 13.63
C LYS C 169 44.21 17.80 14.32
N GLY C 170 43.57 16.67 14.53
CA GLY C 170 44.19 15.54 15.19
C GLY C 170 43.60 15.30 16.57
N GLY C 171 43.78 14.07 17.05
CA GLY C 171 43.25 13.70 18.35
C GLY C 171 41.91 12.98 18.26
N LEU C 172 41.77 12.09 17.29
CA LEU C 172 40.53 11.33 17.15
C LEU C 172 40.35 10.32 18.26
N SER C 173 41.41 9.98 18.99
CA SER C 173 41.26 9.09 20.14
C SER C 173 40.38 9.73 21.21
N PHE C 174 40.40 11.07 21.31
CA PHE C 174 39.50 11.75 22.23
C PHE C 174 38.05 11.63 21.80
N SER C 175 37.80 11.62 20.48
CA SER C 175 36.45 11.41 19.99
C SER C 175 35.94 10.02 20.36
N LEU C 176 36.82 9.01 20.27
CA LEU C 176 36.44 7.68 20.70
C LEU C 176 36.15 7.64 22.19
N LEU C 177 36.98 8.32 23.00
CA LEU C 177 36.75 8.36 24.43
C LEU C 177 35.44 9.07 24.76
N LEU C 178 35.15 10.16 24.07
CA LEU C 178 33.90 10.86 24.31
C LEU C 178 32.70 10.00 23.93
N TRP C 179 32.78 9.28 22.82
CA TRP C 179 31.70 8.39 22.42
C TRP C 179 31.49 7.28 23.43
N ALA C 180 32.58 6.65 23.88
CA ALA C 180 32.47 5.59 24.87
C ALA C 180 31.94 6.12 26.20
N THR C 181 32.41 7.29 26.62
CA THR C 181 31.95 7.87 27.87
C THR C 181 30.48 8.25 27.80
N LEU C 182 30.04 8.83 26.68
CA LEU C 182 28.64 9.16 26.52
C LEU C 182 27.75 7.92 26.55
N ASN C 183 28.19 6.86 25.86
CA ASN C 183 27.45 5.60 25.91
C ASN C 183 27.43 5.02 27.33
N ALA C 184 28.57 5.06 28.01
CA ALA C 184 28.64 4.51 29.36
C ALA C 184 27.80 5.32 30.34
N ALA C 185 27.82 6.65 30.21
CA ALA C 185 27.10 7.50 31.16
C ALA C 185 25.60 7.27 31.09
N PHE C 186 25.05 7.16 29.88
CA PHE C 186 23.62 6.92 29.73
C PHE C 186 23.23 5.55 30.25
N VAL C 187 24.01 4.52 29.90
CA VAL C 187 23.72 3.16 30.37
C VAL C 187 23.96 3.04 31.87
N LEU C 188 24.88 3.83 32.42
CA LEU C 188 25.09 3.82 33.86
C LEU C 188 23.81 4.15 34.61
N VAL C 189 23.12 5.21 34.19
CA VAL C 189 21.83 5.54 34.79
C VAL C 189 20.78 4.50 34.44
N GLY C 190 20.78 4.04 33.19
CA GLY C 190 19.78 3.08 32.76
C GLY C 190 19.94 1.71 33.38
N SER C 191 21.14 1.37 33.82
CA SER C 191 21.38 0.07 34.44
C SER C 191 21.31 0.12 35.95
N VAL C 192 21.67 1.25 36.57
CA VAL C 192 21.60 1.37 38.02
C VAL C 192 20.15 1.28 38.48
N ILE C 193 19.24 1.97 37.79
CA ILE C 193 17.84 1.96 38.21
C ILE C 193 17.23 0.57 38.02
N VAL C 194 17.64 -0.16 37.00
CA VAL C 194 17.08 -1.49 36.77
C VAL C 194 17.69 -2.50 37.75
N ALA C 195 19.01 -2.46 37.93
CA ALA C 195 19.66 -3.48 38.74
C ALA C 195 19.41 -3.29 40.22
N PHE C 196 19.34 -2.03 40.67
CA PHE C 196 19.26 -1.75 42.10
C PHE C 196 17.85 -1.51 42.60
N ILE C 197 16.97 -0.91 41.80
CA ILE C 197 15.64 -0.56 42.27
C ILE C 197 14.65 -1.65 41.92
N GLU C 198 14.46 -1.93 40.63
CA GLU C 198 13.47 -2.89 40.17
C GLU C 198 14.10 -3.83 39.17
N PRO C 199 14.66 -4.95 39.63
CA PRO C 199 15.24 -5.93 38.70
C PRO C 199 14.23 -6.53 37.73
N VAL C 200 12.94 -6.50 38.06
CA VAL C 200 11.93 -7.08 37.19
C VAL C 200 11.84 -6.33 35.87
N ALA C 201 12.24 -5.06 35.85
CA ALA C 201 12.19 -4.26 34.63
C ALA C 201 13.24 -4.66 33.60
N ALA C 202 14.18 -5.53 33.98
CA ALA C 202 15.23 -5.95 33.05
C ALA C 202 14.64 -6.73 31.89
N GLY C 203 15.27 -6.58 30.73
CA GLY C 203 14.82 -7.26 29.53
C GLY C 203 13.59 -6.58 28.93
N SER C 204 13.05 -7.24 27.90
CA SER C 204 11.85 -6.73 27.26
C SER C 204 10.62 -6.89 28.12
N GLY C 205 10.67 -7.75 29.14
CA GLY C 205 9.55 -7.97 30.02
C GLY C 205 8.47 -8.87 29.45
N ILE C 206 8.63 -9.35 28.22
CA ILE C 206 7.62 -10.24 27.64
C ILE C 206 7.49 -11.54 28.43
N PRO C 207 8.58 -12.25 28.76
CA PRO C 207 8.40 -13.49 29.55
C PRO C 207 7.68 -13.28 30.86
N GLN C 208 7.90 -12.14 31.52
CA GLN C 208 7.13 -11.82 32.72
C GLN C 208 5.66 -11.61 32.39
N ILE C 209 5.37 -10.94 31.28
CA ILE C 209 3.98 -10.72 30.87
C ILE C 209 3.34 -12.03 30.44
N LYS C 210 4.08 -12.87 29.72
CA LYS C 210 3.57 -14.18 29.33
C LYS C 210 3.22 -15.01 30.55
N CYS C 211 4.07 -14.96 31.58
CA CYS C 211 3.77 -15.69 32.81
C CYS C 211 2.53 -15.13 33.51
N PHE C 212 2.37 -13.81 33.51
CA PHE C 212 1.18 -13.22 34.12
C PHE C 212 -0.08 -13.64 33.40
N LEU C 213 -0.08 -13.61 32.07
CA LEU C 213 -1.24 -14.09 31.32
C LEU C 213 -1.41 -15.60 31.49
N ASN C 214 -0.31 -16.32 31.70
CA ASN C 214 -0.43 -17.75 31.98
C ASN C 214 -1.18 -17.99 33.28
N GLY C 215 -0.86 -17.22 34.32
CA GLY C 215 -1.57 -17.35 35.58
C GLY C 215 -0.68 -17.23 36.80
N VAL C 216 0.63 -17.27 36.60
CA VAL C 216 1.60 -17.17 37.69
C VAL C 216 2.02 -15.72 37.86
N LYS C 217 1.94 -15.22 39.09
CA LYS C 217 2.24 -13.83 39.40
C LYS C 217 3.68 -13.69 39.86
N ILE C 218 4.49 -12.99 39.08
CA ILE C 218 5.86 -12.65 39.47
C ILE C 218 5.79 -11.35 40.25
N PRO C 219 6.53 -11.20 41.34
CA PRO C 219 6.47 -9.96 42.12
C PRO C 219 6.93 -8.75 41.31
N HIS C 220 6.25 -7.62 41.52
CA HIS C 220 6.67 -6.31 41.00
C HIS C 220 6.74 -6.30 39.47
N VAL C 221 5.69 -6.80 38.82
CA VAL C 221 5.63 -6.76 37.37
C VAL C 221 4.63 -5.69 36.92
N VAL C 222 3.59 -5.48 37.72
CA VAL C 222 2.52 -4.58 37.32
C VAL C 222 2.39 -3.43 38.32
N ARG C 223 3.51 -3.03 38.91
CA ARG C 223 3.53 -1.88 39.80
C ARG C 223 3.88 -0.62 39.02
N LEU C 224 3.37 0.52 39.50
CA LEU C 224 3.60 1.79 38.82
C LEU C 224 5.09 2.14 38.79
N LYS C 225 5.85 1.70 39.79
CA LYS C 225 7.28 1.94 39.79
C LYS C 225 7.95 1.21 38.63
N THR C 226 7.47 0.01 38.30
CA THR C 226 8.06 -0.75 37.19
C THR C 226 7.87 -0.01 35.87
N LEU C 227 6.69 0.59 35.66
CA LEU C 227 6.45 1.33 34.43
C LEU C 227 7.39 2.52 34.30
N VAL C 228 7.59 3.25 35.40
CA VAL C 228 8.48 4.41 35.36
C VAL C 228 9.90 3.98 35.02
N ILE C 229 10.38 2.91 35.67
CA ILE C 229 11.74 2.43 35.42
C ILE C 229 11.85 1.82 34.03
N LYS C 230 10.83 1.07 33.60
CA LYS C 230 10.86 0.47 32.27
C LYS C 230 10.93 1.52 31.18
N VAL C 231 10.12 2.58 31.30
CA VAL C 231 10.16 3.64 30.30
C VAL C 231 11.46 4.41 30.38
N SER C 232 11.90 4.76 31.59
CA SER C 232 13.17 5.45 31.75
C SER C 232 14.33 4.55 31.34
N GLY C 233 14.27 3.27 31.69
CA GLY C 233 15.35 2.37 31.34
C GLY C 233 15.50 2.18 29.84
N VAL C 234 14.38 2.04 29.13
CA VAL C 234 14.44 1.84 27.69
C VAL C 234 14.90 3.10 26.99
N ILE C 235 14.58 4.27 27.53
CA ILE C 235 15.04 5.53 26.93
C ILE C 235 16.55 5.65 27.08
N LEU C 236 17.07 5.40 28.29
CA LEU C 236 18.50 5.50 28.52
C LEU C 236 19.28 4.41 27.80
N SER C 237 18.70 3.20 27.71
CA SER C 237 19.39 2.10 27.04
C SER C 237 19.52 2.36 25.54
N VAL C 238 18.47 2.88 24.91
CA VAL C 238 18.52 3.19 23.49
C VAL C 238 19.44 4.37 23.23
N VAL C 239 19.31 5.43 24.04
CA VAL C 239 20.21 6.57 23.93
C VAL C 239 21.63 6.17 24.28
N GLY C 240 21.78 5.18 25.16
CA GLY C 240 23.09 4.71 25.57
C GLY C 240 23.86 3.98 24.50
N GLY C 241 23.28 3.78 23.31
CA GLY C 241 23.98 3.18 22.20
C GLY C 241 24.02 1.68 22.19
N LEU C 242 23.34 1.02 23.13
CA LEU C 242 23.31 -0.43 23.14
C LEU C 242 22.57 -0.95 21.90
N ALA C 243 23.00 -2.12 21.42
CA ALA C 243 22.36 -2.74 20.27
C ALA C 243 21.02 -3.33 20.69
N VAL C 244 20.04 -2.47 20.96
CA VAL C 244 18.75 -2.87 21.48
C VAL C 244 17.66 -2.15 20.70
N GLY C 245 16.42 -2.51 20.99
CA GLY C 245 15.27 -1.86 20.40
C GLY C 245 14.26 -1.48 21.47
N LYS C 246 13.57 -0.38 21.22
CA LYS C 246 12.58 0.13 22.17
C LYS C 246 11.19 -0.45 21.96
N GLU C 247 10.98 -1.24 20.90
CA GLU C 247 9.65 -1.75 20.61
C GLU C 247 9.27 -2.88 21.57
N GLY C 248 10.24 -3.70 21.95
CA GLY C 248 9.99 -4.82 22.82
C GLY C 248 9.42 -4.47 24.19
N PRO C 249 10.09 -3.56 24.91
CA PRO C 249 9.58 -3.16 26.23
C PRO C 249 8.23 -2.48 26.19
N MET C 250 7.79 -1.99 25.02
CA MET C 250 6.49 -1.33 24.94
C MET C 250 5.36 -2.28 25.30
N ILE C 251 5.57 -3.58 25.09
CA ILE C 251 4.56 -4.56 25.47
C ILE C 251 4.41 -4.62 26.98
N HIS C 252 5.53 -4.60 27.69
CA HIS C 252 5.47 -4.58 29.16
C HIS C 252 4.85 -3.30 29.67
N SER C 253 5.16 -2.17 29.03
CA SER C 253 4.64 -0.89 29.48
C SER C 253 3.11 -0.86 29.40
N GLY C 254 2.55 -1.39 28.31
CA GLY C 254 1.11 -1.42 28.18
C GLY C 254 0.43 -2.27 29.25
N SER C 255 1.06 -3.39 29.62
CA SER C 255 0.50 -4.25 30.65
C SER C 255 0.44 -3.56 32.01
N VAL C 256 1.49 -2.82 32.35
CA VAL C 256 1.51 -2.13 33.64
C VAL C 256 0.46 -1.02 33.67
N ILE C 257 0.30 -0.30 32.55
CA ILE C 257 -0.74 0.72 32.48
C ILE C 257 -2.12 0.09 32.66
N ALA C 258 -2.34 -1.05 32.04
CA ALA C 258 -3.64 -1.72 32.13
C ALA C 258 -3.94 -2.16 33.56
N ALA C 259 -2.94 -2.69 34.27
CA ALA C 259 -3.13 -3.20 35.62
C ALA C 259 -3.19 -2.09 36.67
N GLY C 260 -2.87 -0.85 36.31
CA GLY C 260 -2.92 0.24 37.26
C GLY C 260 -4.12 1.13 37.04
N ILE C 261 -4.48 1.35 35.77
CA ILE C 261 -5.64 2.18 35.45
C ILE C 261 -6.92 1.47 35.87
N SER C 262 -6.98 0.16 35.71
CA SER C 262 -8.15 -0.63 36.07
C SER C 262 -8.48 -0.52 37.55
N PHE C 279 -13.55 -3.41 39.66
CA PHE C 279 -12.72 -4.26 38.81
C PHE C 279 -11.45 -4.65 39.52
N ARG C 280 -11.46 -4.53 40.85
CA ARG C 280 -10.30 -4.84 41.69
C ARG C 280 -10.34 -6.32 42.06
N ARG C 281 -10.19 -7.17 41.05
CA ARG C 281 -10.21 -8.61 41.24
C ARG C 281 -9.34 -9.25 40.17
N ASP C 282 -8.94 -10.50 40.45
CA ASP C 282 -7.96 -11.17 39.60
C ASP C 282 -8.51 -11.46 38.21
N THR C 283 -9.77 -11.90 38.13
CA THR C 283 -10.32 -12.30 36.84
C THR C 283 -10.38 -11.13 35.86
N GLU C 284 -10.83 -9.96 36.33
CA GLU C 284 -10.89 -8.80 35.45
C GLU C 284 -9.52 -8.24 35.16
N LYS C 285 -8.61 -8.29 36.15
CA LYS C 285 -7.29 -7.69 35.97
C LYS C 285 -6.51 -8.39 34.87
N ARG C 286 -6.61 -9.73 34.80
CA ARG C 286 -5.92 -10.46 33.73
C ARG C 286 -6.46 -10.07 32.37
N ASP C 287 -7.78 -9.87 32.26
CA ASP C 287 -8.36 -9.44 31.00
C ASP C 287 -7.85 -8.07 30.58
N PHE C 288 -7.76 -7.13 31.53
CA PHE C 288 -7.24 -5.81 31.20
C PHE C 288 -5.77 -5.88 30.80
N VAL C 289 -4.98 -6.68 31.51
CA VAL C 289 -3.56 -6.81 31.19
C VAL C 289 -3.39 -7.36 29.78
N SER C 290 -4.26 -8.30 29.38
CA SER C 290 -4.22 -8.80 28.01
C SER C 290 -4.50 -7.68 27.01
N ALA C 291 -5.45 -6.80 27.33
CA ALA C 291 -5.71 -5.66 26.47
C ALA C 291 -4.51 -4.72 26.43
N GLY C 292 -3.88 -4.50 27.58
CA GLY C 292 -2.70 -3.65 27.61
C GLY C 292 -1.54 -4.22 26.83
N ALA C 293 -1.29 -5.52 26.97
CA ALA C 293 -0.24 -6.16 26.18
C ALA C 293 -0.55 -6.10 24.70
N ALA C 294 -1.82 -6.32 24.33
CA ALA C 294 -2.22 -6.19 22.93
C ALA C 294 -2.04 -4.76 22.44
N ALA C 295 -2.39 -3.78 23.27
CA ALA C 295 -2.19 -2.38 22.90
C ALA C 295 -0.72 -2.05 22.75
N GLY C 296 0.14 -2.66 23.57
CA GLY C 296 1.57 -2.45 23.43
C GLY C 296 2.11 -2.99 22.13
N VAL C 297 1.67 -4.19 21.73
CA VAL C 297 2.09 -4.75 20.45
C VAL C 297 1.62 -3.89 19.30
N SER C 298 0.37 -3.42 19.37
CA SER C 298 -0.17 -2.58 18.31
C SER C 298 0.60 -1.27 18.19
N ALA C 299 0.93 -0.64 19.32
CA ALA C 299 1.69 0.60 19.28
C ALA C 299 3.11 0.36 18.79
N ALA C 300 3.74 -0.74 19.22
CA ALA C 300 5.13 -0.98 18.88
C ALA C 300 5.32 -1.17 17.38
N PHE C 301 4.42 -1.91 16.73
CA PHE C 301 4.61 -2.29 15.34
C PHE C 301 3.52 -1.79 14.40
N GLY C 302 2.51 -1.10 14.91
CA GLY C 302 1.41 -0.68 14.05
C GLY C 302 0.60 -1.84 13.52
N ALA C 303 0.39 -2.87 14.34
CA ALA C 303 -0.33 -4.08 13.94
C ALA C 303 -1.41 -4.36 14.98
N PRO C 304 -2.53 -3.65 14.90
CA PRO C 304 -3.61 -3.89 15.87
C PRO C 304 -4.14 -5.31 15.86
N VAL C 305 -4.23 -5.94 14.69
CA VAL C 305 -4.67 -7.32 14.63
C VAL C 305 -3.63 -8.26 15.22
N GLY C 306 -2.36 -7.99 14.94
CA GLY C 306 -1.29 -8.80 15.51
C GLY C 306 -1.26 -8.72 17.03
N GLY C 307 -1.58 -7.56 17.58
CA GLY C 307 -1.66 -7.44 19.03
C GLY C 307 -2.77 -8.29 19.62
N VAL C 308 -3.92 -8.31 18.95
CA VAL C 308 -5.04 -9.14 19.42
C VAL C 308 -4.67 -10.61 19.37
N LEU C 309 -3.99 -11.03 18.30
CA LEU C 309 -3.50 -12.40 18.21
C LEU C 309 -2.51 -12.70 19.33
N PHE C 310 -1.62 -11.75 19.63
CA PHE C 310 -0.66 -11.95 20.70
C PHE C 310 -1.35 -12.18 22.04
N SER C 311 -2.39 -11.40 22.33
CA SER C 311 -3.13 -11.60 23.57
C SER C 311 -3.92 -12.91 23.55
N LEU C 312 -4.31 -13.38 22.35
CA LEU C 312 -5.15 -14.56 22.27
C LEU C 312 -4.37 -15.84 22.59
N GLU C 313 -3.19 -16.01 21.98
CA GLU C 313 -2.43 -17.24 22.20
C GLU C 313 -1.84 -17.30 23.60
N GLU C 314 -1.35 -16.17 24.09
CA GLU C 314 -0.82 -16.14 25.46
C GLU C 314 -1.94 -16.36 26.48
N GLY C 315 -3.16 -15.96 26.17
CA GLY C 315 -4.29 -16.26 27.02
C GLY C 315 -4.64 -17.73 26.99
N ALA C 316 -4.90 -18.25 25.79
CA ALA C 316 -5.21 -19.66 25.57
C ALA C 316 -6.37 -20.12 26.45
N SER C 317 -7.43 -19.32 26.48
CA SER C 317 -8.61 -19.59 27.29
C SER C 317 -9.81 -19.75 26.36
N PHE C 318 -10.99 -19.88 26.98
CA PHE C 318 -12.23 -19.98 26.22
C PHE C 318 -12.47 -18.70 25.44
N TRP C 319 -13.07 -18.84 24.27
CA TRP C 319 -13.34 -17.69 23.41
C TRP C 319 -14.38 -16.79 24.06
N ASN C 320 -14.00 -15.53 24.29
CA ASN C 320 -14.91 -14.53 24.82
C ASN C 320 -15.07 -13.45 23.76
N GLN C 321 -16.29 -13.33 23.22
CA GLN C 321 -16.53 -12.37 22.15
C GLN C 321 -16.33 -10.94 22.63
N PHE C 322 -16.86 -10.62 23.82
CA PHE C 322 -16.74 -9.26 24.32
C PHE C 322 -15.31 -8.93 24.74
N LEU C 323 -14.63 -9.87 25.39
CA LEU C 323 -13.24 -9.62 25.80
C LEU C 323 -12.35 -9.40 24.59
N THR C 324 -12.50 -10.24 23.56
CA THR C 324 -11.73 -10.05 22.34
C THR C 324 -12.13 -8.76 21.64
N TRP C 325 -13.36 -8.30 21.84
CA TRP C 325 -13.80 -7.05 21.24
C TRP C 325 -13.11 -5.85 21.88
N ARG C 326 -13.09 -5.80 23.22
CA ARG C 326 -12.45 -4.69 23.90
C ARG C 326 -10.93 -4.76 23.81
N ILE C 327 -10.37 -5.95 23.61
CA ILE C 327 -8.94 -6.05 23.29
C ILE C 327 -8.65 -5.42 21.94
N PHE C 328 -9.49 -5.71 20.95
CA PHE C 328 -9.34 -5.07 19.63
C PHE C 328 -9.56 -3.57 19.72
N PHE C 329 -10.54 -3.14 20.53
CA PHE C 329 -10.77 -1.71 20.68
C PHE C 329 -9.56 -1.01 21.29
N ALA C 330 -8.96 -1.62 22.31
CA ALA C 330 -7.77 -1.04 22.92
C ALA C 330 -6.60 -1.06 21.95
N SER C 331 -6.45 -2.14 21.18
CA SER C 331 -5.33 -2.23 20.24
C SER C 331 -5.41 -1.17 19.16
N MET C 332 -6.62 -0.93 18.62
CA MET C 332 -6.74 0.03 17.55
C MET C 332 -6.73 1.47 18.06
N ILE C 333 -7.23 1.71 19.28
CA ILE C 333 -7.09 3.03 19.88
C ILE C 333 -5.62 3.34 20.12
N SER C 334 -4.84 2.34 20.52
CA SER C 334 -3.44 2.55 20.86
C SER C 334 -2.64 3.01 19.64
N THR C 335 -2.84 2.36 18.50
CA THR C 335 -2.07 2.73 17.31
C THR C 335 -2.56 4.05 16.72
N PHE C 336 -3.84 4.38 16.90
CA PHE C 336 -4.33 5.67 16.43
C PHE C 336 -3.76 6.80 17.27
N THR C 337 -3.70 6.63 18.59
CA THR C 337 -3.15 7.67 19.45
C THR C 337 -1.69 7.94 19.14
N LEU C 338 -0.91 6.88 18.91
CA LEU C 338 0.48 7.05 18.50
C LEU C 338 0.57 7.78 17.17
N ASN C 339 -0.27 7.38 16.20
CA ASN C 339 -0.25 8.02 14.89
C ASN C 339 -0.69 9.47 14.98
N PHE C 340 -1.75 9.75 15.77
CA PHE C 340 -2.28 11.10 15.84
C PHE C 340 -1.32 12.06 16.54
N VAL C 341 -0.81 11.65 17.70
CA VAL C 341 0.02 12.56 18.50
C VAL C 341 1.35 12.83 17.81
N LEU C 342 1.94 11.79 17.20
CA LEU C 342 3.17 12.01 16.45
C LEU C 342 2.95 12.92 15.25
N SER C 343 1.76 12.86 14.65
CA SER C 343 1.47 13.73 13.51
C SER C 343 1.48 15.20 13.91
N ILE C 344 0.88 15.53 15.05
CA ILE C 344 0.90 16.92 15.51
C ILE C 344 2.30 17.31 15.96
N TYR C 345 3.10 16.34 16.41
CA TYR C 345 4.49 16.64 16.76
C TYR C 345 5.29 17.04 15.52
N HIS C 346 5.02 16.40 14.39
CA HIS C 346 5.70 16.73 13.14
C HIS C 346 5.02 17.87 12.39
N GLY C 347 3.87 18.35 12.87
CA GLY C 347 3.16 19.43 12.21
C GLY C 347 2.30 18.96 11.06
N ASN C 348 2.62 17.77 10.53
CA ASN C 348 1.94 17.19 9.38
C ASN C 348 0.64 16.47 9.77
N MET C 349 -0.23 17.24 10.44
CA MET C 349 -1.52 16.72 10.91
C MET C 349 -2.32 16.07 9.78
N TRP C 350 -2.25 16.61 8.58
CA TRP C 350 -2.93 16.06 7.41
C TRP C 350 -2.27 14.79 6.89
N ASP C 351 -1.35 14.19 7.63
CA ASP C 351 -0.65 12.98 7.18
C ASP C 351 -0.48 12.07 8.39
N LEU C 352 -1.01 10.86 8.31
CA LEU C 352 -0.88 9.87 9.37
C LEU C 352 -0.09 8.69 8.81
N SER C 353 1.23 8.78 8.89
CA SER C 353 2.12 7.76 8.35
C SER C 353 2.99 7.10 9.41
N SER C 354 2.59 7.16 10.67
CA SER C 354 3.33 6.55 11.77
C SER C 354 2.38 5.72 12.63
N PRO C 355 1.84 4.63 12.07
CA PRO C 355 0.93 3.79 12.87
C PRO C 355 1.61 3.05 14.01
N GLY C 356 2.94 2.91 13.96
CA GLY C 356 3.66 2.21 15.00
C GLY C 356 5.02 2.85 15.21
N LEU C 357 5.76 2.33 16.20
CA LEU C 357 7.09 2.85 16.48
C LEU C 357 8.04 2.57 15.31
N ILE C 358 7.90 1.42 14.66
CA ILE C 358 8.65 1.08 13.47
C ILE C 358 7.68 0.93 12.31
N ASN C 359 7.94 1.66 11.23
CA ASN C 359 7.09 1.65 10.04
C ASN C 359 7.91 1.12 8.87
N PHE C 360 7.52 -0.04 8.35
CA PHE C 360 8.28 -0.69 7.29
C PHE C 360 8.27 0.10 5.98
N GLY C 361 7.23 0.90 5.75
CA GLY C 361 7.10 1.60 4.50
C GLY C 361 6.03 0.99 3.61
N ARG C 362 6.13 1.22 2.31
CA ARG C 362 5.15 0.72 1.35
C ARG C 362 5.84 -0.21 0.37
N PHE C 363 5.30 -1.42 0.21
CA PHE C 363 5.86 -2.44 -0.67
C PHE C 363 5.06 -2.57 -1.95
N ASP C 364 4.56 -1.46 -2.48
CA ASP C 364 3.75 -1.47 -3.69
C ASP C 364 4.62 -1.13 -4.91
N SER C 365 5.55 -2.03 -5.18
CA SER C 365 6.50 -1.83 -6.28
C SER C 365 6.56 -3.09 -7.13
N GLU C 366 6.71 -2.88 -8.44
CA GLU C 366 6.94 -4.01 -9.34
C GLU C 366 8.26 -4.70 -9.02
N LYS C 367 9.23 -3.96 -8.48
CA LYS C 367 10.45 -4.57 -7.98
C LYS C 367 10.15 -5.52 -6.82
N MET C 368 9.23 -5.11 -5.94
CA MET C 368 8.84 -5.93 -4.79
C MET C 368 7.71 -6.89 -5.20
N ALA C 369 8.01 -7.72 -6.19
CA ALA C 369 7.10 -8.76 -6.67
C ALA C 369 7.87 -10.06 -6.83
N TYR C 370 7.24 -11.16 -6.42
CA TYR C 370 7.89 -12.46 -6.44
C TYR C 370 7.11 -13.43 -7.32
N THR C 371 7.80 -14.47 -7.76
CA THR C 371 7.22 -15.54 -8.57
C THR C 371 7.22 -16.83 -7.77
N ILE C 372 6.64 -17.88 -8.37
CA ILE C 372 6.61 -19.18 -7.72
C ILE C 372 8.00 -19.79 -7.67
N HIS C 373 8.87 -19.44 -8.63
CA HIS C 373 10.22 -20.00 -8.66
C HIS C 373 11.08 -19.56 -7.49
N GLU C 374 10.73 -18.45 -6.85
CA GLU C 374 11.50 -17.97 -5.70
C GLU C 374 11.05 -18.61 -4.38
N ILE C 375 9.99 -19.41 -4.39
CA ILE C 375 9.55 -20.06 -3.15
C ILE C 375 10.61 -20.97 -2.57
N PRO C 376 11.28 -21.85 -3.33
CA PRO C 376 12.38 -22.62 -2.73
C PRO C 376 13.51 -21.77 -2.22
N VAL C 377 13.78 -20.62 -2.85
CA VAL C 377 14.82 -19.72 -2.36
C VAL C 377 14.43 -19.16 -1.00
N PHE C 378 13.16 -18.78 -0.83
CA PHE C 378 12.71 -18.25 0.44
C PHE C 378 12.76 -19.31 1.53
N ILE C 379 12.48 -20.57 1.18
CA ILE C 379 12.61 -21.65 2.15
C ILE C 379 14.07 -21.80 2.59
N ALA C 380 15.00 -21.61 1.66
CA ALA C 380 16.41 -21.66 2.01
C ALA C 380 16.78 -20.56 3.00
N MET C 381 16.22 -19.37 2.82
CA MET C 381 16.49 -18.28 3.75
C MET C 381 15.99 -18.62 5.15
N GLY C 382 14.85 -19.29 5.25
CA GLY C 382 14.36 -19.72 6.54
C GLY C 382 15.32 -20.69 7.22
N VAL C 383 15.98 -21.54 6.45
CA VAL C 383 16.99 -22.43 7.01
C VAL C 383 18.15 -21.62 7.57
N VAL C 384 18.59 -20.60 6.84
CA VAL C 384 19.65 -19.72 7.32
C VAL C 384 19.19 -18.96 8.56
N GLY C 385 17.97 -18.43 8.53
CA GLY C 385 17.45 -17.74 9.70
C GLY C 385 17.30 -18.66 10.91
N GLY C 386 16.86 -19.90 10.66
CA GLY C 386 16.76 -20.85 11.75
C GLY C 386 18.11 -21.23 12.33
N VAL C 387 19.11 -21.42 11.46
CA VAL C 387 20.44 -21.78 11.93
C VAL C 387 21.07 -20.61 12.67
N LEU C 388 21.00 -19.41 12.09
CA LEU C 388 21.54 -18.23 12.77
C LEU C 388 20.79 -17.94 14.05
N GLY C 389 19.47 -18.09 14.04
CA GLY C 389 18.70 -17.89 15.26
C GLY C 389 19.08 -18.88 16.34
N ALA C 390 19.32 -20.13 15.97
CA ALA C 390 19.75 -21.12 16.93
C ALA C 390 21.13 -20.78 17.50
N VAL C 391 22.04 -20.32 16.66
CA VAL C 391 23.35 -19.88 17.14
C VAL C 391 23.20 -18.66 18.03
N PHE C 392 22.32 -17.74 17.66
CA PHE C 392 22.04 -16.57 18.50
C PHE C 392 21.55 -17.01 19.88
N ASN C 393 20.64 -17.99 19.92
CA ASN C 393 20.14 -18.47 21.19
C ASN C 393 21.16 -19.33 21.92
N ALA C 394 21.98 -20.09 21.19
CA ALA C 394 22.97 -20.94 21.82
C ALA C 394 24.03 -20.12 22.55
N LEU C 395 24.57 -19.09 21.88
CA LEU C 395 25.54 -18.22 22.53
C LEU C 395 24.91 -17.47 23.70
N ASN C 396 23.69 -16.98 23.51
CA ASN C 396 23.00 -16.28 24.60
C ASN C 396 22.66 -17.20 25.76
N TYR C 397 22.43 -18.48 25.50
CA TYR C 397 22.17 -19.42 26.59
C TYR C 397 23.42 -19.63 27.43
N TRP C 398 24.56 -19.90 26.80
CA TRP C 398 25.80 -20.08 27.53
C TRP C 398 26.20 -18.79 28.24
N LEU C 399 26.00 -17.65 27.59
CA LEU C 399 26.28 -16.37 28.21
C LEU C 399 25.40 -16.13 29.43
N THR C 400 24.12 -16.50 29.34
CA THR C 400 23.21 -16.34 30.47
C THR C 400 23.64 -17.20 31.65
N MET C 401 24.09 -18.42 31.39
CA MET C 401 24.56 -19.28 32.47
C MET C 401 25.78 -18.68 33.15
N PHE C 402 26.68 -18.08 32.38
CA PHE C 402 27.83 -17.39 32.98
C PHE C 402 27.38 -16.23 33.85
N ARG C 403 26.43 -15.43 33.37
CA ARG C 403 25.99 -14.26 34.11
C ARG C 403 25.27 -14.65 35.40
N ILE C 404 24.49 -15.73 35.37
CA ILE C 404 23.79 -16.17 36.58
C ILE C 404 24.78 -16.61 37.64
N ARG C 405 25.81 -17.36 37.24
CA ARG C 405 26.74 -17.89 38.22
C ARG C 405 27.66 -16.80 38.78
N TYR C 406 28.12 -15.89 37.93
CA TYR C 406 29.19 -14.98 38.31
C TYR C 406 28.82 -13.51 38.34
N ILE C 407 27.80 -13.09 37.59
CA ILE C 407 27.45 -11.68 37.50
C ILE C 407 26.08 -11.46 38.13
N HIS C 408 25.77 -12.20 39.19
CA HIS C 408 24.48 -12.06 39.85
C HIS C 408 24.42 -10.87 40.81
N ARG C 409 25.57 -10.37 41.27
CA ARG C 409 25.55 -9.23 42.17
C ARG C 409 25.15 -7.96 41.43
N PRO C 410 24.26 -7.14 41.98
CA PRO C 410 23.78 -5.96 41.24
C PRO C 410 24.88 -5.00 40.83
N CYS C 411 25.94 -4.88 41.63
CA CYS C 411 27.05 -4.01 41.25
C CYS C 411 27.74 -4.54 39.98
N LEU C 412 27.90 -5.85 39.87
CA LEU C 412 28.56 -6.42 38.70
C LEU C 412 27.69 -6.27 37.45
N GLN C 413 26.37 -6.38 37.59
CA GLN C 413 25.49 -6.20 36.45
C GLN C 413 25.59 -4.79 35.89
N VAL C 414 25.68 -3.79 36.76
CA VAL C 414 25.83 -2.41 36.32
C VAL C 414 27.16 -2.23 35.59
N ILE C 415 28.24 -2.79 36.13
CA ILE C 415 29.55 -2.67 35.50
C ILE C 415 29.55 -3.37 34.14
N GLU C 416 28.93 -4.55 34.06
CA GLU C 416 28.87 -5.27 32.80
C GLU C 416 28.13 -4.49 31.74
N ALA C 417 26.98 -3.89 32.11
CA ALA C 417 26.22 -3.10 31.15
C ALA C 417 27.00 -1.89 30.68
N VAL C 418 27.74 -1.25 31.58
CA VAL C 418 28.56 -0.10 31.21
C VAL C 418 29.67 -0.54 30.26
N LEU C 419 30.30 -1.67 30.53
CA LEU C 419 31.39 -2.14 29.68
C LEU C 419 30.89 -2.50 28.28
N VAL C 420 29.70 -3.10 28.19
CA VAL C 420 29.15 -3.42 26.88
C VAL C 420 28.89 -2.15 26.09
N ALA C 421 28.37 -1.11 26.74
CA ALA C 421 28.12 0.16 26.06
C ALA C 421 29.43 0.78 25.58
N ALA C 422 30.47 0.73 26.39
CA ALA C 422 31.76 1.26 25.98
C ALA C 422 32.33 0.46 24.81
N VAL C 423 32.20 -0.86 24.85
CA VAL C 423 32.71 -1.70 23.77
C VAL C 423 31.92 -1.47 22.50
N THR C 424 30.60 -1.29 22.62
CA THR C 424 29.78 -1.04 21.45
C THR C 424 30.21 0.22 20.71
N ALA C 425 30.49 1.29 21.46
CA ALA C 425 31.01 2.51 20.83
C ALA C 425 32.40 2.28 20.25
N THR C 426 33.24 1.53 20.95
CA THR C 426 34.60 1.28 20.48
C THR C 426 34.61 0.46 19.19
N VAL C 427 33.80 -0.60 19.15
CA VAL C 427 33.74 -1.43 17.93
C VAL C 427 33.16 -0.61 16.77
N ALA C 428 32.14 0.19 17.04
CA ALA C 428 31.57 1.04 16.00
C ALA C 428 32.60 2.04 15.49
N PHE C 429 33.37 2.65 16.40
CA PHE C 429 34.37 3.61 15.97
C PHE C 429 35.47 2.95 15.16
N VAL C 430 35.90 1.75 15.56
CA VAL C 430 36.96 1.05 14.84
C VAL C 430 36.51 0.71 13.42
N LEU C 431 35.27 0.23 13.28
CA LEU C 431 34.76 -0.06 11.95
C LEU C 431 34.64 1.20 11.12
N ILE C 432 34.16 2.30 11.72
CA ILE C 432 34.07 3.57 11.01
C ILE C 432 35.45 4.08 10.65
N TYR C 433 36.41 4.00 11.58
CA TYR C 433 37.75 4.49 11.32
C TYR C 433 38.42 3.71 10.18
N SER C 434 38.27 2.39 10.18
CA SER C 434 38.92 1.54 9.19
C SER C 434 38.12 1.43 7.90
N SER C 435 36.92 1.99 7.83
CA SER C 435 36.11 1.91 6.63
C SER C 435 36.63 2.87 5.57
N ARG C 436 36.97 2.34 4.41
CA ARG C 436 37.49 3.13 3.30
C ARG C 436 36.45 3.40 2.22
N ASP C 437 35.19 3.04 2.48
CA ASP C 437 34.12 3.20 1.51
C ASP C 437 33.16 4.28 1.99
N CYS C 438 33.00 5.33 1.19
CA CYS C 438 32.05 6.39 1.46
C CYS C 438 31.50 6.91 0.14
N GLN C 439 30.22 7.26 0.14
CA GLN C 439 29.50 7.68 -1.05
C GLN C 439 28.74 8.95 -0.77
N PRO C 440 28.40 9.72 -1.80
CA PRO C 440 27.83 11.06 -1.58
C PRO C 440 26.48 11.01 -0.86
N LEU C 441 26.19 12.11 -0.16
CA LEU C 441 24.97 12.22 0.62
C LEU C 441 23.74 12.16 -0.29
N GLN C 442 22.76 11.36 0.12
CA GLN C 442 21.48 11.29 -0.56
C GLN C 442 20.50 12.24 0.10
N GLY C 443 19.21 12.12 -0.24
CA GLY C 443 18.21 12.98 0.37
C GLY C 443 18.07 12.73 1.86
N GLY C 444 17.97 11.47 2.26
CA GLY C 444 17.81 11.12 3.67
C GLY C 444 18.61 9.91 4.09
N SER C 445 19.75 9.68 3.45
CA SER C 445 20.56 8.50 3.75
C SER C 445 21.10 8.55 5.18
N MET C 446 21.57 9.71 5.61
CA MET C 446 22.09 9.90 6.96
C MET C 446 21.31 11.00 7.66
N SER C 447 20.97 10.77 8.94
CA SER C 447 20.49 11.85 9.77
C SER C 447 21.64 12.74 10.24
N TYR C 448 22.80 12.14 10.49
CA TYR C 448 24.01 12.86 10.90
C TYR C 448 25.15 12.39 10.02
N PRO C 449 25.28 12.95 8.81
CA PRO C 449 26.34 12.49 7.89
C PRO C 449 27.72 12.80 8.45
N LEU C 450 28.52 11.75 8.58
CA LEU C 450 29.87 11.85 9.14
C LEU C 450 30.89 11.68 8.02
N GLN C 451 31.65 12.74 7.75
CA GLN C 451 32.74 12.69 6.79
C GLN C 451 34.04 12.41 7.54
N LEU C 452 34.73 11.35 7.15
CA LEU C 452 35.94 10.94 7.85
C LEU C 452 36.92 10.35 6.84
N PHE C 453 38.02 11.05 6.60
CA PHE C 453 39.17 10.59 5.83
C PHE C 453 38.92 10.41 4.34
N CYS C 454 37.75 10.74 3.83
CA CYS C 454 37.53 10.66 2.40
C CYS C 454 37.07 12.02 1.86
N ALA C 455 36.79 12.03 0.56
CA ALA C 455 36.65 13.27 -0.19
C ALA C 455 35.51 14.12 0.35
N ASP C 456 35.66 15.43 0.18
CA ASP C 456 34.60 16.36 0.56
C ASP C 456 33.36 16.11 -0.26
N GLY C 457 32.20 16.24 0.37
CA GLY C 457 30.94 15.95 -0.27
C GLY C 457 30.54 14.49 -0.21
N GLU C 458 31.40 13.63 0.34
CA GLU C 458 31.11 12.22 0.55
C GLU C 458 31.16 11.93 2.03
N TYR C 459 30.34 10.99 2.47
CA TYR C 459 30.22 10.68 3.89
C TYR C 459 30.32 9.18 4.10
N ASN C 460 30.90 8.80 5.25
CA ASN C 460 31.18 7.41 5.54
C ASN C 460 29.91 6.57 5.52
N SER C 461 29.94 5.46 4.79
CA SER C 461 28.80 4.56 4.74
C SER C 461 28.67 3.76 6.03
N MET C 462 29.80 3.31 6.59
CA MET C 462 29.76 2.56 7.84
C MET C 462 29.27 3.42 9.00
N ALA C 463 29.60 4.72 8.99
CA ALA C 463 29.11 5.62 10.02
C ALA C 463 27.59 5.70 9.98
N ALA C 464 27.00 5.72 8.78
CA ALA C 464 25.56 5.77 8.64
C ALA C 464 24.91 4.54 9.25
N ALA C 465 25.59 3.40 9.21
CA ALA C 465 25.03 2.18 9.79
C ALA C 465 24.87 2.30 11.30
N PHE C 466 25.82 2.94 11.97
CA PHE C 466 25.80 3.04 13.43
C PHE C 466 25.12 4.32 13.91
N PHE C 467 25.29 5.43 13.19
CA PHE C 467 24.70 6.68 13.63
C PHE C 467 23.19 6.67 13.47
N ASN C 468 22.68 6.10 12.39
CA ASN C 468 21.25 6.04 12.17
C ASN C 468 20.59 5.11 13.18
N THR C 469 19.33 5.40 13.49
CA THR C 469 18.57 4.54 14.37
C THR C 469 18.36 3.18 13.70
N PRO C 470 18.31 2.10 14.49
CA PRO C 470 18.11 0.77 13.89
C PRO C 470 16.82 0.66 13.10
N GLU C 471 15.77 1.37 13.50
CA GLU C 471 14.54 1.36 12.70
C GLU C 471 14.76 2.01 11.35
N LYS C 472 15.51 3.12 11.31
CA LYS C 472 15.81 3.76 10.04
C LYS C 472 16.68 2.86 9.15
N SER C 473 17.64 2.15 9.75
CA SER C 473 18.48 1.25 8.97
C SER C 473 17.66 0.12 8.35
N VAL C 474 16.70 -0.43 9.10
CA VAL C 474 15.86 -1.49 8.57
C VAL C 474 15.03 -0.99 7.39
N VAL C 475 14.45 0.21 7.53
CA VAL C 475 13.63 0.77 6.45
C VAL C 475 14.47 0.99 5.20
N SER C 476 15.67 1.55 5.37
CA SER C 476 16.53 1.79 4.21
C SER C 476 16.92 0.48 3.53
N LEU C 477 17.21 -0.56 4.32
CA LEU C 477 17.52 -1.85 3.74
C LEU C 477 16.34 -2.42 2.96
N PHE C 478 15.13 -2.25 3.48
CA PHE C 478 13.94 -2.76 2.79
C PHE C 478 13.71 -2.03 1.47
N HIS C 479 13.82 -0.70 1.47
CA HIS C 479 13.53 0.12 0.31
C HIS C 479 14.80 0.87 -0.07
N ASP C 480 15.56 0.32 -1.02
CA ASP C 480 16.75 0.97 -1.54
C ASP C 480 17.02 0.40 -2.93
N PRO C 481 17.47 1.23 -3.88
CA PRO C 481 17.82 0.70 -5.19
C PRO C 481 18.98 -0.25 -5.09
N PRO C 482 19.03 -1.26 -5.96
CA PRO C 482 20.16 -2.20 -5.93
C PRO C 482 21.49 -1.48 -6.15
N GLY C 483 22.53 -1.98 -5.48
CA GLY C 483 23.82 -1.35 -5.53
C GLY C 483 24.02 -0.22 -4.54
N SER C 484 23.06 0.03 -3.66
CA SER C 484 23.20 1.09 -2.67
C SER C 484 24.14 0.70 -1.54
N TYR C 485 24.27 -0.60 -1.26
CA TYR C 485 25.08 -1.08 -0.15
C TYR C 485 26.28 -1.85 -0.69
N ASN C 486 27.47 -1.45 -0.24
CA ASN C 486 28.67 -2.23 -0.54
C ASN C 486 28.65 -3.49 0.31
N PRO C 487 28.80 -4.68 -0.29
CA PRO C 487 28.71 -5.91 0.51
C PRO C 487 29.74 -6.00 1.62
N LEU C 488 30.92 -5.40 1.45
CA LEU C 488 31.95 -5.50 2.47
C LEU C 488 31.55 -4.78 3.76
N THR C 489 31.10 -3.52 3.64
CA THR C 489 30.72 -2.78 4.83
C THR C 489 29.43 -3.33 5.43
N LEU C 490 28.49 -3.78 4.60
CA LEU C 490 27.28 -4.40 5.11
C LEU C 490 27.59 -5.73 5.79
N GLY C 491 28.51 -6.50 5.21
CA GLY C 491 28.88 -7.76 5.82
C GLY C 491 29.61 -7.58 7.15
N LEU C 492 30.51 -6.61 7.22
CA LEU C 492 31.20 -6.33 8.47
C LEU C 492 30.23 -5.85 9.54
N PHE C 493 29.28 -4.98 9.16
CA PHE C 493 28.30 -4.52 10.12
C PHE C 493 27.42 -5.67 10.61
N THR C 494 27.00 -6.55 9.71
CA THR C 494 26.14 -7.66 10.09
C THR C 494 26.83 -8.59 11.08
N LEU C 495 28.09 -8.93 10.80
CA LEU C 495 28.81 -9.84 11.70
C LEU C 495 29.03 -9.21 13.06
N VAL C 496 29.40 -7.93 13.10
CA VAL C 496 29.64 -7.26 14.37
C VAL C 496 28.33 -7.06 15.14
N TYR C 497 27.29 -6.62 14.45
CA TYR C 497 26.01 -6.36 15.12
C TYR C 497 25.38 -7.65 15.60
N PHE C 498 25.63 -8.77 14.92
CA PHE C 498 25.07 -10.04 15.35
C PHE C 498 25.58 -10.43 16.74
N PHE C 499 26.88 -10.28 16.95
CA PHE C 499 27.46 -10.64 18.25
C PHE C 499 27.23 -9.57 19.30
N LEU C 500 27.16 -8.29 18.90
CA LEU C 500 26.83 -7.24 19.85
C LEU C 500 25.41 -7.41 20.38
N ALA C 501 24.46 -7.72 19.48
CA ALA C 501 23.08 -7.95 19.91
C ALA C 501 22.97 -9.18 20.79
N CYS C 502 23.69 -10.25 20.45
CA CYS C 502 23.68 -11.44 21.29
C CYS C 502 24.28 -11.15 22.66
N TRP C 503 25.38 -10.40 22.70
CA TRP C 503 26.00 -10.05 23.96
C TRP C 503 25.14 -9.10 24.78
N THR C 504 24.44 -8.18 24.10
CA THR C 504 23.65 -7.17 24.81
C THR C 504 22.43 -7.78 25.47
N TYR C 505 21.82 -8.80 24.85
CA TYR C 505 20.69 -9.46 25.48
C TYR C 505 21.13 -10.19 26.74
N GLY C 506 20.36 -10.06 27.80
CA GLY C 506 20.72 -10.58 29.10
C GLY C 506 21.27 -9.53 30.05
N LEU C 507 21.63 -8.36 29.54
CA LEU C 507 22.07 -7.26 30.39
C LEU C 507 20.92 -6.81 31.28
N THR C 508 21.27 -6.34 32.47
CA THR C 508 20.27 -5.84 33.42
C THR C 508 19.84 -4.42 33.04
N VAL C 509 19.27 -4.32 31.84
CA VAL C 509 18.70 -3.08 31.33
C VAL C 509 17.35 -3.39 30.72
N SER C 510 16.50 -2.37 30.64
CA SER C 510 15.18 -2.49 30.03
C SER C 510 15.34 -2.29 28.53
N ALA C 511 15.25 -3.38 27.77
CA ALA C 511 15.49 -3.31 26.34
C ALA C 511 14.93 -4.55 25.67
N GLY C 512 14.57 -4.39 24.39
CA GLY C 512 14.03 -5.48 23.60
C GLY C 512 15.07 -6.07 22.65
N VAL C 513 14.62 -7.09 21.91
CA VAL C 513 15.47 -7.80 20.97
C VAL C 513 14.83 -7.91 19.59
N PHE C 514 13.59 -7.46 19.41
CA PHE C 514 12.93 -7.58 18.12
C PHE C 514 13.63 -6.74 17.06
N ILE C 515 13.88 -5.47 17.37
CA ILE C 515 14.54 -4.59 16.39
C ILE C 515 15.95 -5.06 16.06
N PRO C 516 16.82 -5.42 17.01
CA PRO C 516 18.11 -6.00 16.62
C PRO C 516 17.97 -7.24 15.77
N SER C 517 17.00 -8.09 16.09
CA SER C 517 16.75 -9.27 15.25
C SER C 517 16.29 -8.86 13.85
N LEU C 518 15.45 -7.84 13.77
CA LEU C 518 15.03 -7.34 12.47
C LEU C 518 16.20 -6.76 11.70
N LEU C 519 17.07 -6.00 12.37
CA LEU C 519 18.21 -5.39 11.70
C LEU C 519 19.20 -6.44 11.22
N ILE C 520 19.46 -7.46 12.04
CA ILE C 520 20.38 -8.52 11.64
C ILE C 520 19.84 -9.26 10.43
N GLY C 521 18.56 -9.62 10.45
CA GLY C 521 17.98 -10.35 9.33
C GLY C 521 17.93 -9.53 8.06
N ALA C 522 17.56 -8.25 8.17
CA ALA C 522 17.55 -7.39 6.99
C ALA C 522 18.95 -7.19 6.44
N ALA C 523 19.96 -7.17 7.31
CA ALA C 523 21.33 -6.95 6.85
C ALA C 523 21.82 -8.13 6.02
N TRP C 524 21.71 -9.36 6.54
CA TRP C 524 22.13 -10.52 5.77
C TRP C 524 21.14 -10.90 4.69
N GLY C 525 19.86 -10.56 4.86
CA GLY C 525 18.91 -10.76 3.79
C GLY C 525 19.23 -9.91 2.58
N ARG C 526 19.66 -8.66 2.81
CA ARG C 526 20.10 -7.80 1.71
C ARG C 526 21.36 -8.37 1.06
N LEU C 527 22.27 -8.91 1.87
CA LEU C 527 23.46 -9.56 1.30
C LEU C 527 23.07 -10.76 0.45
N PHE C 528 22.06 -11.52 0.89
CA PHE C 528 21.57 -12.62 0.08
C PHE C 528 21.02 -12.11 -1.25
N GLY C 529 20.27 -11.00 -1.22
CA GLY C 529 19.78 -10.42 -2.46
C GLY C 529 20.90 -9.90 -3.34
N ILE C 530 21.93 -9.33 -2.73
CA ILE C 530 23.08 -8.86 -3.50
C ILE C 530 23.78 -10.03 -4.17
N SER C 531 23.96 -11.13 -3.43
CA SER C 531 24.59 -12.32 -4.01
C SER C 531 23.76 -12.89 -5.15
N LEU C 532 22.44 -12.91 -5.00
CA LEU C 532 21.58 -13.46 -6.05
C LEU C 532 21.66 -12.61 -7.32
N SER C 533 21.69 -11.29 -7.18
CA SER C 533 21.80 -10.43 -8.34
C SER C 533 23.11 -10.66 -9.08
N TYR C 534 24.20 -10.84 -8.33
CA TYR C 534 25.49 -11.16 -8.95
C TYR C 534 25.45 -12.53 -9.62
N LEU C 535 24.83 -13.51 -8.98
CA LEU C 535 24.80 -14.87 -9.52
C LEU C 535 23.85 -15.01 -10.70
N THR C 536 22.80 -14.20 -10.77
CA THR C 536 21.81 -14.29 -11.83
C THR C 536 21.92 -13.15 -12.83
N GLY C 537 23.05 -12.46 -12.87
CA GLY C 537 23.27 -11.39 -13.82
C GLY C 537 22.33 -10.22 -13.68
N ALA C 538 22.13 -9.76 -12.45
CA ALA C 538 21.28 -8.61 -12.15
C ALA C 538 19.85 -8.83 -12.66
N ALA C 539 19.30 -9.98 -12.34
CA ALA C 539 17.94 -10.31 -12.75
C ALA C 539 16.94 -9.40 -12.01
N ILE C 540 15.80 -9.16 -12.66
CA ILE C 540 14.79 -8.28 -12.08
C ILE C 540 14.22 -8.88 -10.81
N TRP C 541 13.94 -10.19 -10.82
CA TRP C 541 13.35 -10.85 -9.66
C TRP C 541 14.29 -10.90 -8.46
N ALA C 542 15.58 -10.65 -8.66
CA ALA C 542 16.54 -10.68 -7.56
C ALA C 542 16.71 -9.29 -6.96
N ASP C 543 15.62 -8.77 -6.41
CA ASP C 543 15.64 -7.47 -5.75
C ASP C 543 16.20 -7.62 -4.35
N PRO C 544 17.30 -6.94 -4.02
CA PRO C 544 17.84 -7.05 -2.65
C PRO C 544 16.87 -6.60 -1.58
N GLY C 545 16.04 -5.60 -1.87
CA GLY C 545 15.09 -5.14 -0.88
C GLY C 545 14.05 -6.19 -0.52
N LYS C 546 13.59 -6.94 -1.51
CA LYS C 546 12.62 -8.01 -1.24
C LYS C 546 13.24 -9.09 -0.36
N TYR C 547 14.49 -9.46 -0.64
CA TYR C 547 15.15 -10.48 0.17
C TYR C 547 15.56 -9.95 1.54
N ALA C 548 15.72 -8.64 1.69
CA ALA C 548 15.93 -8.07 3.01
C ALA C 548 14.72 -8.31 3.91
N LEU C 549 13.51 -8.14 3.35
CA LEU C 549 12.31 -8.42 4.12
C LEU C 549 12.21 -9.90 4.49
N MET C 550 12.54 -10.78 3.55
CA MET C 550 12.54 -12.21 3.85
C MET C 550 13.60 -12.55 4.88
N GLY C 551 14.79 -11.95 4.76
CA GLY C 551 15.83 -12.19 5.76
C GLY C 551 15.45 -11.67 7.13
N ALA C 552 14.78 -10.52 7.19
CA ALA C 552 14.34 -9.98 8.47
C ALA C 552 13.35 -10.91 9.15
N ALA C 553 12.41 -11.47 8.39
CA ALA C 553 11.47 -12.42 8.95
C ALA C 553 12.17 -13.69 9.41
N ALA C 554 13.14 -14.17 8.63
CA ALA C 554 13.83 -15.41 8.98
C ALA C 554 14.58 -15.26 10.29
N GLN C 555 15.27 -14.14 10.50
CA GLN C 555 15.98 -13.93 11.75
C GLN C 555 15.01 -13.78 12.91
N LEU C 556 13.92 -13.03 12.71
CA LEU C 556 12.91 -12.91 13.75
C LEU C 556 12.29 -14.27 14.05
N GLY C 557 12.01 -15.06 13.00
CA GLY C 557 11.45 -16.38 13.23
C GLY C 557 12.39 -17.32 13.95
N GLY C 558 13.67 -17.31 13.56
CA GLY C 558 14.61 -18.24 14.16
C GLY C 558 15.03 -17.89 15.57
N ILE C 559 14.64 -16.72 16.07
CA ILE C 559 15.07 -16.23 17.37
C ILE C 559 13.94 -16.23 18.38
N VAL C 560 12.80 -15.61 18.04
CA VAL C 560 11.72 -15.46 19.00
C VAL C 560 10.81 -16.68 19.07
N ARG C 561 10.82 -17.54 18.06
CA ARG C 561 10.06 -18.78 18.02
C ARG C 561 8.57 -18.58 18.23
N MET C 562 8.06 -17.37 18.03
CA MET C 562 6.64 -17.08 18.09
C MET C 562 6.19 -16.74 16.67
N THR C 563 5.31 -17.56 16.10
CA THR C 563 5.10 -17.52 14.66
C THR C 563 3.76 -16.90 14.26
N LEU C 564 2.67 -17.26 14.93
CA LEU C 564 1.34 -16.81 14.51
C LEU C 564 1.23 -15.28 14.61
N SER C 565 1.41 -14.74 15.82
CA SER C 565 1.30 -13.30 16.00
C SER C 565 2.37 -12.56 15.22
N LEU C 566 3.56 -13.16 15.07
CA LEU C 566 4.60 -12.54 14.26
C LEU C 566 4.16 -12.45 12.80
N THR C 567 3.53 -13.51 12.28
CA THR C 567 3.15 -13.52 10.87
C THR C 567 2.16 -12.41 10.55
N VAL C 568 1.15 -12.22 11.41
CA VAL C 568 0.17 -11.16 11.19
C VAL C 568 0.82 -9.79 11.28
N ILE C 569 1.84 -9.65 12.13
CA ILE C 569 2.51 -8.37 12.30
C ILE C 569 3.20 -7.95 11.00
N MET C 570 3.87 -8.89 10.32
CA MET C 570 4.58 -8.55 9.09
C MET C 570 3.65 -8.06 8.01
N MET C 571 2.50 -8.73 7.80
CA MET C 571 1.57 -8.27 6.79
C MET C 571 1.03 -6.89 7.13
N GLU C 572 0.68 -6.66 8.39
CA GLU C 572 0.21 -5.34 8.79
C GLU C 572 1.32 -4.29 8.68
N ALA C 573 2.56 -4.69 8.95
CA ALA C 573 3.67 -3.76 8.79
C ALA C 573 3.96 -3.51 7.31
N THR C 574 3.98 -4.58 6.50
CA THR C 574 4.26 -4.44 5.08
C THR C 574 3.05 -3.96 4.29
N SER C 575 1.83 -4.11 4.83
CA SER C 575 0.60 -3.75 4.15
C SER C 575 0.50 -4.42 2.78
N ASN C 576 0.87 -5.70 2.72
CA ASN C 576 0.86 -6.48 1.49
C ASN C 576 0.43 -7.90 1.82
N VAL C 577 -0.79 -8.26 1.41
CA VAL C 577 -1.31 -9.59 1.69
C VAL C 577 -0.56 -10.65 0.90
N THR C 578 -0.20 -10.32 -0.35
CA THR C 578 0.48 -11.29 -1.21
C THR C 578 1.82 -11.73 -0.64
N TYR C 579 2.52 -10.82 0.06
CA TYR C 579 3.77 -11.18 0.72
C TYR C 579 3.58 -12.06 1.95
N GLY C 580 2.34 -12.28 2.39
CA GLY C 580 2.14 -13.13 3.55
C GLY C 580 2.60 -14.55 3.31
N PHE C 581 2.34 -15.09 2.13
CA PHE C 581 2.63 -16.50 1.88
C PHE C 581 4.12 -16.81 1.92
N PRO C 582 5.01 -16.08 1.22
CA PRO C 582 6.45 -16.33 1.43
C PRO C 582 6.90 -16.08 2.85
N ILE C 583 6.32 -15.07 3.51
CA ILE C 583 6.68 -14.77 4.89
C ILE C 583 6.28 -15.93 5.81
N MET C 584 5.05 -16.44 5.63
CA MET C 584 4.59 -17.55 6.45
C MET C 584 5.47 -18.78 6.26
N LEU C 585 5.86 -19.07 5.01
CA LEU C 585 6.76 -20.19 4.77
C LEU C 585 8.12 -19.95 5.41
N VAL C 586 8.64 -18.73 5.30
CA VAL C 586 9.96 -18.43 5.86
C VAL C 586 9.95 -18.59 7.38
N LEU C 587 8.91 -18.04 8.03
CA LEU C 587 8.82 -18.19 9.48
C LEU C 587 8.67 -19.65 9.89
N MET C 588 7.87 -20.41 9.14
N MET C 588 7.84 -20.41 9.17
CA MET C 588 7.61 -21.80 9.51
CA MET C 588 7.65 -21.81 9.52
C MET C 588 8.88 -22.63 9.49
C MET C 588 8.92 -22.61 9.35
N THR C 589 9.66 -22.53 8.42
N THR C 589 9.69 -22.33 8.30
CA THR C 589 10.89 -23.34 8.33
CA THR C 589 10.96 -23.01 8.10
C THR C 589 11.95 -22.84 9.30
C THR C 589 11.94 -22.68 9.21
N ALA C 590 11.98 -21.54 9.59
N ALA C 590 12.00 -21.42 9.64
CA ALA C 590 12.93 -21.02 10.55
CA ALA C 590 12.94 -21.00 10.66
C ALA C 590 12.63 -21.52 11.96
C ALA C 590 12.65 -21.66 12.00
N LYS C 591 11.35 -21.76 12.26
N LYS C 591 11.37 -21.80 12.34
CA LYS C 591 10.99 -22.25 13.60
CA LYS C 591 11.01 -22.38 13.63
C LYS C 591 11.34 -23.71 13.78
C LYS C 591 11.39 -23.85 13.72
N ILE C 592 10.96 -24.56 12.82
N ILE C 592 11.04 -24.64 12.70
CA ILE C 592 11.21 -25.99 12.97
CA ILE C 592 11.32 -26.06 12.75
C ILE C 592 12.70 -26.30 12.90
C ILE C 592 12.83 -26.32 12.64
N VAL C 593 13.47 -25.51 12.15
N VAL C 593 13.53 -25.54 11.82
CA VAL C 593 14.92 -25.70 12.13
CA VAL C 593 14.98 -25.68 11.72
C VAL C 593 15.52 -25.28 13.46
C VAL C 593 15.64 -25.27 13.03
N GLY C 594 15.10 -24.13 13.99
N GLY C 594 15.18 -24.18 13.63
CA GLY C 594 15.62 -23.67 15.26
CA GLY C 594 15.76 -23.73 14.88
C GLY C 594 15.21 -24.56 16.42
C GLY C 594 15.60 -24.74 16.01
N ASP C 595 13.97 -25.05 16.40
N ASP C 595 14.42 -25.35 16.11
CA ASP C 595 13.48 -25.89 17.49
CA ASP C 595 14.19 -26.33 17.15
C ASP C 595 14.23 -27.22 17.58
C ASP C 595 15.06 -27.57 16.96
N VAL C 596 14.94 -27.61 16.52
N VAL C 596 15.20 -28.03 15.71
CA VAL C 596 15.72 -28.84 16.57
CA VAL C 596 16.04 -29.19 15.43
C VAL C 596 16.83 -28.74 17.59
C VAL C 596 17.51 -28.86 15.71
N PHE C 597 17.52 -27.60 17.64
N PHE C 597 17.97 -27.70 15.25
CA PHE C 597 18.69 -27.44 18.50
CA PHE C 597 19.38 -27.34 15.43
C PHE C 597 18.32 -26.94 19.90
C PHE C 597 19.72 -27.07 16.89
N ILE C 598 17.71 -25.76 19.98
N ILE C 598 18.78 -26.51 17.65
CA ILE C 598 17.42 -25.12 21.26
CA ILE C 598 19.02 -26.29 19.07
C ILE C 598 16.01 -24.53 21.21
C ILE C 598 19.23 -27.61 19.79
N GLU C 599 15.46 -24.29 22.38
N GLU C 599 18.42 -28.62 19.46
CA GLU C 599 14.10 -23.79 22.51
CA GLU C 599 18.60 -29.94 20.05
C GLU C 599 14.08 -22.28 22.25
C GLU C 599 19.95 -30.53 19.64
N GLY C 600 12.94 -21.65 22.51
N GLY C 600 20.33 -30.37 18.37
CA GLY C 600 12.78 -20.24 22.22
CA GLY C 600 21.60 -30.91 17.91
C GLY C 600 13.63 -19.35 23.12
C GLY C 600 22.79 -30.25 18.57
N LEU C 601 13.95 -18.17 22.60
N LEU C 601 22.75 -28.92 18.71
CA LEU C 601 14.75 -17.21 23.35
CA LEU C 601 23.86 -28.21 19.35
C LEU C 601 13.99 -16.70 24.56
C LEU C 601 24.01 -28.63 20.81
N TYR C 602 12.72 -16.33 24.38
N TYR C 602 22.90 -28.75 21.53
CA TYR C 602 11.91 -15.92 25.51
CA TYR C 602 22.96 -29.16 22.92
C TYR C 602 11.50 -17.10 26.37
C TYR C 602 23.48 -30.60 23.06
N ASP C 603 11.28 -18.26 25.75
N ASP C 603 23.06 -31.49 22.15
CA ASP C 603 11.02 -19.47 26.53
CA ASP C 603 23.55 -32.85 22.18
C ASP C 603 12.24 -19.88 27.36
C ASP C 603 25.06 -32.90 21.92
N MET C 604 13.44 -19.51 26.90
N MET C 604 25.55 -32.08 20.99
CA MET C 604 14.64 -19.78 27.66
CA MET C 604 26.98 -32.04 20.71
C MET C 604 14.64 -19.03 29.00
C MET C 604 27.76 -31.55 21.93
N HIS C 605 14.23 -17.77 28.96
N HIS C 605 27.23 -30.55 22.62
CA HIS C 605 14.22 -16.93 30.16
CA HIS C 605 27.88 -30.02 23.82
C HIS C 605 13.01 -17.24 31.03
C HIS C 605 27.84 -31.03 24.96
N ASP D 79 -9.71 25.35 -37.03
CA ASP D 79 -8.61 26.22 -36.62
C ASP D 79 -9.09 27.32 -35.70
N LEU D 80 -8.15 27.97 -35.03
CA LEU D 80 -8.44 29.04 -34.09
C LEU D 80 -8.47 30.39 -34.82
N ASP D 81 -8.85 31.43 -34.07
CA ASP D 81 -8.88 32.76 -34.62
C ASP D 81 -7.45 33.25 -34.90
N PRO D 82 -7.28 34.14 -35.88
CA PRO D 82 -5.94 34.68 -36.13
C PRO D 82 -5.35 35.39 -34.92
N GLU D 83 -6.19 36.03 -34.11
CA GLU D 83 -5.73 36.61 -32.86
C GLU D 83 -5.50 35.56 -31.79
N CYS D 84 -6.06 34.35 -31.97
CA CYS D 84 -5.84 33.26 -31.05
C CYS D 84 -4.67 32.36 -31.46
N ARG D 85 -4.14 32.54 -32.66
CA ARG D 85 -2.97 31.82 -33.11
C ARG D 85 -1.67 32.56 -32.78
N GLU D 86 -1.79 33.82 -32.35
CA GLU D 86 -0.63 34.60 -31.94
C GLU D 86 -0.14 34.27 -30.53
N LEU D 87 -1.05 33.95 -29.62
CA LEU D 87 -0.63 33.50 -28.30
C LEU D 87 0.11 32.17 -28.38
N LEU D 88 -0.37 31.25 -29.22
CA LEU D 88 0.29 29.95 -29.36
C LEU D 88 1.63 30.09 -30.07
N LEU D 89 1.71 30.93 -31.10
CA LEU D 89 2.97 31.11 -31.82
C LEU D 89 4.02 31.78 -30.93
N ASP D 90 3.61 32.78 -30.14
CA ASP D 90 4.55 33.41 -29.22
C ASP D 90 5.02 32.41 -28.16
N PHE D 91 4.12 31.58 -27.65
CA PHE D 91 4.52 30.54 -26.71
C PHE D 91 5.38 29.48 -27.39
N ALA D 92 5.21 29.31 -28.71
CA ALA D 92 5.98 28.29 -29.43
C ALA D 92 7.46 28.65 -29.47
N ASN D 93 7.78 29.88 -29.90
CA ASN D 93 9.18 30.26 -30.00
C ASN D 93 9.79 30.53 -28.63
N SER D 94 8.97 30.94 -27.66
CA SER D 94 9.47 31.13 -26.30
C SER D 94 9.90 29.79 -25.69
N SER D 95 9.12 28.74 -25.90
CA SER D 95 9.51 27.42 -25.41
C SER D 95 10.65 26.84 -26.24
N ALA D 96 10.73 27.19 -27.52
CA ALA D 96 11.82 26.70 -28.35
C ALA D 96 13.16 27.24 -27.88
N GLU D 97 13.23 28.53 -27.56
CA GLU D 97 14.50 29.10 -27.13
C GLU D 97 14.84 28.73 -25.68
N LEU D 98 13.83 28.55 -24.82
CA LEU D 98 14.11 28.08 -23.47
C LEU D 98 14.70 26.67 -23.51
N THR D 99 14.15 25.80 -24.35
CA THR D 99 14.69 24.45 -24.48
C THR D 99 16.09 24.48 -25.06
N GLY D 100 16.39 25.44 -25.94
CA GLY D 100 17.73 25.56 -26.47
C GLY D 100 18.75 25.92 -25.39
N CYS D 101 18.40 26.86 -24.51
CA CYS D 101 19.31 27.24 -23.45
C CYS D 101 19.50 26.13 -22.44
N LEU D 102 18.42 25.38 -22.15
CA LEU D 102 18.53 24.30 -21.18
C LEU D 102 19.58 23.28 -21.59
N VAL D 103 19.70 23.01 -22.88
CA VAL D 103 20.67 22.03 -23.35
C VAL D 103 22.07 22.63 -23.39
N ARG D 104 22.22 23.80 -24.01
CA ARG D 104 23.55 24.37 -24.18
C ARG D 104 24.10 24.95 -22.88
N SER D 105 23.44 24.74 -21.76
CA SER D 105 23.91 25.15 -20.44
C SER D 105 23.78 24.01 -19.45
N ALA D 106 24.18 22.80 -19.87
CA ALA D 106 23.95 21.60 -19.09
C ALA D 106 25.22 20.92 -18.61
N ARG D 107 26.27 20.85 -19.44
CA ARG D 107 27.48 20.15 -19.02
C ARG D 107 28.19 20.89 -17.90
N PRO D 108 28.63 22.17 -18.07
CA PRO D 108 28.84 23.00 -16.89
C PRO D 108 27.52 23.66 -16.53
N VAL D 109 26.89 23.22 -15.43
CA VAL D 109 25.51 23.60 -15.19
C VAL D 109 25.45 25.10 -14.93
N ARG D 110 24.81 25.82 -15.84
CA ARG D 110 24.57 27.25 -15.72
C ARG D 110 23.10 27.56 -16.00
N LEU D 111 22.20 26.74 -15.46
CA LEU D 111 20.77 26.90 -15.71
C LEU D 111 20.27 28.24 -15.17
N CYS D 112 20.29 28.40 -13.86
CA CYS D 112 19.60 29.49 -13.21
C CYS D 112 20.28 30.85 -13.41
N GLN D 113 21.52 30.88 -13.92
CA GLN D 113 22.19 32.14 -14.14
C GLN D 113 22.26 32.57 -15.60
N THR D 114 22.05 31.66 -16.55
CA THR D 114 22.14 32.01 -17.95
C THR D 114 20.80 32.45 -18.52
N CYS D 115 19.75 31.66 -18.33
CA CYS D 115 18.44 31.94 -18.88
C CYS D 115 17.36 31.79 -17.82
N TYR D 116 17.57 32.42 -16.67
CA TYR D 116 16.44 32.67 -15.76
C TYR D 116 15.38 33.56 -16.39
N PRO D 117 15.69 34.63 -17.15
CA PRO D 117 14.60 35.38 -17.77
C PRO D 117 13.83 34.59 -18.81
N LEU D 118 14.48 33.67 -19.52
CA LEU D 118 13.79 32.89 -20.53
C LEU D 118 12.70 32.02 -19.91
N PHE D 119 12.98 31.44 -18.74
CA PHE D 119 11.91 30.74 -18.03
C PHE D 119 10.82 31.71 -17.58
N GLN D 120 11.22 32.90 -17.10
CA GLN D 120 10.23 33.90 -16.72
C GLN D 120 9.41 34.36 -17.92
N GLN D 121 10.07 34.50 -19.07
CA GLN D 121 9.34 34.86 -20.28
C GLN D 121 8.35 33.78 -20.68
N VAL D 122 8.72 32.51 -20.51
CA VAL D 122 7.83 31.41 -20.85
C VAL D 122 6.62 31.40 -19.92
N VAL D 123 6.85 31.52 -18.61
CA VAL D 123 5.74 31.46 -17.66
C VAL D 123 4.86 32.70 -17.78
N SER D 124 5.44 33.83 -18.21
CA SER D 124 4.62 35.01 -18.45
C SER D 124 3.75 34.84 -19.69
N LYS D 125 4.33 34.30 -20.77
CA LYS D 125 3.56 34.09 -21.99
C LYS D 125 2.48 33.04 -21.81
N MET D 126 2.76 32.01 -21.01
CA MET D 126 1.70 31.05 -20.67
C MET D 126 0.60 31.71 -19.86
N ASP D 127 0.96 32.58 -18.92
CA ASP D 127 -0.04 33.28 -18.13
C ASP D 127 -0.88 34.23 -18.98
N ASN D 128 -0.30 34.78 -20.04
CA ASN D 128 -1.07 35.61 -20.95
C ASN D 128 -2.23 34.83 -21.58
N ILE D 129 -1.97 33.57 -21.94
CA ILE D 129 -3.03 32.71 -22.45
C ILE D 129 -4.06 32.43 -21.37
N SER D 130 -3.60 32.21 -20.13
CA SER D 130 -4.52 31.94 -19.03
C SER D 130 -5.40 33.15 -18.74
N ARG D 131 -4.83 34.35 -18.82
CA ARG D 131 -5.59 35.58 -18.61
C ARG D 131 -6.68 35.73 -19.66
N SER D 141 -8.43 35.61 -24.15
CA SER D 141 -9.62 34.81 -24.41
C SER D 141 -9.28 33.61 -25.27
N CYS D 142 -8.24 32.87 -24.89
CA CYS D 142 -7.80 31.69 -25.61
C CYS D 142 -7.49 30.51 -24.72
N ALA D 143 -7.75 30.60 -23.42
CA ALA D 143 -7.43 29.50 -22.52
C ALA D 143 -8.25 28.26 -22.86
N ARG D 144 -9.53 28.44 -23.19
CA ARG D 144 -10.39 27.31 -23.47
C ARG D 144 -9.99 26.59 -24.74
N SER D 145 -9.53 27.32 -25.75
CA SER D 145 -9.23 26.76 -27.06
C SER D 145 -7.78 26.32 -27.22
N LEU D 146 -6.96 26.44 -26.18
CA LEU D 146 -5.55 26.09 -26.30
C LEU D 146 -5.07 25.16 -25.18
N LEU D 147 -5.69 25.26 -24.00
CA LEU D 147 -5.17 24.59 -22.82
C LEU D 147 -5.76 23.19 -22.64
N MET D 148 -7.08 23.11 -22.52
CA MET D 148 -7.77 21.85 -22.30
C MET D 148 -8.68 21.47 -23.48
N ALA D 149 -8.34 21.96 -24.67
CA ALA D 149 -9.16 21.72 -25.86
C ALA D 149 -9.00 20.32 -26.43
N ASP D 150 -8.05 19.52 -25.93
CA ASP D 150 -7.84 18.17 -26.46
C ASP D 150 -7.16 17.33 -25.40
N ARG D 151 -7.05 16.03 -25.68
CA ARG D 151 -6.49 15.10 -24.71
C ARG D 151 -5.00 15.37 -24.47
N MET D 152 -4.23 15.48 -25.55
CA MET D 152 -2.79 15.73 -25.44
C MET D 152 -2.59 17.23 -25.24
N GLN D 153 -2.66 17.66 -23.98
CA GLN D 153 -2.50 19.08 -23.64
C GLN D 153 -1.02 19.43 -23.73
N ILE D 154 -0.57 19.68 -24.96
CA ILE D 154 0.84 19.94 -25.20
C ILE D 154 1.29 21.19 -24.46
N VAL D 155 0.50 22.26 -24.49
CA VAL D 155 0.87 23.49 -23.80
C VAL D 155 0.92 23.25 -22.30
N VAL D 156 -0.02 22.46 -21.76
CA VAL D 156 -0.02 22.19 -20.33
C VAL D 156 1.20 21.38 -19.92
N ILE D 157 1.46 20.28 -20.63
CA ILE D 157 2.53 19.37 -20.20
C ILE D 157 3.90 20.01 -20.39
N LEU D 158 4.06 20.81 -21.44
CA LEU D 158 5.33 21.49 -21.63
C LEU D 158 5.59 22.51 -20.52
N SER D 159 4.56 23.24 -20.12
CA SER D 159 4.72 24.19 -19.01
C SER D 159 4.96 23.46 -17.69
N GLU D 160 4.28 22.32 -17.48
CA GLU D 160 4.54 21.52 -16.29
C GLU D 160 5.96 20.99 -16.28
N PHE D 161 6.47 20.56 -17.44
CA PHE D 161 7.84 20.09 -17.51
C PHE D 161 8.83 21.21 -17.21
N PHE D 162 8.60 22.40 -17.78
CA PHE D 162 9.48 23.52 -17.48
C PHE D 162 9.41 23.91 -16.01
N ASN D 163 8.20 23.89 -15.44
CA ASN D 163 8.07 24.17 -14.02
C ASN D 163 8.77 23.12 -13.17
N THR D 164 8.63 21.83 -13.54
CA THR D 164 9.28 20.77 -12.78
C THR D 164 10.80 20.90 -12.85
N THR D 165 11.33 21.19 -14.04
CA THR D 165 12.77 21.38 -14.18
C THR D 165 13.25 22.56 -13.34
N TRP D 166 12.49 23.66 -13.34
CA TRP D 166 12.86 24.82 -12.54
C TRP D 166 12.82 24.51 -11.05
N GLN D 167 11.84 23.72 -10.62
CA GLN D 167 11.71 23.41 -9.20
C GLN D 167 12.83 22.48 -8.73
N GLU D 168 13.09 21.41 -9.48
CA GLU D 168 14.14 20.46 -9.08
C GLU D 168 15.51 21.12 -9.12
N ALA D 169 15.76 21.98 -10.11
CA ALA D 169 17.02 22.69 -10.17
C ALA D 169 17.16 23.73 -9.06
N ASN D 170 16.08 24.03 -8.33
CA ASN D 170 16.09 25.00 -7.23
C ASN D 170 16.62 26.35 -7.70
N CYS D 171 16.22 26.76 -8.91
CA CYS D 171 16.69 28.02 -9.46
C CYS D 171 16.10 29.22 -8.73
N ALA D 172 15.02 29.03 -7.96
CA ALA D 172 14.51 30.12 -7.13
C ALA D 172 15.51 30.51 -6.06
N ASN D 173 16.21 29.52 -5.48
CA ASN D 173 17.23 29.80 -4.50
C ASN D 173 18.40 30.58 -5.10
N CYS D 174 18.65 30.42 -6.39
CA CYS D 174 19.76 31.11 -7.03
C CYS D 174 19.46 32.60 -7.22
N LEU D 175 18.19 32.95 -7.42
CA LEU D 175 17.79 34.32 -7.65
C LEU D 175 17.22 34.93 -6.38
N THR D 176 17.04 36.25 -6.40
CA THR D 176 16.48 36.95 -5.27
C THR D 176 15.00 36.60 -5.10
N ASN D 177 14.42 37.08 -4.00
CA ASN D 177 13.00 36.89 -3.78
C ASN D 177 12.17 37.58 -4.84
N ASN D 178 12.69 38.67 -5.41
CA ASN D 178 12.03 39.33 -6.53
C ASN D 178 12.19 38.57 -7.83
N SER D 179 13.13 37.61 -7.88
CA SER D 179 13.36 36.77 -9.06
C SER D 179 13.61 37.60 -10.31
N GLU D 180 14.44 38.64 -10.16
CA GLU D 180 14.84 39.49 -11.26
C GLU D 180 16.32 39.45 -11.58
N GLU D 181 17.15 38.99 -10.65
CA GLU D 181 18.58 38.84 -10.89
C GLU D 181 19.15 37.87 -9.88
N LEU D 182 20.42 37.54 -10.04
CA LEU D 182 21.08 36.64 -9.12
C LEU D 182 21.25 37.29 -7.75
N SER D 183 21.04 36.51 -6.70
CA SER D 183 21.21 37.02 -5.35
C SER D 183 22.67 37.32 -5.06
N ASN D 184 22.90 38.18 -4.06
CA ASN D 184 24.26 38.57 -3.72
C ASN D 184 25.08 37.39 -3.25
N SER D 185 24.48 36.48 -2.47
CA SER D 185 25.21 35.31 -2.01
C SER D 185 25.62 34.42 -3.18
N THR D 186 24.73 34.23 -4.15
CA THR D 186 25.08 33.45 -5.33
C THR D 186 26.15 34.13 -6.15
N VAL D 187 26.05 35.45 -6.32
CA VAL D 187 27.08 36.19 -7.06
C VAL D 187 28.41 36.12 -6.32
N TYR D 188 28.37 36.19 -5.00
CA TYR D 188 29.60 36.08 -4.22
C TYR D 188 30.24 34.72 -4.38
N PHE D 189 29.43 33.66 -4.39
CA PHE D 189 29.96 32.31 -4.60
C PHE D 189 30.55 32.14 -5.99
N LEU D 190 29.89 32.71 -7.01
CA LEU D 190 30.34 32.51 -8.39
C LEU D 190 31.72 33.09 -8.62
N ASN D 191 31.98 34.30 -8.12
CA ASN D 191 33.31 34.88 -8.29
C ASN D 191 34.34 34.18 -7.41
N LEU D 192 33.94 33.69 -6.23
CA LEU D 192 34.83 32.86 -5.43
C LEU D 192 35.18 31.58 -6.16
N PHE D 193 34.20 30.98 -6.85
CA PHE D 193 34.46 29.81 -7.66
C PHE D 193 35.43 30.15 -8.79
N ASN D 194 35.28 31.32 -9.39
CA ASN D 194 36.23 31.74 -10.42
C ASN D 194 37.63 31.92 -9.83
N HIS D 195 37.72 32.53 -8.65
CA HIS D 195 39.01 32.74 -8.01
C HIS D 195 39.65 31.41 -7.62
N THR D 196 38.85 30.47 -7.11
CA THR D 196 39.38 29.16 -6.77
C THR D 196 39.94 28.45 -8.00
N LEU D 197 39.23 28.53 -9.12
CA LEU D 197 39.76 27.98 -10.36
C LEU D 197 40.94 28.78 -10.87
N THR D 198 41.00 30.08 -10.53
CA THR D 198 42.15 30.89 -10.92
C THR D 198 43.42 30.44 -10.22
N CYS D 199 43.31 29.99 -8.96
CA CYS D 199 44.44 29.35 -8.30
C CYS D 199 45.01 28.20 -9.11
N PHE D 200 44.14 27.27 -9.51
CA PHE D 200 44.61 25.98 -10.00
C PHE D 200 45.42 26.14 -11.29
N GLU D 201 45.01 27.05 -12.18
CA GLU D 201 45.76 27.28 -13.39
C GLU D 201 47.15 27.82 -13.11
N HIS D 202 47.27 28.74 -12.16
CA HIS D 202 48.57 29.33 -11.83
C HIS D 202 49.53 28.28 -11.27
N ASN D 203 49.03 27.40 -10.41
CA ASN D 203 49.86 26.43 -9.72
C ASN D 203 49.95 25.09 -10.44
N LEU D 204 49.33 24.96 -11.62
CA LEU D 204 49.46 23.72 -12.37
C LEU D 204 50.90 23.49 -12.82
N GLN D 205 51.57 24.54 -13.27
CA GLN D 205 52.96 24.43 -13.70
C GLN D 205 53.76 25.66 -13.30
N TYR D 217 51.53 18.00 -8.76
CA TYR D 217 50.34 18.64 -8.20
C TYR D 217 50.62 19.14 -6.78
N SER D 218 51.90 19.06 -6.38
CA SER D 218 52.28 19.46 -5.03
C SER D 218 52.05 20.95 -4.81
N GLU D 219 52.31 21.76 -5.84
CA GLU D 219 52.19 23.21 -5.68
C GLU D 219 50.75 23.63 -5.39
N VAL D 220 49.79 22.97 -6.03
CA VAL D 220 48.39 23.36 -5.88
C VAL D 220 47.93 23.20 -4.43
N CYS D 221 48.30 22.07 -3.81
CA CYS D 221 47.79 21.75 -2.48
C CYS D 221 48.32 22.69 -1.41
N LYS D 222 49.43 23.37 -1.65
CA LYS D 222 50.10 24.16 -0.61
C LYS D 222 50.33 25.60 -1.03
N ASN D 223 49.50 26.14 -1.92
CA ASN D 223 49.62 27.52 -2.37
C ASN D 223 48.48 28.39 -1.87
N CYS D 224 47.25 28.01 -2.19
CA CYS D 224 46.06 28.73 -1.73
C CYS D 224 44.99 27.75 -1.29
N ARG D 225 45.39 26.79 -0.44
CA ARG D 225 44.44 25.87 0.16
C ARG D 225 43.33 26.61 0.88
N GLU D 226 43.64 27.77 1.48
CA GLU D 226 42.62 28.56 2.14
C GLU D 226 41.57 29.07 1.17
N ALA D 227 41.93 29.26 -0.10
CA ALA D 227 40.94 29.65 -1.09
C ALA D 227 39.88 28.57 -1.28
N TYR D 228 40.31 27.30 -1.29
CA TYR D 228 39.34 26.21 -1.29
C TYR D 228 38.60 26.12 0.03
N LYS D 229 39.29 26.39 1.14
CA LYS D 229 38.65 26.30 2.45
C LYS D 229 37.56 27.34 2.62
N THR D 230 37.82 28.57 2.17
CA THR D 230 36.80 29.62 2.30
C THR D 230 35.63 29.39 1.36
N LEU D 231 35.88 28.78 0.19
CA LEU D 231 34.79 28.42 -0.71
C LEU D 231 33.91 27.36 -0.08
N SER D 232 34.52 26.35 0.56
CA SER D 232 33.75 25.30 1.20
C SER D 232 33.01 25.83 2.43
N SER D 233 33.62 26.78 3.14
CA SER D 233 32.96 27.39 4.28
C SER D 233 31.71 28.16 3.84
N LEU D 234 31.83 28.92 2.75
CA LEU D 234 30.67 29.64 2.22
C LEU D 234 29.58 28.69 1.77
N TYR D 235 29.95 27.61 1.08
CA TYR D 235 28.97 26.66 0.58
C TYR D 235 28.23 25.99 1.73
N SER D 236 28.95 25.62 2.79
CA SER D 236 28.28 25.12 3.98
C SER D 236 27.45 26.21 4.65
N GLU D 237 27.96 27.44 4.66
CA GLU D 237 27.20 28.56 5.21
C GLU D 237 25.92 28.80 4.42
N MET D 238 26.01 28.77 3.09
CA MET D 238 24.83 28.94 2.26
C MET D 238 23.86 27.78 2.41
N GLN D 239 24.36 26.59 2.73
CA GLN D 239 23.48 25.45 2.96
C GLN D 239 22.59 25.68 4.18
N LYS D 240 23.19 26.03 5.32
CA LYS D 240 22.40 26.22 6.54
C LYS D 240 21.52 27.46 6.42
N MET D 241 21.99 28.48 5.70
CA MET D 241 21.16 29.66 5.47
C MET D 241 19.95 29.31 4.62
N ASN D 242 20.13 28.43 3.63
CA ASN D 242 19.02 28.01 2.79
C ASN D 242 17.96 27.28 3.61
N GLU D 243 18.38 26.39 4.51
CA GLU D 243 17.43 25.66 5.34
C GLU D 243 16.66 26.62 6.25
N LEU D 244 17.35 27.60 6.82
CA LEU D 244 16.71 28.56 7.72
C LEU D 244 15.90 29.61 6.97
N GLU D 245 16.06 29.71 5.65
CA GLU D 245 15.34 30.73 4.89
C GLU D 245 13.96 30.25 4.45
N ASN D 246 13.90 29.10 3.78
CA ASN D 246 12.64 28.56 3.29
C ASN D 246 12.08 27.48 4.21
N LYS D 247 12.66 27.29 5.39
CA LYS D 247 12.18 26.31 6.37
C LYS D 247 12.20 24.90 5.81
N ALA D 248 13.16 24.58 4.95
CA ALA D 248 13.33 23.22 4.49
C ALA D 248 13.82 22.34 5.63
N GLU D 249 13.21 21.16 5.78
CA GLU D 249 13.56 20.30 6.90
C GLU D 249 15.01 19.82 6.83
N PRO D 250 15.47 19.20 5.75
CA PRO D 250 16.90 18.87 5.65
C PRO D 250 17.66 19.90 4.83
N GLY D 251 18.98 19.82 4.95
CA GLY D 251 19.85 20.54 4.04
C GLY D 251 20.33 19.59 2.95
N THR D 252 19.70 19.65 1.78
CA THR D 252 19.93 18.69 0.72
C THR D 252 20.35 19.33 -0.60
N HIS D 253 19.55 20.24 -1.13
CA HIS D 253 19.68 20.67 -2.52
C HIS D 253 19.64 22.18 -2.60
N LEU D 254 20.73 22.77 -3.07
CA LEU D 254 20.81 24.20 -3.35
C LEU D 254 20.54 24.45 -4.83
N CYS D 255 20.76 25.68 -5.27
CA CYS D 255 20.69 25.99 -6.70
C CYS D 255 21.72 25.16 -7.44
N ILE D 256 21.29 24.56 -8.56
CA ILE D 256 22.13 23.59 -9.26
C ILE D 256 23.40 24.24 -9.79
N ASP D 257 23.37 25.56 -10.05
CA ASP D 257 24.59 26.25 -10.44
C ASP D 257 25.62 26.20 -9.32
N VAL D 258 25.18 26.41 -8.07
CA VAL D 258 26.09 26.40 -6.94
C VAL D 258 26.58 24.99 -6.66
N GLU D 259 25.67 24.01 -6.67
CA GLU D 259 26.05 22.63 -6.39
C GLU D 259 27.03 22.10 -7.41
N ASP D 260 26.80 22.39 -8.69
CA ASP D 260 27.74 21.94 -9.72
C ASP D 260 29.07 22.66 -9.61
N ALA D 261 29.05 23.94 -9.23
CA ALA D 261 30.31 24.69 -9.08
C ALA D 261 31.15 24.11 -7.96
N MET D 262 30.51 23.74 -6.84
CA MET D 262 31.26 23.16 -5.74
C MET D 262 31.70 21.73 -6.04
N ASN D 263 30.84 20.95 -6.69
CA ASN D 263 31.21 19.58 -7.01
C ASN D 263 32.38 19.52 -8.00
N ILE D 264 32.44 20.48 -8.92
CA ILE D 264 33.61 20.58 -9.80
C ILE D 264 34.86 20.86 -8.98
N THR D 265 34.76 21.80 -8.02
CA THR D 265 35.90 22.11 -7.17
C THR D 265 36.29 20.93 -6.30
N ARG D 266 35.30 20.26 -5.70
CA ARG D 266 35.60 19.12 -4.83
C ARG D 266 36.22 17.97 -5.61
N LYS D 267 35.68 17.68 -6.80
CA LYS D 267 36.25 16.63 -7.62
C LYS D 267 37.67 16.97 -8.06
N LEU D 268 37.91 18.24 -8.40
CA LEU D 268 39.26 18.67 -8.75
C LEU D 268 40.20 18.57 -7.56
N TRP D 269 39.73 18.96 -6.38
CA TRP D 269 40.58 19.04 -5.20
C TRP D 269 40.87 17.66 -4.61
N SER D 270 39.98 16.69 -4.80
CA SER D 270 40.12 15.38 -4.19
C SER D 270 40.44 14.27 -5.18
N ARG D 271 39.76 14.21 -6.32
CA ARG D 271 39.97 13.15 -7.27
C ARG D 271 41.10 13.46 -8.25
N THR D 272 41.09 14.65 -8.87
CA THR D 272 42.14 15.00 -9.80
C THR D 272 43.42 15.37 -9.06
N PHE D 273 43.34 16.35 -8.17
CA PHE D 273 44.44 16.63 -7.26
C PHE D 273 44.30 15.77 -6.01
N ASN D 274 45.44 15.41 -5.43
CA ASN D 274 45.48 14.70 -4.15
C ASN D 274 45.97 15.69 -3.11
N CYS D 275 45.04 16.48 -2.57
CA CYS D 275 45.38 17.56 -1.65
C CYS D 275 44.77 17.40 -0.27
N SER D 276 43.72 16.59 -0.11
CA SER D 276 43.11 16.39 1.20
C SER D 276 44.05 15.57 2.08
N VAL D 277 44.44 16.14 3.22
CA VAL D 277 45.39 15.50 4.12
C VAL D 277 44.82 15.49 5.53
N PRO D 278 43.99 14.51 5.88
CA PRO D 278 43.46 14.45 7.25
C PRO D 278 44.48 13.87 8.22
N CYS D 279 44.48 14.41 9.44
CA CYS D 279 45.42 13.97 10.46
C CYS D 279 44.91 12.67 11.06
N SER D 280 45.57 11.56 10.72
CA SER D 280 45.16 10.23 11.16
C SER D 280 46.11 9.77 12.27
N ASP D 281 45.58 9.65 13.48
CA ASP D 281 46.34 9.13 14.62
C ASP D 281 45.98 7.67 14.80
N THR D 282 46.52 6.83 13.93
CA THR D 282 46.19 5.41 13.96
C THR D 282 46.70 4.76 15.24
N VAL D 283 47.92 5.08 15.65
CA VAL D 283 48.48 4.47 16.87
C VAL D 283 47.69 4.86 18.12
N PRO D 284 47.40 6.13 18.39
CA PRO D 284 46.55 6.42 19.57
C PRO D 284 45.17 5.80 19.49
N VAL D 285 44.59 5.71 18.28
CA VAL D 285 43.28 5.08 18.14
C VAL D 285 43.36 3.59 18.47
N ILE D 286 44.41 2.92 17.99
CA ILE D 286 44.57 1.49 18.27
C ILE D 286 44.77 1.26 19.76
N ALA D 287 45.61 2.07 20.39
CA ALA D 287 45.91 1.88 21.81
C ALA D 287 44.67 2.06 22.67
N VAL D 288 43.87 3.10 22.39
CA VAL D 288 42.67 3.33 23.18
C VAL D 288 41.63 2.25 22.89
N SER D 289 41.43 1.90 21.62
CA SER D 289 40.44 0.90 21.27
C SER D 289 40.79 -0.47 21.83
N VAL D 290 42.07 -0.83 21.77
CA VAL D 290 42.50 -2.13 22.31
C VAL D 290 42.29 -2.15 23.83
N PHE D 291 42.63 -1.05 24.51
CA PHE D 291 42.47 -1.00 25.95
C PHE D 291 41.00 -1.16 26.36
N ILE D 292 40.09 -0.49 25.65
CA ILE D 292 38.68 -0.61 25.97
C ILE D 292 38.17 -2.01 25.65
N LEU D 293 38.58 -2.56 24.51
CA LEU D 293 38.14 -3.91 24.14
C LEU D 293 38.72 -4.97 25.06
N PHE D 294 39.81 -4.67 25.75
CA PHE D 294 40.41 -5.61 26.70
C PHE D 294 39.77 -5.54 28.08
N LEU D 295 38.96 -4.51 28.34
CA LEU D 295 38.27 -4.42 29.63
C LEU D 295 37.28 -5.55 29.86
N PRO D 296 36.39 -5.91 28.92
CA PRO D 296 35.47 -7.03 29.20
C PRO D 296 36.19 -8.34 29.46
N VAL D 297 37.35 -8.56 28.85
CA VAL D 297 38.11 -9.77 29.14
C VAL D 297 38.55 -9.78 30.60
N VAL D 298 39.02 -8.64 31.10
CA VAL D 298 39.41 -8.56 32.51
C VAL D 298 38.19 -8.74 33.41
N PHE D 299 37.09 -8.07 33.08
CA PHE D 299 35.91 -8.12 33.94
C PHE D 299 35.34 -9.52 34.03
N TYR D 300 35.25 -10.22 32.90
CA TYR D 300 34.69 -11.56 32.91
C TYR D 300 35.62 -12.55 33.58
N LEU D 301 36.94 -12.37 33.40
CA LEU D 301 37.89 -13.27 34.06
C LEU D 301 37.99 -12.98 35.55
N SER D 302 38.01 -11.71 35.94
CA SER D 302 38.11 -11.37 37.35
C SER D 302 36.88 -11.85 38.11
N SER D 303 35.68 -11.68 37.54
CA SER D 303 34.48 -12.17 38.20
C SER D 303 34.49 -13.68 38.29
N PHE D 304 34.98 -14.36 37.25
CA PHE D 304 35.07 -15.82 37.29
C PHE D 304 36.03 -16.28 38.37
N LEU D 305 37.18 -15.62 38.50
CA LEU D 305 38.16 -16.02 39.50
C LEU D 305 37.76 -15.59 40.91
N HIS D 306 37.02 -14.48 41.03
CA HIS D 306 36.60 -14.04 42.36
C HIS D 306 35.55 -14.99 42.94
N SER D 307 34.62 -15.44 42.12
CA SER D 307 33.62 -16.39 42.59
C SER D 307 34.26 -17.70 43.03
N GLU D 308 35.23 -18.17 42.25
CA GLU D 308 36.04 -19.32 42.68
C GLU D 308 36.83 -18.93 43.93
N GLN D 309 36.94 -19.88 44.87
CA GLN D 309 37.56 -19.68 46.18
C GLN D 309 36.84 -18.63 47.02
N LYS D 310 35.63 -18.23 46.62
CA LYS D 310 34.84 -17.22 47.33
C LYS D 310 35.63 -15.92 47.54
C1 NAG E . -12.30 16.39 -27.19
C2 NAG E . -11.37 15.78 -26.14
C3 NAG E . -11.88 16.07 -24.74
C4 NAG E . -12.12 17.57 -24.55
C5 NAG E . -13.02 18.09 -25.67
C6 NAG E . -13.20 19.59 -25.62
C7 NAG E . -10.32 13.82 -27.17
C8 NAG E . -10.30 12.32 -27.25
N2 NAG E . -11.21 14.34 -26.34
O3 NAG E . -10.93 15.61 -23.78
O4 NAG E . -12.73 17.81 -23.30
O5 NAG E . -12.45 17.78 -26.95
O6 NAG E . -13.41 20.13 -26.92
O7 NAG E . -9.56 14.51 -27.83
C1 NAG E . -11.78 18.46 -22.44
C2 NAG E . -12.49 18.92 -21.17
C3 NAG E . -11.49 19.57 -20.21
C4 NAG E . -10.32 18.63 -19.94
C5 NAG E . -9.71 18.16 -21.26
C6 NAG E . -8.63 17.12 -21.08
C7 NAG E . -13.46 20.99 -22.14
C8 NAG E . -14.72 21.76 -22.34
N2 NAG E . -13.59 19.83 -21.48
O3 NAG E . -12.15 19.89 -18.99
O4 NAG E . -9.34 19.30 -19.17
O5 NAG E . -10.71 17.57 -22.09
O6 NAG E . -9.19 15.83 -20.88
O7 NAG E . -12.38 21.39 -22.55
C1 BMA E . -9.25 18.69 -17.86
C2 BMA E . -7.90 17.99 -17.76
C3 BMA E . -7.74 17.31 -16.40
C4 BMA E . -8.13 18.25 -15.22
C5 BMA E . -9.43 19.05 -15.51
C6 BMA E . -9.67 20.15 -14.48
O2 BMA E . -6.85 18.94 -17.87
O3 BMA E . -6.42 16.70 -16.27
O4 BMA E . -8.36 17.49 -14.04
O5 BMA E . -9.35 19.65 -16.82
O6 BMA E . -10.12 21.33 -15.15
C1 MAN E . -5.57 17.28 -15.25
C2 MAN E . -4.49 18.16 -15.92
C3 MAN E . -3.48 17.29 -16.67
C4 MAN E . -2.95 16.17 -15.77
C5 MAN E . -4.12 15.36 -15.23
C6 MAN E . -3.69 14.23 -14.29
O2 MAN E . -3.73 18.88 -14.95
O3 MAN E . -2.40 18.06 -17.18
O4 MAN E . -2.09 15.32 -16.53
O5 MAN E . -4.99 16.24 -14.48
O6 MAN E . -2.73 13.44 -14.97
C1 MAN E . -10.90 22.10 -14.23
C2 MAN E . -11.66 23.21 -15.03
C3 MAN E . -10.73 24.37 -15.40
C4 MAN E . -9.92 24.84 -14.19
C5 MAN E . -9.13 23.66 -13.63
C6 MAN E . -8.28 24.04 -12.43
O2 MAN E . -12.70 23.79 -14.25
O3 MAN E . -11.45 25.46 -15.97
O4 MAN E . -9.02 25.87 -14.58
O5 MAN E . -10.06 22.65 -13.20
O6 MAN E . -7.62 25.26 -12.72
C1 NAG F . 28.87 15.51 -9.13
C2 NAG F . 27.43 15.06 -8.92
C3 NAG F . 27.34 13.54 -8.91
C4 NAG F . 27.98 12.96 -10.16
C5 NAG F . 29.40 13.49 -10.33
C6 NAG F . 30.06 13.06 -11.61
C7 NAG F . 26.18 16.75 -7.67
C8 NAG F . 25.68 17.17 -6.32
N2 NAG F . 26.88 15.61 -7.71
O3 NAG F . 25.98 13.14 -8.83
O4 NAG F . 28.03 11.54 -10.07
O5 NAG F . 29.38 14.93 -10.33
O6 NAG F . 30.80 11.86 -11.44
O7 NAG F . 25.96 17.41 -8.68
C1 NAG F . 27.09 10.98 -11.01
C2 NAG F . 27.18 9.45 -10.91
C3 NAG F . 26.17 8.80 -11.85
C4 NAG F . 24.77 9.34 -11.57
C5 NAG F . 24.77 10.87 -11.63
C6 NAG F . 23.45 11.48 -11.24
C7 NAG F . 29.21 9.20 -12.31
C8 NAG F . 30.58 8.62 -12.38
N2 NAG F . 28.53 8.97 -11.17
O3 NAG F . 26.19 7.39 -11.67
O4 NAG F . 23.85 8.81 -12.52
O5 NAG F . 25.75 11.39 -10.72
O6 NAG F . 23.02 11.01 -9.96
O7 NAG F . 28.73 9.85 -13.24
C1 BMA F . 22.82 8.07 -11.82
C2 BMA F . 21.46 8.64 -12.26
C3 BMA F . 20.34 7.91 -11.52
C4 BMA F . 20.48 6.36 -11.64
C5 BMA F . 21.93 5.92 -11.33
C6 BMA F . 22.16 4.44 -11.60
O2 BMA F . 21.26 8.41 -13.65
O3 BMA F . 19.03 8.42 -11.88
O4 BMA F . 19.61 5.71 -10.73
O5 BMA F . 22.86 6.68 -12.12
O6 BMA F . 22.11 4.25 -13.01
C1 MAN F . 18.27 7.55 -12.77
C2 MAN F . 18.10 8.28 -14.13
C3 MAN F . 17.19 9.48 -13.98
C4 MAN F . 15.88 9.10 -13.28
C5 MAN F . 16.20 8.42 -11.93
C6 MAN F . 14.95 7.96 -11.19
O2 MAN F . 17.47 7.43 -15.08
O3 MAN F . 16.91 10.10 -15.23
O4 MAN F . 15.10 10.25 -13.04
O5 MAN F . 17.02 7.27 -12.18
O6 MAN F . 14.12 9.08 -10.97
C1 MAN F . 22.82 3.03 -13.34
C2 MAN F . 24.33 3.31 -13.17
C3 MAN F . 24.83 4.20 -14.30
C4 MAN F . 24.41 3.64 -15.66
C5 MAN F . 22.89 3.50 -15.70
C6 MAN F . 22.37 2.93 -17.01
O2 MAN F . 25.10 2.11 -13.25
O3 MAN F . 26.25 4.36 -14.25
O4 MAN F . 24.82 4.52 -16.70
O5 MAN F . 22.49 2.60 -14.65
O6 MAN F . 22.95 3.68 -18.07
CL CL G . -21.23 -11.84 -1.84
CL CL H . -23.24 -13.23 1.69
CL CL I . -28.46 -19.72 3.62
CAA Y01 J . -38.94 0.41 -8.61
CBA Y01 J . -38.44 0.13 -7.20
CAB Y01 J . -38.26 1.43 -6.42
CAN Y01 J . -37.16 -0.69 -7.19
CAJ Y01 J . -37.27 -2.11 -7.74
CAO Y01 J . -37.81 -3.09 -6.70
CBB Y01 J . -39.30 -3.42 -6.86
CAC Y01 J . -39.62 -3.67 -8.34
CBE Y01 J . -39.72 -4.57 -5.92
CAP Y01 J . -39.04 -4.44 -4.53
CAQ Y01 J . -40.03 -5.01 -3.49
CBG Y01 J . -41.14 -5.63 -4.33
CBI Y01 J . -41.21 -4.76 -5.59
CAE Y01 J . -41.85 -3.39 -5.31
CAU Y01 J . -42.04 -5.58 -6.57
CAS Y01 J . -43.44 -5.86 -6.04
CBF Y01 J . -43.49 -6.49 -4.65
CBD Y01 J . -42.49 -5.86 -3.67
CAK Y01 J . -42.38 -6.75 -2.44
CAI Y01 J . -43.73 -7.13 -1.92
CAZ Y01 J . -44.87 -6.92 -2.59
CAV Y01 J . -46.20 -7.08 -1.90
CBH Y01 J . -44.92 -6.46 -4.04
CAD Y01 J . -45.52 -5.06 -4.10
CAT Y01 J . -45.83 -7.46 -4.78
CAR Y01 J . -47.22 -7.56 -4.16
CBC Y01 J . -47.16 -7.97 -2.70
OAW Y01 J . -48.49 -7.84 -2.19
CAY Y01 J . -48.81 -8.38 -1.01
OAG Y01 J . -48.05 -9.01 -0.33
CAM Y01 J . -50.25 -8.10 -0.67
CAL Y01 J . -50.64 -8.60 0.70
CAX Y01 J . -52.11 -8.36 1.08
OAH Y01 J . -52.40 -8.53 2.28
OAF Y01 J . -52.89 -8.00 0.17
CAA Y01 K . -46.08 -2.18 -11.57
CBA Y01 K . -46.28 -0.86 -12.31
CAB Y01 K . -47.40 -0.99 -13.33
CAN Y01 K . -45.00 -0.39 -12.99
CAJ Y01 K . -44.99 1.07 -13.43
CAO Y01 K . -43.72 1.45 -14.17
CBB Y01 K . -43.57 2.95 -14.49
CAC Y01 K . -43.51 3.74 -13.18
CBE Y01 K . -42.36 3.20 -15.40
CAP Y01 K . -42.10 2.02 -16.37
CAQ Y01 K . -41.52 2.60 -17.67
CBG Y01 K . -41.24 4.06 -17.31
CBI Y01 K . -42.38 4.43 -16.35
CAE Y01 K . -43.74 4.51 -17.06
CAU Y01 K . -42.00 5.77 -15.73
CAS Y01 K . -41.78 6.84 -16.81
CBF Y01 K . -40.75 6.45 -17.86
CBD Y01 K . -41.00 5.05 -18.43
CAK Y01 K . -39.79 4.63 -19.28
CAI Y01 K . -39.31 5.72 -20.17
CAZ Y01 K . -39.73 6.98 -20.10
CAV Y01 K . -39.33 7.98 -21.17
CBH Y01 K . -40.63 7.50 -19.00
CAD Y01 K . -41.99 7.86 -19.60
CAT Y01 K . -39.96 8.78 -18.44
CAR Y01 K . -39.66 9.83 -19.50
CBC Y01 K . -38.76 9.26 -20.58
OAW Y01 K . -38.66 10.27 -21.61
CAY Y01 K . -38.04 9.98 -22.74
OAG Y01 K . -38.62 9.82 -23.79
CAM Y01 K . -36.55 9.89 -22.55
CAL Y01 K . -35.89 8.81 -23.38
CAX Y01 K . -34.90 9.33 -24.43
OAH Y01 K . -35.40 9.86 -25.44
OAF Y01 K . -33.68 9.18 -24.20
CAA Y01 L . -26.56 -23.95 -18.91
CBA Y01 L . -25.09 -23.96 -18.52
CAB Y01 L . -24.29 -23.04 -19.45
CAN Y01 L . -24.50 -25.37 -18.53
CAJ Y01 L . -25.10 -26.34 -17.52
CAO Y01 L . -24.25 -26.44 -16.25
CBB Y01 L . -25.00 -26.99 -15.02
CAC Y01 L . -26.38 -26.33 -14.93
CBE Y01 L . -25.04 -28.52 -15.04
CAP Y01 L . -23.70 -29.13 -15.51
CAQ Y01 L . -23.43 -30.39 -14.67
CBG Y01 L . -24.80 -30.68 -14.06
CBI Y01 L . -25.36 -29.28 -13.73
CAE Y01 L . -24.61 -28.63 -12.56
CAU Y01 L . -26.83 -29.50 -13.39
CAS Y01 L . -27.01 -30.48 -12.24
CBF Y01 L . -26.34 -31.83 -12.47
CBD Y01 L . -24.88 -31.68 -12.92
CAK Y01 L . -24.33 -33.04 -13.36
CAI Y01 L . -24.74 -34.16 -12.45
CAZ Y01 L . -25.70 -34.07 -11.53
CAV Y01 L . -25.96 -35.23 -10.59
CBH Y01 L . -26.48 -32.80 -11.28
CAD Y01 L . -25.97 -32.17 -9.97
CAT Y01 L . -27.97 -33.18 -11.13
CAR Y01 L . -28.22 -34.28 -10.09
CBC Y01 L . -27.45 -35.53 -10.46
OAW Y01 L . -27.68 -36.47 -9.40
CAY Y01 L . -28.43 -37.55 -9.63
OAG Y01 L . -28.21 -38.33 -10.52
CAM Y01 L . -29.57 -37.64 -8.65
CAL Y01 L . -30.66 -36.62 -8.88
CAX Y01 L . -31.89 -36.76 -7.95
OAH Y01 L . -32.51 -37.84 -8.04
OAF Y01 L . -32.16 -35.80 -7.19
CL CL M . 12.54 -4.46 20.21
CL CL N . 11.70 -7.77 22.29
CL CL O . 12.68 -10.48 30.33
CAA Y01 P . 33.32 -9.99 15.90
CBA Y01 P . 33.36 -9.69 17.39
CAB Y01 P . 33.64 -10.97 18.17
CAN Y01 P . 32.05 -9.04 17.88
CAJ Y01 P . 32.15 -8.22 19.17
CAO Y01 P . 31.59 -8.97 20.37
CBB Y01 P . 32.65 -9.39 21.41
CAC Y01 P . 33.45 -8.16 21.83
CBE Y01 P . 32.02 -10.15 22.57
CAP Y01 P . 30.89 -11.11 22.10
CAQ Y01 P . 30.88 -12.32 23.06
CBG Y01 P . 31.87 -11.94 24.15
CBI Y01 P . 32.92 -11.06 23.44
CAE Y01 P . 33.83 -11.90 22.53
CAU Y01 P . 33.70 -10.40 24.58
CAS Y01 P . 34.39 -11.43 25.47
CBF Y01 P . 33.44 -12.51 26.04
CBD Y01 P . 32.47 -13.06 24.99
CAK Y01 P . 31.39 -13.87 25.70
CAI Y01 P . 31.97 -14.79 26.72
CAZ Y01 P . 33.23 -14.74 27.15
CAV Y01 P . 33.76 -15.83 28.04
CBH Y01 P . 34.21 -13.66 26.73
CAD Y01 P . 35.26 -14.28 25.79
CAT Y01 P . 34.91 -13.14 28.01
CAR Y01 P . 35.54 -14.23 28.85
CBC Y01 P . 34.49 -15.25 29.26
OAW Y01 P . 35.13 -16.27 30.04
CAY Y01 P . 36.04 -17.13 29.56
OAG Y01 P . 36.53 -17.08 28.45
CAM Y01 P . 36.38 -18.17 30.59
CAL Y01 P . 35.19 -19.03 30.98
CAX Y01 P . 35.56 -20.27 31.81
OAH Y01 P . 34.62 -21.05 32.07
OAF Y01 P . 36.75 -20.41 32.14
CAA Y01 Q . 40.65 -8.35 23.48
CBA Y01 Q . 41.64 -8.07 22.36
CAB Y01 Q . 42.92 -7.47 22.92
CAN Y01 Q . 41.05 -7.14 21.30
CAJ Y01 Q . 41.85 -7.04 20.01
CAO Y01 Q . 41.22 -6.06 19.02
CBB Y01 Q . 41.93 -5.96 17.66
CAC Y01 Q . 41.72 -7.25 16.87
CBE Y01 Q . 41.47 -4.69 16.92
CAP Y01 Q . 41.22 -3.51 17.89
CAQ Y01 Q . 41.65 -2.22 17.18
CBG Y01 Q . 41.79 -2.67 15.73
CBI Y01 Q . 42.39 -4.08 15.83
CAE Y01 Q . 43.84 -4.07 16.32
CAU Y01 Q . 42.28 -4.68 14.43
CAS Y01 Q . 43.01 -3.81 13.38
CBF Y01 Q . 42.54 -2.36 13.35
CBD Y01 Q . 42.51 -1.74 14.76
CAK Y01 Q . 41.79 -0.39 14.69
CAI Y01 Q . 42.25 0.44 13.53
CAZ Y01 Q . 43.01 -0.02 12.55
CAV Y01 Q . 43.59 0.93 11.54
CBH Y01 Q . 43.36 -1.48 12.37
CAD Y01 Q . 44.88 -1.68 12.58
CAT Y01 Q . 43.00 -1.85 10.91
CAR Y01 Q . 43.68 -0.96 9.88
CBC Y01 Q . 43.31 0.50 10.10
OAW Y01 Q . 44.11 1.27 9.19
CAY Y01 Q . 43.51 2.09 8.34
OAG Y01 Q . 42.65 1.74 7.56
CAM Y01 Q . 44.04 3.49 8.47
CAL Y01 Q . 43.53 4.44 7.40
CAX Y01 Q . 42.03 4.75 7.48
OAH Y01 Q . 41.65 5.36 8.50
OAF Y01 Q . 41.30 4.38 6.54
CAA Y01 R . 13.22 10.37 30.24
CBA Y01 R . 14.37 11.25 30.72
CAB Y01 R . 14.78 12.25 29.63
CAN Y01 R . 15.58 10.42 31.16
CAJ Y01 R . 15.36 9.61 32.43
CAO Y01 R . 16.05 10.22 33.65
CBB Y01 R . 15.15 10.53 34.84
CAC Y01 R . 13.95 11.37 34.39
CBE Y01 R . 14.76 9.24 35.58
CAP Y01 R . 15.96 8.27 35.70
CAQ Y01 R . 15.86 7.56 37.06
CBG Y01 R . 14.45 7.89 37.52
CBI Y01 R . 14.21 9.33 37.04
CAE Y01 R . 15.03 10.36 37.83
CAU Y01 R . 12.71 9.57 37.21
CAS Y01 R . 12.27 9.39 38.66
CBF Y01 R . 12.66 8.04 39.28
CBD Y01 R . 14.11 7.66 38.98
CAK Y01 R . 14.33 6.20 39.36
CAI Y01 R . 13.79 5.91 40.72
CAZ Y01 R . 13.07 6.77 41.43
CAV Y01 R . 12.76 6.50 42.87
CBH Y01 R . 12.37 7.97 40.81
CAD Y01 R . 12.84 9.24 41.53
CAT Y01 R . 10.86 7.77 41.06
CAR Y01 R . 10.51 7.58 42.53
CBC Y01 R . 11.26 6.42 43.15
OAW Y01 R . 11.03 6.48 44.56
CAY Y01 R . 10.43 5.46 45.19
OAG Y01 R . 9.28 5.51 45.56
CAM Y01 R . 11.36 4.31 45.39
CAL Y01 R . 12.49 4.59 46.38
CAX Y01 R . 13.41 3.39 46.63
OAH Y01 R . 12.86 2.33 46.97
OAF Y01 R . 14.65 3.56 46.48
#